data_3CHX
#
_entry.id   3CHX
#
_cell.length_a   113.810
_cell.length_b   184.070
_cell.length_c   203.900
_cell.angle_alpha   90.000
_cell.angle_beta   90.000
_cell.angle_gamma   90.000
#
_symmetry.space_group_name_H-M   'P 21 21 21'
#
loop_
_entity.id
_entity.type
_entity.pdbx_description
1 polymer PmoB
2 polymer PmoA
3 polymer PmoC
4 polymer '20-residue peptide'
5 polymer '26-residue peptide'
6 non-polymer 'COPPER (II) ION'
#
loop_
_entity_poly.entity_id
_entity_poly.type
_entity_poly.pdbx_seq_one_letter_code
_entity_poly.pdbx_strand_id
1 'polypeptide(L)'
;HGEKSQQAFLRMRTLNWYDVKWSKTSLNVNESMVLSGKVHVFSAWPQAVANPKSSFLNAGEPGPVLVRTAQFIGEQFAPR
SVSLEVGKDYAFSIDLKARRAGRWHVHAQINVEGGGPIIGPGQWIEIKGDMADFKDPVTLLDGTTVDLETYGIDRIYAWH
FPWMIAAAAWILYWFFKKGIIASYLRISEGKDEEQIGDDDRRVGAIVLAVTILATIIGYAVTNSTFPRTIPLQAGLQKPL
TPIIEEGTAGVGPHVVTAELKGGVYKVPGRELTIQVKVTNKTDEPLKLGEYTAAGLRFLNPDVFTTKPEFPDYLLADRGL
STDPTPLAPGETKTIEVKVQDARWDIERLSDLAYDTDSQIGGLLMFFSPSGKRYATEIGGPVIPKFVAGDMP
;
A,E,I
2 'polypeptide(L)'
;MFTSKSGGAIGPFHSVAEAAGCVKTTDWMFLTLLFLAVLGGYHIHFMLTAGDWDFWVDWKDRRMWPTVVPILGVTFAAAA
QAFFWENFKLPFGATFAVSGLLIGEWINRYCNFWGWTYFPISLVFPSALVVPALWLDIIMLLSGSYVITAVVGSLGWGLL
FYPNNWPAIAALHQATEQHGQLMSLADLVGFHFVRTSMPEYIRMVERGTLRTFGKEVVPVAAFFSGFVSMMVYFLWWFVG
KWYSTTKVIQKI
;
B,F,J
3 'polypeptide(L)'
;MSVTTETTAGAAAGSDAIVDLRGMWVGVAGLNIFYLIVRIYEQIYGWRAGLDSFAPEFQTYWLSILWTEIPLELVSGLAL
AGWLWKTRDRNVDAVAPREELRRHVVLVEWLVVYAVAIYWGASFFTEQDGTWHMTVIRDTDFTPSHIIEFYMSYPIYSIM
AVGAFFYAKTRIPYFAHGFSLAFLIVAIGPFMIIPNVGLNEWGHTFWFMEELFVAPLHWGFVFFGWMALGVFGVVLQILM
GVKRLIGKDCVAALVG
;
C,G,K
4 'polypeptide(L)'
;(UNK)(UNK)(UNK)(UNK)(UNK)(UNK)(UNK)(UNK)(UNK)(UNK)(UNK)(UNK)(UNK)(UNK)(UNK)(UNK)
(UNK)(UNK)(UNK)(UNK)
;
D,H,L
5 'polypeptide(L)'
;(UNK)(UNK)(UNK)(UNK)(UNK)(UNK)(UNK)(UNK)(UNK)(UNK)(UNK)(UNK)(UNK)(UNK)(UNK)(UNK)
(UNK)(UNK)(UNK)(UNK)(UNK)(UNK)(UNK)(UNK)(UNK)(UNK)
;
M,N,O
#
loop_
_chem_comp.id
_chem_comp.type
_chem_comp.name
_chem_comp.formula
CU non-polymer 'COPPER (II) ION' 'Cu 2'
#
# COMPACT_ATOMS: atom_id res chain seq x y z
N HIS A 1 31.29 -17.95 -7.17
CA HIS A 1 30.79 -16.79 -7.97
C HIS A 1 29.25 -16.79 -7.95
N GLY A 2 28.71 -17.41 -6.90
CA GLY A 2 27.27 -17.50 -6.72
C GLY A 2 26.83 -18.86 -6.19
N GLU A 3 25.84 -19.43 -6.86
CA GLU A 3 25.22 -20.73 -6.55
C GLU A 3 25.52 -21.38 -5.22
N LYS A 4 25.25 -22.69 -5.15
CA LYS A 4 25.44 -23.49 -3.94
C LYS A 4 24.48 -22.93 -2.91
N SER A 5 24.71 -21.67 -2.56
CA SER A 5 23.91 -20.94 -1.62
C SER A 5 22.66 -20.57 -2.41
N GLN A 6 21.90 -21.60 -2.80
CA GLN A 6 20.67 -21.40 -3.55
C GLN A 6 19.90 -22.68 -3.36
N GLN A 7 19.13 -22.75 -2.28
CA GLN A 7 18.34 -23.94 -2.01
C GLN A 7 17.99 -24.67 -3.29
N ALA A 8 18.60 -25.84 -3.50
CA ALA A 8 18.38 -26.65 -4.69
C ALA A 8 16.97 -26.50 -5.21
N PHE A 9 16.03 -27.16 -4.53
CA PHE A 9 14.61 -27.12 -4.83
C PHE A 9 14.28 -26.21 -6.01
N LEU A 10 14.38 -24.90 -5.80
CA LEU A 10 14.09 -23.96 -6.87
C LEU A 10 15.14 -23.94 -7.95
N ARG A 11 16.40 -23.83 -7.56
CA ARG A 11 17.46 -23.81 -8.54
C ARG A 11 17.27 -24.94 -9.53
N MET A 12 16.56 -25.97 -9.10
CA MET A 12 16.32 -27.15 -9.92
C MET A 12 14.94 -27.23 -10.57
N ARG A 13 14.20 -26.14 -10.54
CA ARG A 13 12.86 -26.11 -11.14
C ARG A 13 12.52 -24.79 -11.81
N THR A 14 13.52 -23.94 -11.97
CA THR A 14 13.31 -22.65 -12.61
C THR A 14 13.84 -22.65 -14.03
N LEU A 15 15.08 -23.06 -14.23
CA LEU A 15 15.65 -23.11 -15.57
C LEU A 15 16.60 -24.28 -15.80
N ASN A 16 16.31 -25.05 -16.86
CA ASN A 16 17.10 -26.22 -17.24
C ASN A 16 18.16 -25.84 -18.27
N TRP A 17 19.42 -25.92 -17.83
CA TRP A 17 20.58 -25.57 -18.63
C TRP A 17 21.36 -26.69 -19.32
N TYR A 18 21.13 -26.83 -20.62
CA TYR A 18 21.83 -27.84 -21.40
C TYR A 18 22.58 -27.12 -22.52
N ASP A 19 23.42 -27.84 -23.25
CA ASP A 19 24.19 -27.27 -24.36
C ASP A 19 24.87 -25.96 -23.99
N VAL A 20 25.85 -26.02 -23.10
CA VAL A 20 26.54 -24.82 -22.66
C VAL A 20 28.03 -24.86 -22.96
N LYS A 21 28.51 -23.93 -23.76
CA LYS A 21 29.93 -23.89 -24.09
C LYS A 21 30.46 -22.47 -24.07
N TRP A 22 31.73 -22.31 -24.45
CA TRP A 22 32.38 -21.01 -24.48
C TRP A 22 33.36 -20.85 -25.63
N SER A 23 33.08 -19.87 -26.48
CA SER A 23 33.91 -19.57 -27.65
C SER A 23 35.40 -19.75 -27.38
N LYS A 24 36.03 -18.75 -26.79
CA LYS A 24 37.45 -18.80 -26.47
C LYS A 24 37.59 -19.47 -25.10
N THR A 25 38.66 -19.11 -24.40
CA THR A 25 38.94 -19.62 -23.05
C THR A 25 40.07 -18.74 -22.58
N SER A 26 40.78 -18.19 -23.56
CA SER A 26 41.90 -17.32 -23.31
C SER A 26 41.85 -16.10 -24.23
N LEU A 27 40.78 -15.32 -24.09
CA LEU A 27 40.68 -14.13 -24.90
C LEU A 27 41.69 -13.19 -24.29
N ASN A 28 42.10 -12.21 -25.06
CA ASN A 28 43.07 -11.27 -24.57
C ASN A 28 42.44 -9.90 -24.56
N VAL A 29 43.13 -8.97 -23.92
CA VAL A 29 42.67 -7.60 -23.79
C VAL A 29 41.51 -7.15 -24.70
N ASN A 30 41.39 -7.67 -25.90
CA ASN A 30 40.29 -7.24 -26.75
C ASN A 30 39.60 -8.30 -27.62
N GLU A 31 39.95 -9.57 -27.44
CA GLU A 31 39.34 -10.65 -28.24
C GLU A 31 37.95 -11.05 -27.71
N SER A 32 36.97 -11.21 -28.60
CA SER A 32 35.60 -11.57 -28.21
C SER A 32 35.39 -13.06 -27.92
N MET A 33 34.47 -13.36 -27.02
CA MET A 33 34.14 -14.75 -26.71
C MET A 33 32.63 -14.83 -26.69
N VAL A 34 32.12 -16.06 -26.78
CA VAL A 34 30.68 -16.23 -26.78
C VAL A 34 30.20 -17.28 -25.79
N LEU A 35 29.29 -16.87 -24.92
CA LEU A 35 28.72 -17.78 -23.96
C LEU A 35 27.83 -18.64 -24.82
N SER A 36 27.82 -19.95 -24.60
CA SER A 36 27.01 -20.80 -25.44
C SER A 36 26.00 -21.59 -24.64
N GLY A 37 24.72 -21.40 -24.96
CA GLY A 37 23.68 -22.11 -24.23
C GLY A 37 22.25 -22.15 -24.77
N LYS A 38 21.60 -23.27 -24.47
CA LYS A 38 20.22 -23.52 -24.84
C LYS A 38 19.59 -23.88 -23.50
N VAL A 39 18.49 -23.24 -23.15
CA VAL A 39 17.89 -23.53 -21.86
C VAL A 39 16.41 -23.77 -21.89
N HIS A 40 15.96 -24.70 -21.06
CA HIS A 40 14.55 -25.02 -20.98
C HIS A 40 13.95 -24.32 -19.78
N VAL A 41 12.67 -23.97 -19.88
CA VAL A 41 11.94 -23.32 -18.80
C VAL A 41 10.96 -24.35 -18.26
N PHE A 42 11.31 -24.96 -17.12
CA PHE A 42 10.50 -25.98 -16.49
C PHE A 42 9.00 -25.78 -16.73
N SER A 43 8.24 -26.88 -16.69
CA SER A 43 6.80 -26.83 -16.92
C SER A 43 5.97 -26.57 -15.67
N ALA A 44 6.47 -27.02 -14.52
CA ALA A 44 5.78 -26.82 -13.24
C ALA A 44 6.56 -25.78 -12.46
N TRP A 45 6.57 -24.56 -12.97
CA TRP A 45 7.28 -23.44 -12.36
C TRP A 45 6.86 -23.17 -10.92
N PRO A 46 7.85 -23.13 -10.01
CA PRO A 46 7.70 -22.88 -8.57
C PRO A 46 6.92 -21.62 -8.21
N GLN A 47 5.68 -21.79 -7.77
CA GLN A 47 4.84 -20.64 -7.42
C GLN A 47 5.65 -19.61 -6.64
N ALA A 48 6.62 -20.09 -5.88
CA ALA A 48 7.48 -19.22 -5.09
C ALA A 48 8.02 -18.12 -5.97
N VAL A 49 8.71 -18.53 -7.03
CA VAL A 49 9.28 -17.58 -7.96
C VAL A 49 8.22 -17.04 -8.90
N ALA A 50 8.32 -15.75 -9.22
CA ALA A 50 7.37 -15.13 -10.11
C ALA A 50 7.50 -15.71 -11.50
N ASN A 51 6.46 -15.48 -12.29
CA ASN A 51 6.39 -15.94 -13.66
C ASN A 51 7.56 -15.38 -14.47
N PRO A 52 8.41 -16.26 -15.02
CA PRO A 52 9.56 -15.85 -15.82
C PRO A 52 9.13 -15.11 -17.08
N LYS A 53 7.99 -14.44 -16.96
CA LYS A 53 7.42 -13.65 -18.02
C LYS A 53 8.42 -12.62 -18.50
N SER A 54 9.10 -11.99 -17.55
CA SER A 54 10.08 -10.98 -17.87
C SER A 54 11.38 -11.34 -17.17
N SER A 55 12.48 -11.38 -17.91
CA SER A 55 13.74 -11.71 -17.29
C SER A 55 14.91 -11.29 -18.13
N PHE A 56 16.09 -11.80 -17.80
CA PHE A 56 17.28 -11.43 -18.55
C PHE A 56 18.51 -12.34 -18.38
N LEU A 57 19.20 -12.60 -19.49
CA LEU A 57 20.40 -13.45 -19.53
C LEU A 57 21.60 -12.56 -19.32
N ASN A 58 22.69 -13.11 -18.76
CA ASN A 58 23.84 -12.26 -18.52
C ASN A 58 25.21 -12.85 -18.20
N ALA A 59 26.14 -11.92 -18.01
CA ALA A 59 27.51 -12.21 -17.70
C ALA A 59 27.71 -12.31 -16.20
N GLY A 60 28.12 -13.49 -15.73
CA GLY A 60 28.35 -13.67 -14.32
C GLY A 60 29.72 -13.13 -13.97
N GLU A 61 30.16 -12.15 -14.76
CA GLU A 61 31.46 -11.48 -14.65
C GLU A 61 31.80 -10.80 -13.33
N PRO A 62 32.41 -11.54 -12.38
CA PRO A 62 32.74 -10.87 -11.12
C PRO A 62 33.52 -9.61 -11.48
N GLY A 63 32.82 -8.48 -11.52
CA GLY A 63 33.45 -7.24 -11.92
C GLY A 63 33.52 -7.38 -13.43
N PRO A 64 33.17 -6.36 -14.20
CA PRO A 64 33.24 -6.51 -15.66
C PRO A 64 34.66 -6.59 -16.22
N VAL A 65 35.15 -7.81 -16.49
CA VAL A 65 36.49 -8.00 -17.06
C VAL A 65 36.39 -8.23 -18.56
N LEU A 66 35.15 -8.38 -19.03
CA LEU A 66 34.83 -8.54 -20.46
C LEU A 66 33.82 -7.41 -20.67
N VAL A 67 33.01 -7.48 -21.72
CA VAL A 67 32.07 -6.41 -21.93
C VAL A 67 30.68 -6.85 -22.28
N ARG A 68 30.21 -6.44 -23.45
CA ARG A 68 28.88 -6.79 -23.90
C ARG A 68 28.67 -6.25 -25.30
N THR A 69 29.16 -6.98 -26.31
CA THR A 69 29.00 -6.55 -27.69
C THR A 69 27.55 -6.72 -28.08
N ALA A 70 26.91 -7.74 -27.52
CA ALA A 70 25.50 -8.03 -27.79
C ALA A 70 25.08 -9.34 -27.13
N GLN A 71 23.82 -9.71 -27.31
CA GLN A 71 23.31 -10.93 -26.74
C GLN A 71 22.46 -11.73 -27.72
N PHE A 72 22.09 -12.92 -27.30
CA PHE A 72 21.30 -13.83 -28.11
C PHE A 72 20.44 -14.58 -27.09
N ILE A 73 19.15 -14.65 -27.35
CA ILE A 73 18.24 -15.34 -26.47
C ILE A 73 16.92 -15.36 -27.21
N GLY A 74 16.15 -16.42 -27.00
CA GLY A 74 14.89 -16.52 -27.72
C GLY A 74 15.37 -16.32 -29.14
N GLU A 75 14.65 -15.55 -29.92
CA GLU A 75 15.08 -15.29 -31.28
C GLU A 75 15.44 -13.83 -31.39
N GLN A 76 16.26 -13.38 -30.46
CA GLN A 76 16.65 -11.98 -30.45
C GLN A 76 17.74 -11.60 -29.46
N PHE A 77 18.40 -10.49 -29.75
CA PHE A 77 19.44 -9.91 -28.90
C PHE A 77 18.63 -8.80 -28.24
N ALA A 78 18.45 -8.87 -26.92
CA ALA A 78 17.66 -7.84 -26.26
C ALA A 78 18.37 -7.13 -25.13
N PRO A 79 18.17 -5.82 -25.05
CA PRO A 79 18.75 -4.96 -24.01
C PRO A 79 17.95 -5.04 -22.72
N ARG A 80 16.63 -5.03 -22.82
CA ARG A 80 15.79 -5.14 -21.63
C ARG A 80 15.35 -6.59 -21.56
N SER A 81 14.45 -6.90 -20.64
CA SER A 81 13.99 -8.26 -20.48
C SER A 81 13.39 -8.83 -21.74
N VAL A 82 12.98 -10.08 -21.62
CA VAL A 82 12.35 -10.80 -22.70
C VAL A 82 11.38 -11.70 -21.97
N SER A 83 10.66 -12.53 -22.71
CA SER A 83 9.68 -13.40 -22.08
C SER A 83 9.87 -14.89 -22.32
N LEU A 84 10.37 -15.60 -21.32
CA LEU A 84 10.57 -17.04 -21.44
C LEU A 84 9.19 -17.66 -21.24
N GLU A 85 8.98 -18.86 -21.77
CA GLU A 85 7.68 -19.48 -21.62
C GLU A 85 7.66 -20.76 -20.80
N VAL A 86 6.61 -20.91 -20.00
CA VAL A 86 6.41 -22.07 -19.12
C VAL A 86 6.38 -23.38 -19.89
N GLY A 87 7.55 -23.89 -20.30
CA GLY A 87 7.58 -25.15 -21.02
C GLY A 87 8.39 -25.21 -22.30
N LYS A 88 8.39 -24.12 -23.05
CA LYS A 88 9.14 -24.07 -24.31
C LYS A 88 10.62 -23.84 -24.04
N ASP A 89 11.43 -23.84 -25.09
CA ASP A 89 12.86 -23.65 -24.93
C ASP A 89 13.41 -22.58 -25.85
N TYR A 90 14.42 -21.85 -25.36
CA TYR A 90 15.02 -20.81 -26.16
C TYR A 90 16.53 -20.93 -26.14
N ALA A 91 17.12 -20.68 -27.30
CA ALA A 91 18.57 -20.76 -27.46
C ALA A 91 19.18 -19.43 -27.09
N PHE A 92 20.48 -19.43 -26.85
CA PHE A 92 21.14 -18.19 -26.49
C PHE A 92 22.66 -18.36 -26.47
N SER A 93 23.34 -17.22 -26.52
CA SER A 93 24.79 -17.13 -26.51
C SER A 93 25.04 -15.65 -26.34
N ILE A 94 26.11 -15.25 -25.66
CA ILE A 94 26.29 -13.82 -25.51
C ILE A 94 27.68 -13.27 -25.68
N ASP A 95 27.78 -12.36 -26.65
CA ASP A 95 29.02 -11.68 -27.03
C ASP A 95 29.51 -10.76 -25.91
N LEU A 96 30.80 -10.86 -25.61
CA LEU A 96 31.46 -10.05 -24.60
C LEU A 96 32.75 -9.48 -25.24
N LYS A 97 33.82 -9.39 -24.46
CA LYS A 97 35.12 -8.89 -24.95
C LYS A 97 36.06 -8.59 -23.81
N ALA A 98 37.14 -9.35 -23.70
CA ALA A 98 38.12 -9.13 -22.64
C ALA A 98 38.35 -7.63 -22.52
N ARG A 99 38.39 -7.16 -21.28
CA ARG A 99 38.61 -5.75 -21.01
C ARG A 99 39.56 -5.65 -19.86
N ARG A 100 39.54 -6.65 -18.98
CA ARG A 100 40.39 -6.63 -17.82
C ARG A 100 41.14 -7.91 -17.60
N ALA A 101 42.32 -7.75 -17.00
CA ALA A 101 43.22 -8.84 -16.70
C ALA A 101 42.53 -9.99 -15.96
N GLY A 102 43.32 -10.78 -15.26
CA GLY A 102 42.79 -11.88 -14.48
C GLY A 102 42.36 -13.14 -15.21
N ARG A 103 41.95 -14.13 -14.42
CA ARG A 103 41.49 -15.42 -14.91
C ARG A 103 40.44 -15.95 -13.91
N TRP A 104 39.15 -15.78 -14.24
CA TRP A 104 38.03 -16.18 -13.38
C TRP A 104 36.88 -16.94 -14.06
N HIS A 105 36.16 -17.73 -13.27
CA HIS A 105 35.03 -18.48 -13.78
C HIS A 105 34.07 -17.43 -14.32
N VAL A 106 33.24 -17.83 -15.28
CA VAL A 106 32.27 -16.90 -15.87
C VAL A 106 30.96 -17.62 -16.21
N HIS A 107 29.96 -17.39 -15.38
CA HIS A 107 28.65 -17.99 -15.55
C HIS A 107 27.75 -17.27 -16.53
N ALA A 108 26.83 -18.03 -17.10
CA ALA A 108 25.85 -17.49 -18.02
C ALA A 108 24.58 -17.57 -17.20
N GLN A 109 23.89 -16.46 -17.02
CA GLN A 109 22.68 -16.49 -16.22
C GLN A 109 21.51 -15.71 -16.78
N ILE A 110 20.33 -16.26 -16.56
CA ILE A 110 19.12 -15.63 -17.00
C ILE A 110 18.46 -15.20 -15.72
N ASN A 111 18.80 -14.01 -15.28
CA ASN A 111 18.26 -13.46 -14.05
C ASN A 111 16.82 -13.03 -14.28
N VAL A 112 15.92 -13.54 -13.45
CA VAL A 112 14.51 -13.23 -13.55
C VAL A 112 14.10 -12.16 -12.55
N GLU A 113 13.85 -10.95 -13.06
CA GLU A 113 13.40 -9.86 -12.21
C GLU A 113 12.16 -10.32 -11.44
N GLY A 114 11.44 -11.30 -11.97
CA GLY A 114 10.25 -11.80 -11.31
C GLY A 114 10.65 -12.57 -10.08
N GLY A 115 11.47 -11.96 -9.23
CA GLY A 115 11.90 -12.61 -8.01
C GLY A 115 12.97 -13.69 -8.17
N GLY A 116 14.14 -13.34 -8.71
CA GLY A 116 15.18 -14.35 -8.83
C GLY A 116 16.32 -14.10 -9.81
N PRO A 117 17.52 -14.66 -9.53
CA PRO A 117 18.72 -14.57 -10.34
C PRO A 117 19.22 -16.00 -10.51
N ILE A 118 18.67 -16.74 -11.48
CA ILE A 118 19.10 -18.11 -11.70
C ILE A 118 20.30 -18.16 -12.61
N ILE A 119 21.34 -18.81 -12.10
CA ILE A 119 22.61 -18.92 -12.82
C ILE A 119 22.88 -20.32 -13.38
N GLY A 120 23.02 -20.39 -14.70
CA GLY A 120 23.32 -21.65 -15.32
C GLY A 120 24.82 -21.83 -15.29
N PRO A 121 25.35 -22.94 -15.82
CA PRO A 121 26.79 -23.20 -15.82
C PRO A 121 27.65 -22.06 -16.35
N GLY A 122 28.94 -22.08 -15.98
CA GLY A 122 29.88 -21.06 -16.41
C GLY A 122 31.24 -21.68 -16.63
N GLN A 123 32.21 -20.88 -17.09
CA GLN A 123 33.55 -21.40 -17.35
C GLN A 123 34.66 -20.34 -17.32
N TRP A 124 35.70 -20.62 -16.55
CA TRP A 124 36.84 -19.71 -16.42
C TRP A 124 37.27 -19.15 -17.74
N ILE A 125 37.78 -17.92 -17.70
CA ILE A 125 38.23 -17.23 -18.91
C ILE A 125 39.59 -16.55 -18.67
N GLU A 126 40.64 -17.19 -19.17
CA GLU A 126 41.97 -16.61 -19.02
C GLU A 126 42.14 -15.42 -19.94
N ILE A 127 41.79 -14.23 -19.45
CA ILE A 127 41.97 -13.04 -20.25
C ILE A 127 43.40 -12.63 -19.98
N LYS A 128 44.11 -12.15 -20.98
CA LYS A 128 45.49 -11.79 -20.73
C LYS A 128 45.84 -10.38 -21.20
N GLY A 129 46.88 -9.83 -20.57
CA GLY A 129 47.34 -8.49 -20.89
C GLY A 129 47.19 -7.49 -19.76
N ASP A 130 46.93 -6.24 -20.11
CA ASP A 130 46.75 -5.16 -19.14
C ASP A 130 45.46 -4.38 -19.45
N MET A 131 44.57 -4.26 -18.47
CA MET A 131 43.34 -3.53 -18.69
C MET A 131 43.76 -2.20 -19.30
N ALA A 132 44.90 -1.71 -18.83
CA ALA A 132 45.50 -0.46 -19.28
C ALA A 132 45.23 -0.22 -20.76
N ASP A 133 45.14 -1.30 -21.53
CA ASP A 133 44.86 -1.19 -22.97
C ASP A 133 43.35 -1.15 -23.15
N PHE A 134 42.79 -2.26 -23.60
CA PHE A 134 41.37 -2.42 -23.85
C PHE A 134 40.61 -1.18 -24.26
N LYS A 135 39.85 -1.31 -25.34
CA LYS A 135 39.04 -0.20 -25.79
C LYS A 135 37.82 -0.70 -26.52
N ASP A 136 36.67 -0.59 -25.85
CA ASP A 136 35.38 -0.99 -26.41
C ASP A 136 34.83 0.21 -27.16
N PRO A 137 34.80 0.12 -28.50
CA PRO A 137 34.29 1.24 -29.32
C PRO A 137 32.87 1.04 -29.83
N VAL A 138 32.49 1.98 -30.69
CA VAL A 138 31.19 2.01 -31.33
C VAL A 138 31.11 3.39 -31.97
N THR A 139 30.00 3.67 -32.64
CA THR A 139 29.85 4.95 -33.29
C THR A 139 28.41 5.42 -33.45
N LEU A 140 28.13 6.57 -32.87
CA LEU A 140 26.83 7.18 -32.93
C LEU A 140 26.53 7.38 -34.40
N LEU A 141 25.27 7.18 -34.79
CA LEU A 141 24.85 7.35 -36.16
C LEU A 141 25.69 8.42 -36.86
N ASP A 142 25.86 9.55 -36.17
CA ASP A 142 26.62 10.69 -36.68
C ASP A 142 27.93 10.30 -37.32
N GLY A 143 28.27 9.01 -37.18
CA GLY A 143 29.50 8.49 -37.74
C GLY A 143 30.66 8.62 -36.79
N THR A 144 30.53 9.57 -35.87
CA THR A 144 31.56 9.83 -34.88
C THR A 144 32.04 8.52 -34.27
N THR A 145 33.33 8.24 -34.41
CA THR A 145 33.91 7.03 -33.85
C THR A 145 34.24 7.29 -32.39
N VAL A 146 33.59 6.56 -31.50
CA VAL A 146 33.83 6.75 -30.07
C VAL A 146 34.30 5.51 -29.33
N ASP A 147 35.10 5.74 -28.30
CA ASP A 147 35.60 4.67 -27.45
C ASP A 147 34.82 4.77 -26.15
N LEU A 148 34.04 3.74 -25.86
CA LEU A 148 33.18 3.72 -24.68
C LEU A 148 33.84 3.71 -23.31
N GLU A 149 34.67 2.71 -23.04
CA GLU A 149 35.34 2.58 -21.76
C GLU A 149 36.11 3.84 -21.36
N THR A 150 35.89 4.94 -22.06
CA THR A 150 36.58 6.19 -21.72
C THR A 150 35.98 7.41 -22.43
N TYR A 151 34.74 7.33 -22.87
CA TYR A 151 34.12 8.46 -23.55
C TYR A 151 33.42 9.39 -22.56
N GLY A 152 33.62 10.69 -22.72
CA GLY A 152 32.96 11.66 -21.86
C GLY A 152 33.32 11.83 -20.40
N ILE A 153 33.97 10.82 -19.80
CA ILE A 153 34.36 10.92 -18.40
C ILE A 153 34.97 12.29 -18.17
N ASP A 154 35.61 12.80 -19.22
CA ASP A 154 36.23 14.11 -19.20
C ASP A 154 35.10 15.11 -18.97
N ARG A 155 34.10 15.06 -19.84
CA ARG A 155 32.97 15.94 -19.73
C ARG A 155 32.53 16.07 -18.28
N ILE A 156 32.36 14.95 -17.60
CA ILE A 156 31.94 14.99 -16.20
C ILE A 156 32.79 15.91 -15.34
N TYR A 157 33.94 15.39 -14.90
CA TYR A 157 34.84 16.15 -14.04
C TYR A 157 34.92 17.59 -14.47
N ALA A 158 34.75 17.81 -15.76
CA ALA A 158 34.81 19.15 -16.33
C ALA A 158 33.56 19.98 -16.05
N TRP A 159 32.59 19.37 -15.36
CA TRP A 159 31.36 20.08 -15.01
C TRP A 159 30.80 19.57 -13.71
N HIS A 160 30.77 18.26 -13.56
CA HIS A 160 30.23 17.64 -12.35
C HIS A 160 31.22 17.75 -11.21
N PHE A 161 32.02 18.82 -11.27
CA PHE A 161 33.05 19.07 -10.28
C PHE A 161 33.17 20.57 -10.00
N PRO A 162 33.23 21.40 -11.06
CA PRO A 162 33.34 22.85 -10.95
C PRO A 162 32.16 23.50 -10.25
N TRP A 163 31.68 22.83 -9.22
CA TRP A 163 30.60 23.33 -8.41
C TRP A 163 31.00 22.87 -7.04
N MET A 164 31.66 21.72 -6.99
CA MET A 164 32.18 21.20 -5.73
C MET A 164 33.32 22.18 -5.56
N ILE A 165 33.38 23.06 -6.54
CA ILE A 165 34.33 24.14 -6.64
C ILE A 165 33.59 25.36 -6.08
N ALA A 166 32.53 25.79 -6.77
CA ALA A 166 31.75 26.92 -6.30
C ALA A 166 31.18 26.46 -4.97
N ALA A 167 31.80 25.42 -4.42
CA ALA A 167 31.42 24.83 -3.15
C ALA A 167 32.08 25.62 -2.05
N ALA A 168 33.40 25.65 -2.09
CA ALA A 168 34.17 26.39 -1.11
C ALA A 168 33.67 27.83 -1.16
N ALA A 169 33.17 28.23 -2.33
CA ALA A 169 32.65 29.58 -2.59
C ALA A 169 31.62 30.05 -1.56
N TRP A 170 31.26 29.14 -0.66
CA TRP A 170 30.31 29.43 0.40
C TRP A 170 31.02 28.98 1.63
N ILE A 171 31.56 27.77 1.55
CA ILE A 171 32.30 27.18 2.65
C ILE A 171 33.17 28.26 3.27
N LEU A 172 34.40 28.36 2.80
CA LEU A 172 35.32 29.36 3.34
C LEU A 172 34.64 30.73 3.40
N TYR A 173 34.44 31.34 2.23
CA TYR A 173 33.80 32.66 2.13
C TYR A 173 32.93 33.03 3.32
N TRP A 174 32.20 32.04 3.84
CA TRP A 174 31.33 32.26 5.01
C TRP A 174 31.98 31.76 6.31
N PHE A 175 33.19 32.23 6.55
CA PHE A 175 33.96 31.92 7.73
C PHE A 175 34.62 33.24 7.94
N PHE A 176 34.09 34.18 7.17
CA PHE A 176 34.48 35.57 7.16
C PHE A 176 33.50 36.20 8.13
N LYS A 177 32.20 35.94 7.93
CA LYS A 177 31.19 36.47 8.85
C LYS A 177 31.22 35.55 10.03
N LYS A 178 32.42 35.50 10.60
CA LYS A 178 32.80 34.72 11.77
C LYS A 178 32.21 33.33 11.79
N GLY A 179 33.09 32.35 11.94
CA GLY A 179 32.65 30.97 12.00
C GLY A 179 31.78 30.78 13.21
N ILE A 180 31.54 29.54 13.56
CA ILE A 180 30.72 29.22 14.71
C ILE A 180 31.28 29.94 15.93
N ILE A 181 30.57 29.91 17.05
CA ILE A 181 31.02 30.57 18.26
C ILE A 181 30.97 32.07 18.00
N ALA A 182 31.95 32.56 17.25
CA ALA A 182 32.03 33.97 16.91
C ALA A 182 30.73 34.36 16.22
N SER A 183 29.91 33.35 15.93
CA SER A 183 28.62 33.56 15.29
C SER A 183 27.53 33.19 16.26
N TYR A 184 27.78 32.17 17.08
CA TYR A 184 26.78 31.73 18.03
C TYR A 184 26.45 32.80 19.07
N LEU A 185 27.39 33.14 19.95
CA LEU A 185 27.12 34.16 20.94
C LEU A 185 26.80 35.37 20.10
N ARG A 186 27.40 35.40 18.92
CA ARG A 186 27.19 36.45 17.96
C ARG A 186 25.73 36.35 17.52
N ILE A 187 24.95 35.55 18.24
CA ILE A 187 23.54 35.33 17.90
C ILE A 187 22.55 35.51 19.03
N SER A 188 22.72 34.76 20.10
CA SER A 188 21.80 34.89 21.21
C SER A 188 21.82 36.35 21.61
N GLU A 189 23.02 36.87 21.87
CA GLU A 189 23.21 38.26 22.26
C GLU A 189 22.41 39.23 21.42
N GLY A 190 21.20 39.55 21.87
CA GLY A 190 20.36 40.46 21.13
C GLY A 190 20.21 40.07 19.67
N LYS A 191 19.57 40.93 18.88
CA LYS A 191 19.38 40.63 17.47
C LYS A 191 20.75 40.49 16.84
N ASP A 192 20.87 39.59 15.86
CA ASP A 192 22.16 39.41 15.25
C ASP A 192 22.14 39.24 13.76
N GLU A 193 22.23 40.38 13.08
CA GLU A 193 22.26 40.43 11.64
C GLU A 193 23.71 40.65 11.23
N GLU A 194 24.59 40.69 12.22
CA GLU A 194 26.01 40.87 11.99
C GLU A 194 26.39 39.89 10.90
N GLN A 195 25.71 38.76 10.93
CA GLN A 195 25.91 37.71 9.96
C GLN A 195 25.25 38.15 8.65
N ILE A 196 24.03 38.67 8.77
CA ILE A 196 23.24 39.11 7.62
C ILE A 196 23.34 40.59 7.29
N GLY A 197 22.26 41.32 7.56
CA GLY A 197 22.25 42.73 7.24
C GLY A 197 22.41 42.75 5.74
N ASP A 198 22.73 43.91 5.17
CA ASP A 198 22.92 43.96 3.73
C ASP A 198 24.28 43.38 3.40
N ASP A 199 24.95 43.92 2.39
CA ASP A 199 26.26 43.40 2.01
C ASP A 199 26.03 41.91 1.82
N ASP A 200 26.39 41.19 2.87
CA ASP A 200 26.26 39.76 2.99
C ASP A 200 25.17 39.28 2.05
N ARG A 201 23.96 39.80 2.24
CA ARG A 201 22.83 39.39 1.42
C ARG A 201 23.02 39.67 -0.07
N ARG A 202 23.24 40.92 -0.42
CA ARG A 202 23.43 41.29 -1.81
C ARG A 202 24.56 40.47 -2.41
N VAL A 203 25.52 40.08 -1.57
CA VAL A 203 26.66 39.29 -2.01
C VAL A 203 26.16 37.99 -2.61
N GLY A 204 25.28 37.31 -1.88
CA GLY A 204 24.73 36.06 -2.37
C GLY A 204 23.82 36.36 -3.54
N ALA A 205 22.95 37.36 -3.36
CA ALA A 205 22.01 37.79 -4.38
C ALA A 205 22.75 37.75 -5.72
N ILE A 206 24.00 38.15 -5.64
CA ILE A 206 24.89 38.16 -6.78
C ILE A 206 25.20 36.72 -7.14
N VAL A 207 25.98 36.06 -6.29
CA VAL A 207 26.36 34.68 -6.51
C VAL A 207 25.20 33.90 -7.12
N LEU A 208 23.98 34.16 -6.65
CA LEU A 208 22.79 33.49 -7.17
C LEU A 208 22.64 33.74 -8.66
N ALA A 209 22.54 35.02 -9.02
CA ALA A 209 22.40 35.44 -10.41
C ALA A 209 23.63 34.97 -11.20
N VAL A 210 24.81 35.05 -10.58
CA VAL A 210 26.03 34.59 -11.24
C VAL A 210 25.78 33.13 -11.56
N THR A 211 25.61 32.34 -10.51
CA THR A 211 25.37 30.92 -10.61
C THR A 211 24.34 30.51 -11.64
N ILE A 212 23.16 31.12 -11.60
CA ILE A 212 22.12 30.76 -12.55
C ILE A 212 22.49 31.16 -13.98
N LEU A 213 22.93 32.40 -14.15
CA LEU A 213 23.33 32.87 -15.47
C LEU A 213 24.45 31.97 -15.96
N ALA A 214 25.29 31.52 -15.04
CA ALA A 214 26.39 30.63 -15.35
C ALA A 214 25.89 29.19 -15.39
N THR A 215 24.59 29.03 -15.60
CA THR A 215 23.97 27.72 -15.69
C THR A 215 23.18 27.65 -16.98
N ILE A 216 22.62 28.78 -17.38
CA ILE A 216 21.87 28.83 -18.63
C ILE A 216 22.89 28.42 -19.68
N ILE A 217 24.15 28.66 -19.35
CA ILE A 217 25.26 28.33 -20.22
C ILE A 217 25.23 26.84 -20.53
N GLY A 218 25.48 26.04 -19.49
CA GLY A 218 25.49 24.60 -19.65
C GLY A 218 24.33 24.07 -20.48
N TYR A 219 23.12 24.41 -20.07
CA TYR A 219 21.91 23.96 -20.78
C TYR A 219 21.86 24.47 -22.21
N ALA A 220 22.71 25.43 -22.54
CA ALA A 220 22.76 26.00 -23.89
C ALA A 220 23.92 25.40 -24.70
N VAL A 221 25.09 25.40 -24.09
CA VAL A 221 26.29 24.85 -24.70
C VAL A 221 26.21 23.34 -24.71
N THR A 222 25.69 22.78 -23.63
CA THR A 222 25.54 21.34 -23.53
C THR A 222 24.28 20.96 -24.28
N ASN A 223 23.65 21.95 -24.90
CA ASN A 223 22.45 21.72 -25.69
C ASN A 223 22.97 21.72 -27.12
N SER A 224 24.28 21.79 -27.21
CA SER A 224 24.98 21.81 -28.48
C SER A 224 26.11 20.78 -28.54
N THR A 225 26.31 20.04 -27.44
CA THR A 225 27.30 18.97 -27.38
C THR A 225 26.48 17.83 -27.95
N PHE A 226 25.69 18.26 -28.92
CA PHE A 226 24.77 17.46 -29.67
C PHE A 226 23.62 18.44 -29.87
N PRO A 227 22.76 18.16 -30.84
CA PRO A 227 21.62 19.02 -31.13
C PRO A 227 20.39 18.11 -31.00
N ARG A 228 20.62 16.88 -31.47
CA ARG A 228 19.64 15.81 -31.50
C ARG A 228 20.12 14.63 -30.64
N THR A 229 19.36 14.35 -29.58
CA THR A 229 19.64 13.26 -28.65
C THR A 229 18.33 12.64 -28.19
N ILE A 230 18.37 11.35 -27.89
CA ILE A 230 17.19 10.61 -27.49
C ILE A 230 17.06 10.35 -26.00
N PRO A 231 15.95 9.69 -25.60
CA PRO A 231 15.73 9.39 -24.18
C PRO A 231 16.56 8.15 -23.90
N LEU A 232 16.06 7.27 -23.05
CA LEU A 232 16.75 6.04 -22.76
C LEU A 232 15.78 4.99 -23.25
N GLN A 233 16.26 4.06 -24.06
CA GLN A 233 15.37 3.05 -24.60
C GLN A 233 15.22 1.88 -23.65
N ALA A 234 14.00 1.39 -23.53
CA ALA A 234 13.76 0.27 -22.66
C ALA A 234 12.33 -0.21 -22.73
N GLY A 235 12.08 -1.35 -22.09
CA GLY A 235 10.75 -1.95 -22.07
C GLY A 235 10.74 -3.46 -22.27
N LEU A 236 9.92 -3.91 -23.21
CA LEU A 236 9.83 -5.32 -23.50
C LEU A 236 9.28 -5.61 -24.89
N GLN A 237 9.59 -6.80 -25.40
CA GLN A 237 9.13 -7.23 -26.71
C GLN A 237 8.53 -8.62 -26.54
N LYS A 238 7.19 -8.69 -26.49
CA LYS A 238 6.44 -9.94 -26.33
C LYS A 238 7.05 -11.04 -27.17
N PRO A 239 7.61 -10.67 -28.33
CA PRO A 239 8.24 -11.70 -29.15
C PRO A 239 9.23 -12.57 -28.37
N LEU A 240 9.74 -13.56 -29.07
CA LEU A 240 10.71 -14.54 -28.58
C LEU A 240 10.36 -15.90 -29.18
N THR A 241 11.09 -16.28 -30.21
CA THR A 241 10.85 -17.54 -30.88
C THR A 241 11.67 -18.67 -30.28
N PRO A 242 11.00 -19.75 -29.86
CA PRO A 242 11.64 -20.93 -29.25
C PRO A 242 12.62 -21.63 -30.18
N ILE A 243 12.78 -22.92 -29.92
CA ILE A 243 13.65 -23.81 -30.69
C ILE A 243 12.67 -24.79 -31.33
N ILE A 244 13.15 -25.67 -32.21
CA ILE A 244 12.29 -26.66 -32.88
C ILE A 244 13.07 -27.68 -33.72
N VAL A 256 10.41 -39.40 -26.12
CA VAL A 256 10.52 -39.68 -24.70
C VAL A 256 9.45 -38.89 -23.95
N THR A 257 8.98 -39.49 -22.86
CA THR A 257 7.95 -38.94 -21.98
C THR A 257 8.22 -39.46 -20.55
N ALA A 258 8.78 -38.61 -19.69
CA ALA A 258 9.09 -39.01 -18.30
C ALA A 258 7.89 -38.89 -17.37
N GLU A 259 7.99 -39.49 -16.19
CA GLU A 259 6.90 -39.40 -15.21
C GLU A 259 7.39 -39.42 -13.77
N LEU A 260 8.53 -40.08 -13.53
CA LEU A 260 9.12 -40.14 -12.20
C LEU A 260 8.32 -40.79 -11.09
N LYS A 261 7.19 -41.42 -11.40
CA LYS A 261 6.37 -42.05 -10.38
C LYS A 261 7.18 -42.97 -9.45
N GLY A 262 7.83 -42.35 -8.45
CA GLY A 262 8.66 -43.08 -7.51
C GLY A 262 10.04 -42.46 -7.46
N GLY A 263 10.52 -42.18 -6.26
CA GLY A 263 11.84 -41.59 -6.15
C GLY A 263 12.36 -41.54 -4.73
N VAL A 264 13.69 -41.57 -4.60
CA VAL A 264 14.35 -41.52 -3.30
C VAL A 264 15.78 -41.01 -3.42
N TYR A 265 16.30 -40.40 -2.36
CA TYR A 265 17.67 -39.90 -2.38
C TYR A 265 18.36 -39.91 -1.02
N LYS A 266 19.67 -39.66 -1.08
CA LYS A 266 20.55 -39.64 0.08
C LYS A 266 20.26 -38.54 1.08
N VAL A 267 21.06 -38.56 2.14
CA VAL A 267 21.05 -37.61 3.25
C VAL A 267 22.13 -38.13 4.19
N PRO A 268 23.41 -37.74 3.97
CA PRO A 268 23.90 -36.86 2.91
C PRO A 268 24.08 -37.57 1.56
N GLY A 269 25.04 -38.50 1.52
CA GLY A 269 25.33 -39.28 0.31
C GLY A 269 25.74 -38.50 -0.94
N ARG A 270 25.22 -38.94 -2.10
CA ARG A 270 25.49 -38.33 -3.41
C ARG A 270 24.71 -39.11 -4.44
N GLU A 271 23.68 -39.82 -3.96
CA GLU A 271 22.83 -40.65 -4.82
C GLU A 271 21.37 -40.20 -4.80
N LEU A 272 20.67 -40.55 -5.87
CA LEU A 272 19.26 -40.23 -6.04
C LEU A 272 18.71 -41.28 -7.03
N THR A 273 17.54 -41.83 -6.73
CA THR A 273 16.92 -42.84 -7.59
C THR A 273 15.67 -42.26 -8.24
N ILE A 274 15.19 -42.91 -9.30
CA ILE A 274 13.98 -42.45 -9.99
C ILE A 274 13.28 -43.62 -10.65
N GLN A 275 12.01 -43.41 -10.98
CA GLN A 275 11.22 -44.45 -11.63
C GLN A 275 10.60 -43.87 -12.89
N VAL A 276 11.43 -43.23 -13.70
CA VAL A 276 10.98 -42.63 -14.95
C VAL A 276 10.49 -43.71 -15.91
N LYS A 277 9.21 -43.70 -16.24
CA LYS A 277 8.69 -44.69 -17.17
C LYS A 277 8.47 -43.96 -18.49
N VAL A 278 8.73 -44.63 -19.61
CA VAL A 278 8.59 -43.96 -20.90
C VAL A 278 7.43 -44.46 -21.76
N GLY A 289 20.43 -42.23 -21.99
CA GLY A 289 20.91 -41.01 -22.61
C GLY A 289 21.77 -40.11 -21.74
N GLU A 290 21.15 -39.43 -20.76
CA GLU A 290 21.84 -38.51 -19.84
C GLU A 290 20.87 -37.81 -18.88
N TYR A 291 21.38 -36.91 -18.04
CA TYR A 291 20.54 -36.19 -17.09
C TYR A 291 21.06 -34.86 -16.53
N THR A 292 20.33 -33.77 -16.80
CA THR A 292 20.70 -32.45 -16.30
C THR A 292 19.58 -31.96 -15.38
N ALA A 293 19.85 -30.89 -14.65
CA ALA A 293 18.87 -30.31 -13.74
C ALA A 293 19.47 -29.07 -13.09
N ALA A 294 20.54 -29.31 -12.33
CA ALA A 294 21.26 -28.26 -11.64
C ALA A 294 22.24 -27.66 -12.65
N GLY A 295 21.84 -27.66 -13.92
CA GLY A 295 22.73 -27.18 -14.95
C GLY A 295 23.84 -28.21 -14.98
N LEU A 296 23.67 -29.24 -14.14
CA LEU A 296 24.61 -30.35 -13.98
C LEU A 296 24.44 -31.45 -15.03
N ARG A 297 25.56 -32.09 -15.36
CA ARG A 297 25.60 -33.17 -16.33
C ARG A 297 25.59 -34.50 -15.59
N PHE A 298 24.80 -35.44 -16.09
CA PHE A 298 24.70 -36.78 -15.53
C PHE A 298 24.61 -37.73 -16.73
N LEU A 299 25.66 -37.63 -17.54
CA LEU A 299 25.83 -38.39 -18.76
C LEU A 299 25.51 -39.84 -18.48
N ASN A 300 25.13 -40.55 -19.54
CA ASN A 300 24.85 -41.97 -19.44
C ASN A 300 26.17 -42.56 -19.92
N PRO A 301 27.13 -42.74 -19.00
CA PRO A 301 28.45 -43.29 -19.31
C PRO A 301 28.29 -44.58 -20.10
N ASP A 302 27.06 -45.09 -20.06
CA ASP A 302 26.67 -46.30 -20.78
C ASP A 302 26.82 -46.02 -22.28
N VAL A 303 27.18 -44.77 -22.62
CA VAL A 303 27.36 -44.32 -24.01
C VAL A 303 28.28 -43.11 -24.18
N PHE A 304 28.98 -42.71 -23.12
CA PHE A 304 29.82 -41.51 -23.21
C PHE A 304 31.36 -41.55 -23.12
N THR A 305 31.91 -40.41 -23.55
CA THR A 305 33.34 -40.05 -23.59
C THR A 305 33.37 -38.49 -23.51
N THR A 306 33.18 -37.98 -22.28
CA THR A 306 33.13 -36.54 -21.91
C THR A 306 33.95 -35.43 -22.59
N LYS A 307 33.25 -34.45 -23.17
CA LYS A 307 33.92 -33.33 -23.82
C LYS A 307 33.09 -32.05 -23.77
N ASP A 312 33.28 -28.23 -16.09
CA ASP A 312 33.88 -29.35 -15.36
C ASP A 312 33.22 -29.74 -14.03
N TYR A 313 33.65 -29.12 -12.93
CA TYR A 313 33.11 -29.41 -11.60
C TYR A 313 31.59 -29.29 -11.58
N LEU A 314 31.06 -28.63 -12.59
CA LEU A 314 29.63 -28.44 -12.71
C LEU A 314 29.00 -29.55 -13.57
N LEU A 315 29.78 -30.61 -13.88
CA LEU A 315 29.33 -31.76 -14.72
C LEU A 315 29.80 -33.15 -14.24
N ALA A 316 28.91 -34.14 -14.31
CA ALA A 316 29.20 -35.51 -13.88
C ALA A 316 29.53 -36.49 -15.02
N ASP A 317 30.81 -36.84 -15.10
CA ASP A 317 31.35 -37.77 -16.09
C ASP A 317 30.61 -39.12 -16.00
N ARG A 318 31.09 -39.94 -15.07
CA ARG A 318 30.53 -41.26 -14.80
C ARG A 318 29.16 -41.02 -14.21
N GLY A 319 28.40 -40.16 -14.89
CA GLY A 319 27.09 -39.79 -14.45
C GLY A 319 26.05 -40.85 -14.17
N LEU A 320 24.93 -40.70 -14.85
CA LEU A 320 23.78 -41.58 -14.73
C LEU A 320 24.10 -43.06 -14.71
N SER A 321 23.40 -43.76 -13.83
CA SER A 321 23.54 -45.19 -13.68
C SER A 321 22.17 -45.78 -14.05
N THR A 322 22.15 -46.52 -15.15
CA THR A 322 20.92 -47.12 -15.69
C THR A 322 20.88 -48.63 -15.64
N ASP A 323 19.81 -49.15 -16.22
CA ASP A 323 19.64 -50.58 -16.39
C ASP A 323 19.89 -50.49 -17.90
N PRO A 324 21.05 -51.00 -18.34
CA PRO A 324 21.51 -51.02 -19.73
C PRO A 324 20.53 -51.51 -20.84
N THR A 325 19.29 -51.86 -20.47
CA THR A 325 18.31 -52.31 -21.47
C THR A 325 17.82 -51.11 -22.31
N PRO A 326 18.14 -51.12 -23.61
CA PRO A 326 17.81 -50.10 -24.61
C PRO A 326 16.35 -49.93 -24.98
N LEU A 327 15.98 -48.67 -25.16
CA LEU A 327 14.63 -48.28 -25.54
C LEU A 327 14.73 -47.63 -26.93
N ALA A 328 14.16 -48.33 -27.91
CA ALA A 328 14.15 -47.93 -29.32
C ALA A 328 12.74 -47.64 -29.86
N PRO A 329 12.64 -46.86 -30.97
CA PRO A 329 11.35 -46.49 -31.57
C PRO A 329 10.16 -47.47 -31.40
N GLY A 330 8.95 -46.90 -31.29
CA GLY A 330 7.73 -47.69 -31.14
C GLY A 330 7.49 -48.50 -29.88
N GLU A 331 8.48 -48.57 -28.98
CA GLU A 331 8.36 -49.36 -27.75
C GLU A 331 8.03 -48.58 -26.47
N THR A 332 8.27 -49.23 -25.31
CA THR A 332 8.01 -48.65 -23.99
C THR A 332 8.61 -49.47 -22.82
N LYS A 333 8.73 -48.84 -21.64
CA LYS A 333 9.27 -49.47 -20.42
C LYS A 333 9.00 -48.64 -19.16
N THR A 334 8.95 -49.34 -18.03
CA THR A 334 8.72 -48.75 -16.70
C THR A 334 10.06 -48.43 -16.05
N ILE A 335 11.05 -48.20 -16.91
CA ILE A 335 12.42 -47.90 -16.53
C ILE A 335 12.69 -47.26 -15.16
N GLU A 336 13.85 -47.62 -14.59
CA GLU A 336 14.31 -47.09 -13.32
C GLU A 336 15.65 -46.46 -13.62
N VAL A 337 15.90 -45.30 -13.03
CA VAL A 337 17.14 -44.58 -13.23
C VAL A 337 17.81 -44.29 -11.89
N LYS A 338 19.13 -44.40 -11.86
CA LYS A 338 19.85 -44.11 -10.64
C LYS A 338 20.81 -42.98 -10.94
N VAL A 339 20.69 -41.89 -10.17
CA VAL A 339 21.57 -40.74 -10.33
C VAL A 339 22.63 -40.85 -9.23
N GLN A 340 23.88 -40.88 -9.66
CA GLN A 340 24.99 -41.03 -8.75
C GLN A 340 26.23 -40.31 -9.27
N ASP A 341 26.93 -39.65 -8.35
CA ASP A 341 28.17 -38.91 -8.64
C ASP A 341 28.44 -38.01 -7.43
N ALA A 342 29.59 -37.35 -7.45
CA ALA A 342 30.00 -36.48 -6.36
C ALA A 342 29.32 -35.10 -6.36
N ARG A 343 29.42 -34.39 -7.48
CA ARG A 343 28.86 -33.04 -7.63
C ARG A 343 27.41 -32.85 -7.21
N TRP A 344 26.75 -33.94 -6.79
CA TRP A 344 25.36 -33.83 -6.36
C TRP A 344 25.31 -33.43 -4.89
N ASP A 345 26.46 -33.46 -4.25
CA ASP A 345 26.55 -33.07 -2.84
C ASP A 345 27.43 -31.83 -2.80
N ILE A 346 28.60 -31.93 -3.41
CA ILE A 346 29.55 -30.83 -3.46
C ILE A 346 28.87 -29.54 -3.84
N GLU A 347 28.20 -29.55 -4.99
CA GLU A 347 27.50 -28.37 -5.47
C GLU A 347 26.13 -28.12 -4.84
N ARG A 348 25.92 -28.63 -3.63
CA ARG A 348 24.66 -28.44 -2.91
C ARG A 348 23.38 -28.90 -3.60
N LEU A 349 23.00 -30.15 -3.40
CA LEU A 349 21.76 -30.65 -3.97
C LEU A 349 21.06 -31.47 -2.92
N SER A 350 21.85 -32.10 -2.05
CA SER A 350 21.30 -32.91 -0.97
C SER A 350 20.58 -31.93 -0.05
N ASP A 351 20.49 -30.68 -0.50
CA ASP A 351 19.86 -29.59 0.25
C ASP A 351 18.35 -29.74 0.38
N LEU A 352 17.77 -30.69 -0.35
CA LEU A 352 16.34 -30.88 -0.28
C LEU A 352 15.87 -31.13 1.15
N ALA A 353 16.82 -31.11 2.09
CA ALA A 353 16.49 -31.31 3.48
C ALA A 353 15.64 -30.11 3.89
N TYR A 354 16.14 -28.92 3.59
CA TYR A 354 15.46 -27.67 3.93
C TYR A 354 14.32 -27.43 2.96
N ASP A 355 14.67 -26.79 1.86
CA ASP A 355 13.75 -26.44 0.78
C ASP A 355 12.32 -26.96 1.01
N THR A 356 11.37 -26.03 1.11
CA THR A 356 9.97 -26.36 1.34
C THR A 356 9.51 -27.54 0.51
N ASP A 357 9.11 -27.27 -0.74
CA ASP A 357 8.65 -28.34 -1.63
C ASP A 357 9.79 -29.30 -1.99
N SER A 358 9.75 -30.48 -1.39
CA SER A 358 10.77 -31.50 -1.57
C SER A 358 10.99 -31.96 -3.00
N GLN A 359 10.06 -31.61 -3.89
CA GLN A 359 10.16 -32.02 -5.31
C GLN A 359 11.52 -31.76 -5.96
N ILE A 360 11.70 -32.36 -7.13
CA ILE A 360 12.93 -32.23 -7.92
C ILE A 360 12.58 -31.80 -9.34
N GLY A 361 13.60 -31.61 -10.17
CA GLY A 361 13.37 -31.20 -11.55
C GLY A 361 14.59 -31.35 -12.43
N GLY A 362 14.42 -31.12 -13.74
CA GLY A 362 15.54 -31.25 -14.65
C GLY A 362 15.18 -31.90 -15.98
N LEU A 363 16.18 -32.38 -16.69
CA LEU A 363 15.97 -33.01 -17.99
C LEU A 363 16.36 -34.48 -18.11
N LEU A 364 16.14 -35.01 -19.30
CA LEU A 364 16.44 -36.38 -19.67
C LEU A 364 16.87 -36.35 -21.13
N MET A 365 18.18 -36.26 -21.32
CA MET A 365 18.82 -36.20 -22.62
C MET A 365 18.89 -37.53 -23.39
N PHE A 366 17.77 -38.06 -23.87
CA PHE A 366 17.86 -39.32 -24.59
C PHE A 366 18.22 -39.21 -26.07
N PHE A 367 19.13 -40.09 -26.51
CA PHE A 367 19.63 -40.13 -27.89
C PHE A 367 19.18 -41.31 -28.78
N SER A 368 19.36 -41.10 -30.09
CA SER A 368 19.01 -42.09 -31.12
C SER A 368 20.10 -43.16 -31.14
N PRO A 369 19.74 -44.40 -31.56
CA PRO A 369 20.75 -45.48 -31.60
C PRO A 369 22.01 -44.89 -32.27
N SER A 370 21.73 -43.96 -33.18
CA SER A 370 22.72 -43.21 -33.95
C SER A 370 23.23 -42.06 -33.06
N GLY A 371 22.31 -41.21 -32.60
CA GLY A 371 22.66 -40.09 -31.74
C GLY A 371 21.85 -38.86 -32.13
N LYS A 372 20.55 -38.89 -31.86
CA LYS A 372 19.63 -37.80 -32.19
C LYS A 372 18.59 -37.66 -31.07
N ARG A 373 19.03 -37.02 -29.99
CA ARG A 373 18.27 -36.82 -28.77
C ARG A 373 16.88 -36.21 -28.67
N TYR A 374 15.87 -37.07 -28.51
CA TYR A 374 14.51 -36.59 -28.27
C TYR A 374 14.67 -36.39 -26.75
N ALA A 375 14.32 -35.21 -26.23
CA ALA A 375 14.46 -34.92 -24.78
C ALA A 375 13.17 -34.60 -24.01
N THR A 376 12.94 -35.35 -22.92
CA THR A 376 11.79 -35.15 -22.05
C THR A 376 12.33 -34.60 -20.72
N GLU A 377 11.46 -34.02 -19.90
CA GLU A 377 11.86 -33.47 -18.61
C GLU A 377 11.39 -34.35 -17.47
N ILE A 378 11.44 -33.82 -16.26
CA ILE A 378 11.03 -34.59 -15.10
C ILE A 378 10.09 -33.83 -14.17
N GLY A 379 10.56 -33.59 -12.95
CA GLY A 379 9.75 -32.89 -11.96
C GLY A 379 8.92 -33.85 -11.14
N GLY A 380 9.35 -34.11 -9.90
CA GLY A 380 8.62 -35.02 -9.06
C GLY A 380 9.04 -34.93 -7.61
N PRO A 381 8.14 -35.28 -6.69
CA PRO A 381 8.35 -35.27 -5.24
C PRO A 381 9.26 -36.40 -4.75
N VAL A 382 10.57 -36.16 -4.74
CA VAL A 382 11.51 -37.18 -4.30
C VAL A 382 11.54 -37.28 -2.77
N ILE A 383 11.73 -38.50 -2.25
CA ILE A 383 11.77 -38.73 -0.81
C ILE A 383 13.17 -39.11 -0.32
N PRO A 384 13.59 -38.53 0.81
CA PRO A 384 14.92 -38.84 1.34
C PRO A 384 14.98 -39.86 2.47
N LYS A 385 16.19 -40.38 2.67
CA LYS A 385 16.53 -41.33 3.73
C LYS A 385 17.94 -40.93 4.18
N PHE A 386 18.05 -40.63 5.47
CA PHE A 386 19.26 -40.13 6.11
C PHE A 386 20.38 -41.12 6.48
N VAL A 387 21.36 -40.66 7.27
CA VAL A 387 22.51 -41.49 7.68
C VAL A 387 22.12 -42.66 8.59
N PRO B 12 38.21 31.38 33.25
CA PRO B 12 37.85 31.62 31.83
C PRO B 12 39.01 31.33 30.90
N PHE B 13 39.10 32.12 29.84
CA PHE B 13 40.18 32.00 28.90
C PHE B 13 41.26 32.92 29.45
N HIS B 14 42.52 32.53 29.25
CA HIS B 14 43.67 33.28 29.74
C HIS B 14 43.93 34.61 29.01
N SER B 15 44.98 34.65 28.19
CA SER B 15 45.31 35.86 27.43
C SER B 15 44.40 35.99 26.21
N VAL B 16 44.17 37.21 25.77
CA VAL B 16 43.30 37.44 24.60
C VAL B 16 43.88 36.78 23.33
N ALA B 17 45.04 36.13 23.47
CA ALA B 17 45.70 35.42 22.38
C ALA B 17 45.78 33.94 22.76
N GLU B 18 44.60 33.36 22.90
CA GLU B 18 44.37 31.95 23.27
C GLU B 18 42.86 31.95 23.42
N ALA B 19 42.38 32.93 24.17
CA ALA B 19 40.97 33.14 24.41
C ALA B 19 40.38 33.36 23.04
N ALA B 20 41.23 33.81 22.12
CA ALA B 20 40.85 34.06 20.74
C ALA B 20 41.37 32.85 19.99
N GLY B 21 42.46 32.29 20.52
CA GLY B 21 43.07 31.12 19.93
C GLY B 21 42.20 29.90 20.06
N CYS B 22 42.15 29.33 21.26
CA CYS B 22 41.32 28.15 21.51
C CYS B 22 39.86 28.53 21.31
N VAL B 23 39.62 29.13 20.16
CA VAL B 23 38.32 29.56 19.71
C VAL B 23 38.35 29.41 18.21
N LYS B 24 39.02 30.33 17.53
CA LYS B 24 39.12 30.30 16.07
C LYS B 24 39.65 28.96 15.55
N THR B 25 40.13 28.14 16.49
CA THR B 25 40.68 26.81 16.22
C THR B 25 39.69 25.72 16.58
N THR B 26 39.04 25.86 17.73
CA THR B 26 38.05 24.88 18.14
C THR B 26 36.87 25.12 17.23
N ASP B 27 36.73 26.36 16.82
CA ASP B 27 35.66 26.80 15.92
C ASP B 27 35.89 26.19 14.54
N TRP B 28 37.13 26.30 14.06
CA TRP B 28 37.50 25.75 12.75
C TRP B 28 37.41 24.23 12.84
N MET B 29 38.16 23.64 13.78
CA MET B 29 38.15 22.19 14.01
C MET B 29 36.74 21.72 14.25
N PHE B 30 35.89 22.64 14.67
CA PHE B 30 34.51 22.33 14.95
C PHE B 30 33.73 22.14 13.68
N LEU B 31 33.71 23.16 12.83
CA LEU B 31 33.01 23.12 11.57
C LEU B 31 33.04 21.75 10.91
N THR B 32 34.16 21.04 11.05
CA THR B 32 34.26 19.71 10.45
C THR B 32 33.35 18.72 11.12
N LEU B 33 33.55 18.52 12.42
CA LEU B 33 32.72 17.60 13.16
C LEU B 33 31.37 17.53 12.49
N LEU B 34 30.70 18.66 12.39
CA LEU B 34 29.40 18.75 11.76
C LEU B 34 29.40 18.14 10.36
N PHE B 35 30.00 18.83 9.41
CA PHE B 35 30.08 18.35 8.04
C PHE B 35 30.36 16.84 7.89
N LEU B 36 31.63 16.43 8.03
CA LEU B 36 32.03 15.03 7.89
C LEU B 36 31.40 14.10 8.91
N ALA B 37 30.15 14.36 9.24
CA ALA B 37 29.41 13.56 10.19
C ALA B 37 27.95 13.63 9.80
N VAL B 38 27.51 14.83 9.46
CA VAL B 38 26.14 15.00 9.04
C VAL B 38 26.14 14.36 7.68
N LEU B 39 27.13 14.73 6.87
CA LEU B 39 27.27 14.18 5.55
C LEU B 39 26.85 12.72 5.65
N GLY B 40 27.65 11.94 6.36
CA GLY B 40 27.34 10.54 6.52
C GLY B 40 25.86 10.28 6.72
N GLY B 41 25.39 10.54 7.92
CA GLY B 41 23.99 10.32 8.21
C GLY B 41 23.07 10.75 7.07
N TYR B 42 23.58 11.61 6.19
CA TYR B 42 22.81 12.09 5.06
C TYR B 42 22.92 11.14 3.89
N HIS B 43 24.14 10.95 3.37
CA HIS B 43 24.35 10.06 2.24
C HIS B 43 23.65 8.73 2.51
N ILE B 44 24.10 8.04 3.54
CA ILE B 44 23.55 6.75 3.93
C ILE B 44 22.07 6.78 3.65
N HIS B 45 21.46 7.93 3.87
CA HIS B 45 20.04 8.07 3.62
C HIS B 45 19.80 8.25 2.12
N PHE B 46 20.23 9.37 1.57
CA PHE B 46 20.02 9.65 0.16
C PHE B 46 20.23 8.43 -0.72
N MET B 47 20.96 7.46 -0.20
CA MET B 47 21.20 6.24 -0.94
C MET B 47 19.87 5.52 -0.99
N LEU B 48 19.52 4.83 0.10
CA LEU B 48 18.28 4.08 0.19
C LEU B 48 17.06 4.81 -0.33
N THR B 49 17.05 6.12 -0.18
CA THR B 49 15.92 6.90 -0.65
C THR B 49 15.95 6.99 -2.17
N ALA B 50 16.97 7.66 -2.69
CA ALA B 50 17.14 7.82 -4.12
C ALA B 50 17.75 6.52 -4.63
N GLY B 51 16.88 5.52 -4.80
CA GLY B 51 17.23 4.17 -5.25
C GLY B 51 18.25 3.99 -6.36
N ASP B 52 19.18 4.93 -6.40
CA ASP B 52 20.21 4.92 -7.38
C ASP B 52 19.66 5.24 -8.71
N TRP B 53 19.25 6.49 -8.77
CA TRP B 53 18.78 7.11 -9.97
C TRP B 53 20.03 7.98 -10.00
N ASP B 54 20.83 7.82 -8.95
CA ASP B 54 22.08 8.51 -8.75
C ASP B 54 23.08 7.39 -8.60
N PHE B 55 23.27 6.65 -9.68
CA PHE B 55 24.19 5.53 -9.66
C PHE B 55 24.48 5.07 -11.08
N TRP B 56 23.45 4.62 -11.79
CA TRP B 56 23.61 4.13 -13.16
C TRP B 56 23.00 5.02 -14.21
N VAL B 57 23.84 5.48 -15.13
CA VAL B 57 23.37 6.34 -16.19
C VAL B 57 22.12 5.77 -16.83
N ASP B 58 22.00 4.45 -16.85
CA ASP B 58 20.84 3.81 -17.47
C ASP B 58 19.56 4.00 -16.66
N TRP B 59 19.71 4.50 -15.43
CA TRP B 59 18.56 4.76 -14.57
C TRP B 59 18.40 6.29 -14.60
N LYS B 60 19.35 6.96 -15.23
CA LYS B 60 19.31 8.42 -15.34
C LYS B 60 18.37 8.80 -16.49
N ASP B 61 17.07 8.91 -16.22
CA ASP B 61 16.12 9.23 -17.27
C ASP B 61 15.51 10.61 -17.25
N ARG B 62 14.19 10.66 -17.37
CA ARG B 62 13.46 11.93 -17.41
C ARG B 62 12.37 12.07 -16.34
N ARG B 63 11.33 11.24 -16.42
CA ARG B 63 10.24 11.26 -15.47
C ARG B 63 10.79 10.58 -14.21
N MET B 64 10.55 9.27 -14.10
CA MET B 64 11.00 8.42 -13.00
C MET B 64 12.14 9.04 -12.18
N TRP B 65 13.22 9.49 -12.81
CA TRP B 65 14.35 10.05 -12.06
C TRP B 65 14.23 11.44 -11.43
N PRO B 66 14.40 12.52 -12.21
CA PRO B 66 14.30 13.85 -11.61
C PRO B 66 13.00 14.14 -10.91
N THR B 67 12.46 13.10 -10.28
CA THR B 67 11.24 13.21 -9.53
C THR B 67 11.55 12.64 -8.18
N VAL B 68 12.57 11.77 -8.12
CA VAL B 68 12.95 11.18 -6.86
C VAL B 68 14.03 12.00 -6.19
N VAL B 69 15.26 11.89 -6.67
CA VAL B 69 16.35 12.65 -6.09
C VAL B 69 15.87 14.02 -5.71
N PRO B 70 15.15 14.71 -6.63
CA PRO B 70 14.64 16.04 -6.32
C PRO B 70 14.09 16.13 -4.90
N ILE B 71 12.99 15.43 -4.67
CA ILE B 71 12.37 15.42 -3.36
C ILE B 71 13.39 14.89 -2.37
N LEU B 72 13.40 13.58 -2.20
CA LEU B 72 14.29 12.91 -1.26
C LEU B 72 15.57 13.69 -1.00
N GLY B 73 16.11 14.31 -2.03
CA GLY B 73 17.33 15.07 -1.88
C GLY B 73 17.13 16.35 -1.08
N VAL B 74 16.32 16.30 -0.04
CA VAL B 74 16.15 17.51 0.72
C VAL B 74 16.03 17.37 2.22
N THR B 75 15.21 16.44 2.76
CA THR B 75 15.10 16.33 4.23
C THR B 75 16.49 16.00 4.76
N PHE B 76 17.34 17.00 4.63
CA PHE B 76 18.73 17.03 5.02
C PHE B 76 19.20 18.39 4.51
N ALA B 77 19.29 18.50 3.18
CA ALA B 77 19.71 19.75 2.56
C ALA B 77 18.83 20.85 3.11
N ALA B 78 17.73 20.45 3.74
CA ALA B 78 16.78 21.39 4.31
C ALA B 78 17.06 21.66 5.77
N ALA B 79 16.82 20.66 6.62
CA ALA B 79 17.06 20.86 8.03
C ALA B 79 18.48 21.38 8.19
N ALA B 80 19.40 20.79 7.42
CA ALA B 80 20.81 21.20 7.46
C ALA B 80 20.87 22.70 7.37
N GLN B 81 19.99 23.25 6.54
CA GLN B 81 19.89 24.70 6.35
C GLN B 81 19.28 25.29 7.61
N ALA B 82 17.99 25.09 7.77
CA ALA B 82 17.28 25.60 8.93
C ALA B 82 18.18 25.48 10.16
N PHE B 83 19.02 24.46 10.17
CA PHE B 83 19.97 24.24 11.26
C PHE B 83 20.90 25.44 11.27
N PHE B 84 22.01 25.29 10.56
CA PHE B 84 23.04 26.30 10.48
C PHE B 84 22.56 27.73 10.35
N TRP B 85 21.69 28.03 9.38
CA TRP B 85 21.21 29.41 9.25
C TRP B 85 20.55 29.90 10.52
N GLU B 86 19.79 29.01 11.16
CA GLU B 86 19.12 29.42 12.35
C GLU B 86 20.07 30.00 13.38
N ASN B 87 20.69 29.12 14.14
CA ASN B 87 21.59 29.51 15.21
C ASN B 87 22.85 30.26 14.80
N PHE B 88 23.02 30.54 13.51
CA PHE B 88 24.21 31.28 13.07
C PHE B 88 23.94 32.15 11.87
N LYS B 89 22.66 32.45 11.63
CA LYS B 89 22.22 33.27 10.49
C LYS B 89 23.31 33.18 9.46
N LEU B 90 23.77 31.94 9.27
CA LEU B 90 24.85 31.62 8.36
C LEU B 90 24.24 30.91 7.14
N PRO B 91 23.87 31.66 6.08
CA PRO B 91 23.27 31.07 4.87
C PRO B 91 24.13 30.04 4.20
N PHE B 92 25.05 29.49 4.97
CA PHE B 92 25.97 28.45 4.51
C PHE B 92 25.39 27.13 5.02
N GLY B 93 24.23 26.75 4.50
CA GLY B 93 23.63 25.51 4.95
C GLY B 93 23.17 24.58 3.86
N ALA B 94 22.10 24.97 3.17
CA ALA B 94 21.55 24.16 2.09
C ALA B 94 22.67 23.54 1.26
N THR B 95 23.69 24.34 0.98
CA THR B 95 24.84 23.90 0.19
C THR B 95 25.80 23.11 1.07
N PHE B 96 25.82 23.45 2.35
CA PHE B 96 26.66 22.76 3.29
C PHE B 96 26.36 21.29 3.11
N ALA B 97 25.07 20.97 3.04
CA ALA B 97 24.61 19.59 2.87
C ALA B 97 25.19 18.96 1.61
N VAL B 98 24.59 19.33 0.49
CA VAL B 98 24.99 18.86 -0.82
C VAL B 98 26.42 18.35 -0.88
N SER B 99 27.36 19.28 -1.05
CA SER B 99 28.77 18.95 -1.12
C SER B 99 28.98 17.62 -0.43
N GLY B 100 28.56 17.56 0.82
CA GLY B 100 28.68 16.35 1.60
C GLY B 100 28.37 15.14 0.74
N LEU B 101 27.16 15.10 0.21
CA LEU B 101 26.73 13.99 -0.64
C LEU B 101 27.64 13.84 -1.84
N LEU B 102 27.86 14.94 -2.56
CA LEU B 102 28.71 14.89 -3.72
C LEU B 102 30.11 14.42 -3.33
N ILE B 103 30.81 15.17 -2.49
CA ILE B 103 32.14 14.74 -2.08
C ILE B 103 32.06 13.40 -1.38
N GLY B 104 30.85 13.02 -0.96
CA GLY B 104 30.69 11.74 -0.29
C GLY B 104 30.62 10.63 -1.31
N GLU B 105 29.64 10.73 -2.20
CA GLU B 105 29.48 9.74 -3.25
C GLU B 105 30.69 9.82 -4.16
N TRP B 106 30.86 10.97 -4.80
CA TRP B 106 31.97 11.21 -5.73
C TRP B 106 33.25 10.52 -5.31
N ILE B 107 33.42 10.38 -4.00
CA ILE B 107 34.57 9.70 -3.43
C ILE B 107 34.32 8.23 -3.65
N ASN B 108 33.38 7.70 -2.89
CA ASN B 108 33.00 6.30 -2.97
C ASN B 108 32.86 5.84 -4.44
N ARG B 109 32.46 6.77 -5.32
CA ARG B 109 32.29 6.48 -6.75
C ARG B 109 33.58 6.04 -7.41
N TYR B 110 34.64 6.81 -7.14
CA TYR B 110 35.95 6.53 -7.68
C TYR B 110 36.40 5.21 -7.11
N CYS B 111 37.53 5.26 -6.42
CA CYS B 111 38.14 4.11 -5.77
C CYS B 111 37.29 2.83 -5.70
N ASN B 112 36.13 2.88 -5.06
CA ASN B 112 35.30 1.68 -4.94
C ASN B 112 34.86 1.12 -6.30
N PHE B 113 33.72 1.59 -6.81
CA PHE B 113 33.23 1.14 -8.10
C PHE B 113 34.35 1.04 -9.15
N TRP B 114 35.17 2.09 -9.19
CA TRP B 114 36.26 2.23 -10.13
C TRP B 114 37.49 1.34 -9.87
N GLY B 115 38.04 1.43 -8.66
CA GLY B 115 39.23 0.67 -8.29
C GLY B 115 38.92 -0.71 -7.74
N TRP B 116 37.64 -1.00 -7.59
CA TRP B 116 37.15 -2.28 -7.10
C TRP B 116 36.11 -2.66 -8.14
N THR B 117 36.33 -3.76 -8.86
CA THR B 117 35.43 -4.19 -9.92
C THR B 117 35.18 -2.99 -10.84
N TYR B 118 36.29 -2.33 -11.20
CA TYR B 118 36.34 -1.15 -12.06
C TYR B 118 35.10 -0.86 -12.89
N PHE B 119 34.49 0.28 -12.63
CA PHE B 119 33.32 0.67 -13.37
C PHE B 119 33.59 1.98 -14.04
N PRO B 120 33.15 2.11 -15.29
CA PRO B 120 33.34 3.33 -16.05
C PRO B 120 32.83 4.48 -15.24
N ILE B 121 33.70 5.44 -14.99
CA ILE B 121 33.30 6.61 -14.23
C ILE B 121 32.13 7.21 -14.99
N SER B 122 31.82 6.59 -16.14
CA SER B 122 30.72 7.03 -16.96
C SER B 122 29.42 6.40 -16.51
N LEU B 123 29.32 5.07 -16.53
CA LEU B 123 28.07 4.41 -16.13
C LEU B 123 27.60 4.91 -14.77
N VAL B 124 28.53 5.00 -13.83
CA VAL B 124 28.21 5.48 -12.48
C VAL B 124 28.82 6.85 -12.24
N PHE B 125 28.06 7.71 -11.58
CA PHE B 125 28.50 9.06 -11.25
C PHE B 125 27.26 9.79 -10.77
N PRO B 126 27.34 10.39 -9.58
CA PRO B 126 26.27 11.15 -8.92
C PRO B 126 25.64 12.24 -9.78
N SER B 127 24.53 12.80 -9.30
CA SER B 127 23.83 13.85 -10.02
C SER B 127 24.27 15.18 -9.43
N ALA B 128 24.26 16.22 -10.26
CA ALA B 128 24.66 17.55 -9.81
C ALA B 128 23.61 18.19 -8.93
N LEU B 129 24.03 18.81 -7.84
CA LEU B 129 23.11 19.44 -6.91
C LEU B 129 23.57 20.82 -6.46
N VAL B 130 24.89 20.98 -6.43
CA VAL B 130 25.49 22.23 -6.01
C VAL B 130 24.65 23.40 -6.46
N VAL B 131 24.25 23.42 -7.73
CA VAL B 131 23.44 24.51 -8.22
C VAL B 131 22.23 24.71 -7.32
N PRO B 132 21.18 23.89 -7.47
CA PRO B 132 20.00 24.08 -6.61
C PRO B 132 20.34 24.60 -5.23
N ALA B 133 21.13 23.84 -4.48
CA ALA B 133 21.52 24.24 -3.14
C ALA B 133 21.65 25.76 -3.04
N LEU B 134 22.39 26.34 -3.97
CA LEU B 134 22.59 27.78 -3.99
C LEU B 134 21.28 28.53 -4.14
N TRP B 135 20.55 28.25 -5.22
CA TRP B 135 19.27 28.94 -5.46
C TRP B 135 18.34 28.61 -4.33
N LEU B 136 18.90 28.08 -3.26
CA LEU B 136 18.11 27.74 -2.09
C LEU B 136 18.72 28.49 -0.92
N ASP B 137 19.95 28.14 -0.58
CA ASP B 137 20.62 28.80 0.52
C ASP B 137 20.53 30.32 0.30
N ILE B 138 20.22 30.73 -0.94
CA ILE B 138 20.12 32.16 -1.26
C ILE B 138 18.72 32.75 -1.16
N ILE B 139 17.74 32.10 -1.76
CA ILE B 139 16.37 32.60 -1.66
C ILE B 139 16.09 32.46 -0.17
N MET B 140 17.13 32.03 0.52
CA MET B 140 17.09 31.86 1.94
C MET B 140 17.73 33.11 2.55
N LEU B 141 19.02 33.30 2.28
CA LEU B 141 19.77 34.45 2.78
C LEU B 141 18.86 35.66 2.71
N LEU B 142 18.66 36.15 1.50
CA LEU B 142 17.76 37.27 1.29
C LEU B 142 16.44 36.68 1.76
N SER B 143 15.61 37.47 2.44
CA SER B 143 14.32 36.94 2.90
C SER B 143 14.58 35.68 3.71
N GLY B 144 15.00 35.87 4.95
CA GLY B 144 15.29 34.76 5.81
C GLY B 144 14.14 34.17 6.61
N SER B 145 12.99 33.97 5.97
CA SER B 145 11.83 33.37 6.66
C SER B 145 11.54 31.99 6.08
N TYR B 146 10.92 31.15 6.90
CA TYR B 146 10.62 29.82 6.47
C TYR B 146 9.79 29.75 5.24
N VAL B 147 8.48 29.74 5.43
CA VAL B 147 7.56 29.66 4.32
C VAL B 147 8.14 30.20 3.02
N ILE B 148 8.57 31.46 3.01
CA ILE B 148 9.11 32.04 1.80
C ILE B 148 10.22 31.19 1.21
N THR B 149 11.20 30.81 2.03
CA THR B 149 12.29 29.99 1.55
C THR B 149 11.78 28.63 1.11
N ALA B 150 10.61 28.24 1.61
CA ALA B 150 9.99 26.95 1.28
C ALA B 150 9.36 26.98 -0.10
N VAL B 151 8.25 27.71 -0.23
CA VAL B 151 7.59 27.81 -1.52
C VAL B 151 8.67 28.06 -2.53
N VAL B 152 9.02 29.32 -2.73
CA VAL B 152 10.07 29.64 -3.67
C VAL B 152 11.32 29.05 -3.04
N GLY B 153 12.20 28.52 -3.87
CA GLY B 153 13.40 27.89 -3.37
C GLY B 153 13.19 26.42 -3.62
N SER B 154 12.27 25.84 -2.85
CA SER B 154 11.95 24.43 -3.02
C SER B 154 11.57 24.30 -4.48
N LEU B 155 10.71 25.22 -4.90
CA LEU B 155 10.22 25.26 -6.27
C LEU B 155 11.37 25.03 -7.23
N GLY B 156 12.09 26.09 -7.56
CA GLY B 156 13.20 25.95 -8.48
C GLY B 156 14.15 24.82 -8.14
N TRP B 157 14.36 24.61 -6.83
CA TRP B 157 15.26 23.56 -6.34
C TRP B 157 15.13 22.29 -7.14
N GLY B 158 13.96 22.10 -7.74
CA GLY B 158 13.70 20.91 -8.53
C GLY B 158 13.72 21.19 -10.01
N LEU B 159 13.12 22.31 -10.41
CA LEU B 159 13.11 22.64 -11.81
C LEU B 159 14.57 22.62 -12.22
N LEU B 160 15.39 23.37 -11.49
CA LEU B 160 16.80 23.42 -11.78
C LEU B 160 17.41 22.04 -11.98
N PHE B 161 17.05 21.09 -11.13
CA PHE B 161 17.62 19.75 -11.21
C PHE B 161 18.10 19.36 -12.59
N TYR B 162 17.21 18.76 -13.37
CA TYR B 162 17.56 18.30 -14.70
C TYR B 162 18.35 19.34 -15.47
N PRO B 163 17.71 20.48 -15.81
CA PRO B 163 18.46 21.48 -16.56
C PRO B 163 19.89 21.60 -16.06
N ASN B 164 20.04 21.56 -14.75
CA ASN B 164 21.37 21.62 -14.17
C ASN B 164 22.17 20.48 -14.76
N ASN B 165 21.80 19.25 -14.42
CA ASN B 165 22.53 18.06 -14.91
C ASN B 165 22.68 17.90 -16.43
N TRP B 166 22.10 18.79 -17.23
CA TRP B 166 22.21 18.62 -18.69
C TRP B 166 23.66 18.36 -19.08
N PRO B 167 24.57 19.24 -18.68
CA PRO B 167 25.96 19.03 -19.03
C PRO B 167 26.38 17.58 -18.88
N ALA B 168 26.72 17.20 -17.65
CA ALA B 168 27.15 15.85 -17.36
C ALA B 168 26.28 14.79 -18.00
N ILE B 169 25.03 15.11 -18.22
CA ILE B 169 24.13 14.11 -18.78
C ILE B 169 23.99 14.22 -20.32
N ALA B 170 23.44 15.33 -20.80
CA ALA B 170 23.22 15.56 -22.24
C ALA B 170 24.02 14.68 -23.20
N ALA B 171 25.30 14.98 -23.36
CA ALA B 171 26.16 14.24 -24.27
C ALA B 171 26.00 12.71 -24.26
N LEU B 172 26.04 12.07 -23.09
CA LEU B 172 25.91 10.62 -23.03
C LEU B 172 24.56 10.07 -23.46
N HIS B 173 23.82 10.82 -24.26
CA HIS B 173 22.52 10.37 -24.75
C HIS B 173 22.42 10.27 -26.28
N GLN B 174 23.50 10.60 -26.99
CA GLN B 174 23.53 10.49 -28.46
C GLN B 174 23.22 9.01 -28.73
N ALA B 175 22.81 8.64 -29.94
CA ALA B 175 22.46 7.24 -30.19
C ALA B 175 23.10 6.50 -31.37
N THR B 176 23.31 5.20 -31.21
CA THR B 176 23.87 4.35 -32.26
C THR B 176 22.83 3.28 -32.55
N GLU B 177 23.06 2.50 -33.60
CA GLU B 177 22.14 1.43 -33.99
C GLU B 177 22.75 0.06 -33.76
N GLN B 178 22.52 -0.52 -32.58
CA GLN B 178 23.07 -1.82 -32.30
C GLN B 178 22.15 -2.94 -32.69
N HIS B 179 22.49 -3.54 -33.83
CA HIS B 179 21.78 -4.67 -34.42
C HIS B 179 20.30 -4.45 -34.75
N GLY B 180 20.03 -3.46 -35.59
CA GLY B 180 18.68 -3.16 -36.00
C GLY B 180 17.83 -2.52 -34.92
N GLN B 181 18.47 -2.15 -33.82
CA GLN B 181 17.76 -1.52 -32.72
C GLN B 181 18.39 -0.20 -32.37
N LEU B 182 17.68 0.58 -31.56
CA LEU B 182 18.17 1.88 -31.13
C LEU B 182 18.42 1.95 -29.64
N MET B 183 19.50 2.63 -29.27
CA MET B 183 19.88 2.80 -27.87
C MET B 183 20.65 4.09 -27.72
N SER B 184 20.84 4.53 -26.48
CA SER B 184 21.58 5.75 -26.18
C SER B 184 22.96 5.41 -25.70
N LEU B 185 23.93 6.23 -26.07
CA LEU B 185 25.31 6.02 -25.65
C LEU B 185 25.10 5.48 -24.27
N ALA B 186 24.29 6.22 -23.53
CA ALA B 186 23.96 5.84 -22.18
C ALA B 186 23.58 4.37 -22.19
N ASP B 187 22.36 4.08 -22.60
CA ASP B 187 21.86 2.72 -22.64
C ASP B 187 22.95 1.69 -22.84
N LEU B 188 23.64 1.78 -23.98
CA LEU B 188 24.71 0.84 -24.29
C LEU B 188 25.77 0.75 -23.19
N VAL B 189 26.22 1.89 -22.68
CA VAL B 189 27.23 1.87 -21.64
C VAL B 189 26.72 0.94 -20.56
N GLY B 190 25.40 0.88 -20.47
CA GLY B 190 24.76 0.03 -19.48
C GLY B 190 24.72 -1.41 -19.94
N PHE B 191 24.72 -1.60 -21.27
CA PHE B 191 24.71 -2.94 -21.83
C PHE B 191 26.08 -3.55 -21.55
N HIS B 192 27.12 -2.77 -21.85
CA HIS B 192 28.50 -3.20 -21.63
C HIS B 192 28.76 -3.18 -20.10
N PHE B 193 29.93 -3.66 -19.69
CA PHE B 193 30.30 -3.72 -18.27
C PHE B 193 29.07 -4.10 -17.44
N VAL B 194 28.94 -5.37 -17.10
CA VAL B 194 27.75 -5.79 -16.37
C VAL B 194 27.89 -6.00 -14.86
N ARG B 195 26.73 -6.19 -14.21
CA ARG B 195 26.65 -6.39 -12.76
C ARG B 195 25.63 -7.46 -12.32
N THR B 196 24.64 -7.06 -11.52
CA THR B 196 23.58 -7.96 -11.02
C THR B 196 22.22 -7.33 -10.60
N SER B 197 21.80 -7.64 -9.36
CA SER B 197 20.49 -7.23 -8.75
C SER B 197 20.43 -6.07 -7.69
N MET B 198 19.68 -6.30 -6.60
CA MET B 198 19.49 -5.32 -5.49
C MET B 198 20.40 -5.44 -4.25
N PRO B 199 20.42 -6.62 -3.57
CA PRO B 199 19.70 -7.89 -3.74
C PRO B 199 19.21 -8.58 -2.42
N GLU B 200 19.24 -7.86 -1.29
CA GLU B 200 18.86 -8.41 0.04
C GLU B 200 17.78 -7.66 0.86
N TYR B 201 18.22 -7.28 2.07
CA TYR B 201 17.49 -6.52 3.07
C TYR B 201 17.33 -7.13 4.48
N ILE B 202 17.31 -6.20 5.44
CA ILE B 202 17.15 -6.40 6.89
C ILE B 202 17.50 -4.99 7.33
N ARG B 203 18.53 -4.50 6.65
CA ARG B 203 19.10 -3.18 6.81
C ARG B 203 18.36 -2.20 7.70
N MET B 204 18.21 -2.51 9.00
CA MET B 204 17.52 -1.58 9.90
C MET B 204 17.86 -1.74 11.38
N VAL B 205 18.41 -2.89 11.76
CA VAL B 205 18.80 -3.12 13.17
C VAL B 205 19.84 -2.03 13.47
N GLU B 206 21.00 -2.14 12.82
CA GLU B 206 22.12 -1.21 12.95
C GLU B 206 21.71 0.26 12.96
N ARG B 207 20.52 0.53 12.43
CA ARG B 207 19.98 1.88 12.35
C ARG B 207 19.21 2.29 13.61
N GLY B 208 18.00 1.74 13.80
CA GLY B 208 17.21 2.07 14.97
C GLY B 208 17.76 1.39 16.21
N THR B 209 19.07 1.17 16.20
CA THR B 209 19.80 0.49 17.28
C THR B 209 21.18 1.09 17.56
N LEU B 210 21.42 1.42 18.83
CA LEU B 210 22.70 1.99 19.29
C LEU B 210 23.17 3.15 18.42
N ARG B 211 23.43 2.90 17.14
CA ARG B 211 23.87 3.94 16.19
C ARG B 211 22.94 5.09 16.44
N THR B 212 21.85 4.73 17.11
CA THR B 212 20.81 5.65 17.51
C THR B 212 20.94 5.86 19.04
N PHE B 213 19.94 5.40 19.80
CA PHE B 213 19.92 5.57 21.24
C PHE B 213 21.14 4.94 21.91
N GLY B 214 22.26 5.58 21.63
CA GLY B 214 23.55 5.18 22.12
C GLY B 214 24.41 6.18 21.37
N LYS B 215 23.75 7.27 21.01
CA LYS B 215 24.36 8.35 20.25
C LYS B 215 23.25 9.37 20.15
N GLU B 216 22.03 8.85 20.17
CA GLU B 216 20.86 9.69 20.08
C GLU B 216 20.72 10.43 21.38
N VAL B 217 20.67 9.67 22.47
CA VAL B 217 20.57 10.28 23.76
C VAL B 217 21.68 11.32 23.87
N VAL B 218 21.25 12.55 23.68
CA VAL B 218 22.04 13.77 23.71
C VAL B 218 21.00 14.58 22.95
N PRO B 219 19.92 15.00 23.63
CA PRO B 219 19.45 14.89 25.02
C PRO B 219 20.44 14.66 26.19
N VAL B 220 20.03 13.78 27.11
CA VAL B 220 20.72 13.33 28.34
C VAL B 220 19.70 13.23 29.49
N ALA B 221 18.51 13.76 29.20
CA ALA B 221 17.34 13.81 30.08
C ALA B 221 16.61 15.11 29.80
N ALA B 222 17.39 16.13 29.43
CA ALA B 222 16.87 17.46 29.14
C ALA B 222 16.90 17.77 27.65
N PHE B 223 15.91 18.52 27.21
CA PHE B 223 15.75 18.92 25.80
C PHE B 223 17.01 19.64 25.24
N PHE B 224 16.76 20.57 24.32
CA PHE B 224 17.80 21.33 23.63
C PHE B 224 18.16 20.38 22.50
N SER B 225 17.91 20.75 21.25
CA SER B 225 18.16 19.78 20.20
C SER B 225 18.22 20.11 18.70
N GLY B 226 18.50 19.06 17.93
CA GLY B 226 18.58 19.11 16.48
C GLY B 226 17.34 18.36 16.01
N PHE B 227 16.26 18.64 16.71
CA PHE B 227 14.94 18.08 16.43
C PHE B 227 14.29 19.28 15.76
N VAL B 228 15.12 20.32 15.56
CA VAL B 228 14.65 21.53 14.92
C VAL B 228 14.44 21.15 13.47
N SER B 229 14.71 19.89 13.16
CA SER B 229 14.55 19.39 11.80
C SER B 229 13.08 19.49 11.40
N MET B 230 12.34 20.39 12.04
CA MET B 230 10.94 20.62 11.73
C MET B 230 11.02 21.29 10.36
N MET B 231 11.97 20.78 9.59
CA MET B 231 12.27 21.21 8.26
C MET B 231 11.68 20.18 7.35
N VAL B 232 11.41 19.03 7.95
CA VAL B 232 10.77 17.95 7.23
C VAL B 232 9.77 18.75 6.43
N TYR B 233 9.14 19.71 7.10
CA TYR B 233 8.19 20.56 6.43
C TYR B 233 8.86 20.97 5.13
N PHE B 234 9.87 21.82 5.26
CA PHE B 234 10.62 22.32 4.10
C PHE B 234 10.43 21.40 2.92
N LEU B 235 10.63 20.11 3.16
CA LEU B 235 10.51 19.11 2.12
C LEU B 235 9.14 19.02 1.55
N TRP B 236 8.17 18.69 2.40
CA TRP B 236 6.81 18.55 1.92
C TRP B 236 6.60 19.59 0.84
N TRP B 237 6.64 20.87 1.19
CA TRP B 237 6.50 21.84 0.13
C TRP B 237 7.71 21.52 -0.73
N PHE B 238 7.43 20.78 -1.79
CA PHE B 238 8.43 20.34 -2.73
C PHE B 238 7.66 20.45 -4.02
N VAL B 239 6.35 20.23 -3.88
CA VAL B 239 5.37 20.23 -4.96
C VAL B 239 5.67 21.30 -5.98
N GLY B 240 6.79 21.02 -6.66
CA GLY B 240 7.34 21.84 -7.70
C GLY B 240 8.33 20.84 -8.25
N LYS B 241 8.83 20.00 -7.36
CA LYS B 241 9.75 18.96 -7.76
C LYS B 241 8.89 18.00 -8.54
N TRP B 242 7.63 17.85 -8.10
CA TRP B 242 6.64 16.98 -8.78
C TRP B 242 6.17 17.83 -9.94
N TYR B 243 6.69 19.04 -9.98
CA TYR B 243 6.38 19.93 -11.08
C TYR B 243 7.63 19.77 -11.93
N SER B 244 8.78 19.90 -11.28
CA SER B 244 10.07 19.77 -11.91
C SER B 244 10.14 18.44 -12.63
N THR B 245 8.98 17.86 -12.86
CA THR B 245 8.85 16.60 -13.57
C THR B 245 8.36 16.91 -14.95
N THR B 246 7.19 17.49 -15.01
CA THR B 246 6.58 17.79 -16.28
C THR B 246 7.43 18.75 -17.10
N LYS B 247 8.70 18.41 -17.16
CA LYS B 247 9.71 19.09 -17.91
C LYS B 247 10.20 17.81 -18.53
N VAL B 248 9.22 17.06 -18.99
CA VAL B 248 9.38 15.79 -19.64
C VAL B 248 8.24 15.78 -20.64
N ILE B 249 8.42 16.60 -21.68
CA ILE B 249 7.48 16.81 -22.78
C ILE B 249 6.04 16.71 -22.28
N ILE C 18 48.22 24.27 28.75
CA ILE C 18 46.91 24.33 29.45
C ILE C 18 45.75 24.88 28.57
N VAL C 19 45.02 23.94 27.93
CA VAL C 19 43.85 24.15 27.04
C VAL C 19 43.93 23.24 25.82
N ASP C 20 44.78 22.23 25.97
CA ASP C 20 45.08 21.17 25.00
C ASP C 20 45.26 21.46 23.50
N LEU C 21 46.00 20.53 22.89
CA LEU C 21 46.34 20.50 21.47
C LEU C 21 45.54 19.35 20.83
N ARG C 22 46.16 18.67 19.87
CA ARG C 22 45.52 17.56 19.19
C ARG C 22 45.56 16.25 19.96
N GLY C 23 44.55 16.00 20.79
CA GLY C 23 44.51 14.73 21.48
C GLY C 23 44.04 13.81 20.35
N MET C 24 43.72 14.47 19.24
CA MET C 24 43.24 13.85 18.00
C MET C 24 44.35 13.18 17.28
N TRP C 25 45.56 13.35 17.79
CA TRP C 25 46.71 12.73 17.17
C TRP C 25 46.30 11.28 16.99
N VAL C 26 46.40 10.51 18.08
CA VAL C 26 46.05 9.10 18.09
C VAL C 26 44.76 8.89 17.28
N GLY C 27 43.84 9.84 17.41
CA GLY C 27 42.56 9.77 16.72
C GLY C 27 42.65 9.68 15.21
N VAL C 28 42.40 10.80 14.55
CA VAL C 28 42.45 10.83 13.09
C VAL C 28 43.52 9.86 12.58
N ALA C 29 44.76 10.05 13.03
CA ALA C 29 45.86 9.20 12.61
C ALA C 29 45.48 7.73 12.82
N GLY C 30 45.49 7.31 14.08
CA GLY C 30 45.16 5.93 14.43
C GLY C 30 43.95 5.33 13.73
N LEU C 31 43.23 6.15 12.98
CA LEU C 31 42.04 5.69 12.27
C LEU C 31 42.28 5.70 10.76
N ASN C 32 42.35 6.89 10.18
CA ASN C 32 42.56 7.04 8.73
C ASN C 32 43.52 6.00 8.15
N ILE C 33 44.55 5.64 8.90
CA ILE C 33 45.47 4.65 8.40
C ILE C 33 44.84 3.27 8.55
N PHE C 34 44.33 2.97 9.75
CA PHE C 34 43.70 1.69 10.00
C PHE C 34 42.69 1.43 8.90
N TYR C 35 41.63 2.24 8.90
CA TYR C 35 40.57 2.12 7.92
C TYR C 35 41.13 2.05 6.50
N LEU C 36 41.94 3.04 6.11
CA LEU C 36 42.53 3.06 4.77
C LEU C 36 43.06 1.68 4.42
N ILE C 37 44.02 1.24 5.20
CA ILE C 37 44.63 -0.05 5.03
C ILE C 37 43.57 -1.13 4.80
N VAL C 38 42.59 -1.19 5.69
CA VAL C 38 41.51 -2.17 5.58
C VAL C 38 40.97 -2.22 4.17
N ARG C 39 41.03 -1.09 3.49
CA ARG C 39 40.56 -1.00 2.12
C ARG C 39 41.56 -1.69 1.20
N ILE C 40 42.84 -1.64 1.60
CA ILE C 40 43.88 -2.30 0.82
C ILE C 40 43.74 -3.80 1.01
N TYR C 41 43.72 -4.25 2.27
CA TYR C 41 43.58 -5.68 2.56
C TYR C 41 42.35 -6.29 1.89
N GLU C 42 41.29 -5.51 1.75
CA GLU C 42 40.07 -6.01 1.10
C GLU C 42 40.22 -5.99 -0.42
N GLN C 43 41.31 -5.37 -0.87
CA GLN C 43 41.62 -5.28 -2.29
C GLN C 43 42.12 -6.67 -2.71
N ILE C 44 42.99 -7.23 -1.88
CA ILE C 44 43.58 -8.55 -2.11
C ILE C 44 42.58 -9.65 -1.80
N TYR C 45 42.78 -10.29 -0.65
CA TYR C 45 41.96 -11.42 -0.17
C TYR C 45 40.49 -11.48 -0.62
N GLY C 46 39.68 -10.51 -0.22
CA GLY C 46 38.28 -10.53 -0.60
C GLY C 46 38.12 -10.63 -2.10
N TRP C 47 39.06 -10.05 -2.83
CA TRP C 47 39.03 -10.05 -4.28
C TRP C 47 40.06 -10.98 -4.91
N ARG C 48 40.25 -12.13 -4.27
CA ARG C 48 41.21 -13.13 -4.71
C ARG C 48 41.33 -14.17 -3.60
N ALA C 49 40.21 -14.48 -2.97
CA ALA C 49 40.13 -15.44 -1.88
C ALA C 49 38.73 -15.39 -1.29
N GLY C 50 38.41 -14.23 -0.72
CA GLY C 50 37.11 -14.02 -0.13
C GLY C 50 36.08 -13.73 -1.21
N LEU C 51 36.18 -14.43 -2.35
CA LEU C 51 35.25 -14.26 -3.46
C LEU C 51 34.20 -15.37 -3.52
N ASP C 52 34.19 -16.21 -2.48
CA ASP C 52 33.26 -17.33 -2.32
C ASP C 52 33.37 -17.86 -0.89
N SER C 53 32.23 -17.91 -0.18
CA SER C 53 32.16 -18.36 1.22
C SER C 53 32.47 -19.84 1.46
N PHE C 54 32.34 -20.66 0.41
CA PHE C 54 32.60 -22.09 0.51
C PHE C 54 34.07 -22.36 0.19
N ALA C 55 34.73 -21.34 -0.38
CA ALA C 55 36.16 -21.40 -0.75
C ALA C 55 37.06 -21.01 0.44
N PRO C 56 37.70 -22.01 1.10
CA PRO C 56 38.60 -21.88 2.25
C PRO C 56 39.42 -20.59 2.36
N GLU C 57 40.01 -20.17 1.24
CA GLU C 57 40.84 -18.96 1.18
C GLU C 57 40.05 -17.76 1.72
N PHE C 58 38.77 -18.02 1.97
CA PHE C 58 37.79 -17.07 2.46
C PHE C 58 37.75 -17.09 4.00
N GLN C 59 37.55 -18.28 4.56
CA GLN C 59 37.47 -18.45 6.00
C GLN C 59 38.79 -18.43 6.74
N THR C 60 39.83 -17.92 6.10
CA THR C 60 41.15 -17.85 6.75
C THR C 60 41.84 -16.54 6.40
N TYR C 61 41.79 -16.21 5.12
CA TYR C 61 42.37 -14.99 4.61
C TYR C 61 41.27 -14.06 4.17
N TRP C 62 40.30 -13.89 5.07
CA TRP C 62 39.16 -13.02 4.84
C TRP C 62 38.13 -13.02 5.97
N LEU C 63 37.32 -14.07 6.02
CA LEU C 63 36.28 -14.21 7.05
C LEU C 63 36.94 -14.16 8.44
N SER C 64 38.27 -13.98 8.40
CA SER C 64 39.10 -13.91 9.60
C SER C 64 38.82 -12.59 10.31
N ILE C 65 38.68 -11.54 9.52
CA ILE C 65 38.39 -10.23 10.07
C ILE C 65 36.92 -10.14 10.49
N LEU C 66 36.45 -11.13 11.25
CA LEU C 66 35.06 -11.14 11.72
C LEU C 66 35.00 -11.49 13.20
N TRP C 67 35.54 -12.65 13.54
CA TRP C 67 35.58 -13.09 14.92
C TRP C 67 36.80 -12.38 15.46
N THR C 68 37.25 -11.44 14.65
CA THR C 68 38.40 -10.59 14.91
C THR C 68 37.89 -9.17 15.19
N GLU C 69 36.74 -8.82 14.61
CA GLU C 69 36.14 -7.48 14.78
C GLU C 69 35.07 -7.39 15.89
N ILE C 70 34.18 -8.37 15.95
CA ILE C 70 33.15 -8.37 16.98
C ILE C 70 33.75 -8.45 18.36
N PRO C 71 34.73 -9.33 18.55
CA PRO C 71 35.39 -9.46 19.86
C PRO C 71 35.74 -8.08 20.40
N LEU C 72 36.60 -7.39 19.65
CA LEU C 72 37.07 -6.05 19.97
C LEU C 72 35.91 -5.08 20.23
N GLU C 73 34.99 -5.00 19.27
CA GLU C 73 33.83 -4.10 19.33
C GLU C 73 32.82 -4.44 20.45
N LEU C 74 33.31 -5.04 21.51
CA LEU C 74 32.50 -5.40 22.66
C LEU C 74 33.35 -5.03 23.85
N VAL C 75 34.62 -5.42 23.78
CA VAL C 75 35.56 -5.11 24.83
C VAL C 75 35.83 -3.62 24.67
N SER C 76 35.83 -3.16 23.42
CA SER C 76 36.04 -1.75 23.14
C SER C 76 34.81 -0.97 23.59
N GLY C 77 33.63 -1.45 23.21
CA GLY C 77 32.40 -0.79 23.61
C GLY C 77 32.43 -0.58 25.10
N LEU C 78 32.72 -1.65 25.83
CA LEU C 78 32.78 -1.57 27.27
C LEU C 78 34.06 -0.88 27.72
N ALA C 79 35.10 -0.96 26.88
CA ALA C 79 36.40 -0.34 27.20
C ALA C 79 36.19 1.07 27.70
N LEU C 80 35.70 1.93 26.83
CA LEU C 80 35.45 3.30 27.21
C LEU C 80 34.48 3.32 28.38
N ALA C 81 33.54 2.38 28.41
CA ALA C 81 32.58 2.33 29.52
C ALA C 81 33.31 2.38 30.86
N GLY C 82 34.31 1.52 31.02
CA GLY C 82 35.05 1.49 32.27
C GLY C 82 35.97 2.68 32.44
N TRP C 83 37.07 2.68 31.69
CA TRP C 83 38.05 3.75 31.75
C TRP C 83 37.32 5.09 31.81
N LEU C 84 36.69 5.47 30.71
CA LEU C 84 35.98 6.75 30.64
C LEU C 84 35.02 7.02 31.78
N TRP C 85 34.78 6.05 32.65
CA TRP C 85 33.89 6.28 33.77
C TRP C 85 34.62 6.59 35.06
N LYS C 86 35.19 5.54 35.63
CA LYS C 86 35.91 5.66 36.88
C LYS C 86 37.01 6.71 36.75
N THR C 87 37.05 7.37 35.60
CA THR C 87 38.04 8.42 35.35
C THR C 87 37.30 9.73 35.16
N ARG C 88 36.20 9.86 35.90
CA ARG C 88 35.40 11.06 35.84
C ARG C 88 35.71 11.90 37.07
N ASP C 89 35.52 13.20 36.95
CA ASP C 89 35.78 14.12 38.04
C ASP C 89 35.12 13.67 39.35
N ARG C 90 34.10 12.82 39.27
CA ARG C 90 33.40 12.36 40.48
C ARG C 90 32.81 13.61 41.12
N ASN C 91 33.65 14.29 41.88
CA ASN C 91 33.28 15.52 42.53
C ASN C 91 33.29 16.54 41.39
N VAL C 92 32.55 16.20 40.33
CA VAL C 92 32.49 17.06 39.16
C VAL C 92 31.82 18.39 39.46
N ASP C 93 30.71 18.65 38.79
CA ASP C 93 29.94 19.90 38.91
C ASP C 93 30.79 21.07 39.41
N ALA C 94 31.04 21.16 40.70
CA ALA C 94 31.88 22.24 41.21
C ALA C 94 33.25 22.03 40.56
N VAL C 95 33.55 22.78 39.49
CA VAL C 95 34.84 22.62 38.82
C VAL C 95 35.42 23.90 38.21
N ALA C 96 36.75 23.89 38.08
CA ALA C 96 37.54 24.99 37.53
C ALA C 96 36.92 25.62 36.29
N PRO C 97 36.33 26.81 36.44
CA PRO C 97 35.70 27.49 35.30
C PRO C 97 36.64 27.63 34.11
N ARG C 98 37.90 27.26 34.31
CA ARG C 98 38.83 27.33 33.19
C ARG C 98 38.80 25.93 32.59
N GLU C 99 38.70 24.94 33.48
CA GLU C 99 38.66 23.55 33.08
C GLU C 99 37.45 23.18 32.23
N GLU C 100 36.29 23.72 32.56
CA GLU C 100 35.12 23.39 31.77
C GLU C 100 35.47 23.67 30.31
N LEU C 101 35.50 24.95 29.92
CA LEU C 101 35.82 25.30 28.52
C LEU C 101 37.26 24.90 28.22
N ARG C 102 37.56 23.66 28.58
CA ARG C 102 38.86 23.05 28.36
C ARG C 102 38.57 21.56 28.25
N ARG C 103 37.57 21.12 29.01
CA ARG C 103 37.15 19.72 28.98
C ARG C 103 36.21 19.56 27.80
N HIS C 104 35.92 20.66 27.11
CA HIS C 104 35.07 20.63 25.94
C HIS C 104 36.03 20.59 24.80
N VAL C 105 37.00 21.48 24.87
CA VAL C 105 38.04 21.54 23.87
C VAL C 105 38.26 20.07 23.50
N VAL C 106 38.14 19.22 24.52
CA VAL C 106 38.31 17.79 24.34
C VAL C 106 37.00 17.18 23.85
N LEU C 107 35.93 17.36 24.61
CA LEU C 107 34.66 16.80 24.20
C LEU C 107 34.49 17.11 22.71
N VAL C 108 34.47 18.41 22.38
CA VAL C 108 34.31 18.88 20.99
C VAL C 108 35.49 18.47 20.13
N GLU C 109 36.22 17.47 20.59
CA GLU C 109 37.36 16.93 19.85
C GLU C 109 36.92 15.54 19.42
N TRP C 110 36.33 14.81 20.36
CA TRP C 110 35.85 13.47 20.07
C TRP C 110 34.84 13.49 18.98
N LEU C 111 33.81 14.28 19.15
CA LEU C 111 32.77 14.36 18.14
C LEU C 111 33.37 14.75 16.79
N VAL C 112 34.68 15.03 16.76
CA VAL C 112 35.32 15.37 15.51
C VAL C 112 35.93 14.11 14.95
N VAL C 113 36.32 13.22 15.85
CA VAL C 113 36.88 11.95 15.42
C VAL C 113 35.64 11.15 15.10
N TYR C 114 34.70 11.15 16.04
CA TYR C 114 33.44 10.45 15.87
C TYR C 114 32.96 10.88 14.52
N ALA C 115 33.25 12.14 14.20
CA ALA C 115 32.86 12.70 12.93
C ALA C 115 33.40 11.79 11.84
N VAL C 116 34.54 12.16 11.28
CA VAL C 116 35.14 11.34 10.24
C VAL C 116 34.80 9.86 10.49
N ALA C 117 34.91 9.41 11.73
CA ALA C 117 34.61 8.03 12.06
C ALA C 117 33.34 7.58 11.34
N ILE C 118 32.29 8.39 11.43
CA ILE C 118 31.02 8.07 10.78
C ILE C 118 31.23 7.92 9.29
N TYR C 119 31.73 8.98 8.67
CA TYR C 119 31.97 9.01 7.23
C TYR C 119 32.29 7.64 6.62
N TRP C 120 33.07 6.84 7.33
CA TRP C 120 33.41 5.54 6.81
C TRP C 120 32.21 4.61 6.86
N GLY C 121 31.50 4.63 8.00
CA GLY C 121 30.33 3.79 8.14
C GLY C 121 29.09 4.40 7.52
N ALA C 122 29.27 5.38 6.66
CA ALA C 122 28.14 6.01 6.03
C ALA C 122 28.43 6.37 4.57
N SER C 123 29.62 6.88 4.30
CA SER C 123 29.97 7.25 2.92
C SER C 123 31.03 6.34 2.33
N PHE C 124 31.32 5.24 3.00
CA PHE C 124 32.27 4.32 2.45
C PHE C 124 31.72 2.91 2.43
N PHE C 125 32.04 2.14 3.45
CA PHE C 125 31.54 0.77 3.48
C PHE C 125 30.03 0.70 3.59
N THR C 126 29.39 1.84 3.34
CA THR C 126 27.94 1.92 3.36
C THR C 126 27.50 1.97 1.90
N GLU C 127 28.30 2.63 1.07
CA GLU C 127 27.99 2.70 -0.34
C GLU C 127 28.92 1.81 -1.13
N GLN C 128 30.00 1.35 -0.51
CA GLN C 128 30.93 0.45 -1.20
C GLN C 128 30.20 -0.89 -1.35
N ASP C 129 29.31 -1.14 -0.40
CA ASP C 129 28.52 -2.37 -0.39
C ASP C 129 27.47 -2.30 -1.48
N GLY C 130 27.47 -1.19 -2.21
CA GLY C 130 26.51 -0.98 -3.29
C GLY C 130 27.13 -1.30 -4.63
N THR C 131 28.46 -1.36 -4.66
CA THR C 131 29.20 -1.69 -5.87
C THR C 131 29.42 -3.18 -5.80
N TRP C 132 29.50 -3.68 -4.57
CA TRP C 132 29.70 -5.08 -4.34
C TRP C 132 28.43 -5.83 -4.75
N HIS C 133 27.27 -5.29 -4.37
CA HIS C 133 25.99 -5.93 -4.73
C HIS C 133 26.05 -6.19 -6.23
N MET C 134 26.52 -5.17 -6.94
CA MET C 134 26.64 -5.18 -8.38
C MET C 134 27.94 -5.78 -8.91
N THR C 135 28.27 -6.97 -8.40
CA THR C 135 29.45 -7.73 -8.81
C THR C 135 29.04 -9.19 -8.67
N VAL C 136 29.14 -9.71 -7.45
CA VAL C 136 28.77 -11.08 -7.14
C VAL C 136 27.27 -11.25 -6.96
N ILE C 137 26.80 -12.45 -7.30
CA ILE C 137 25.40 -12.83 -7.19
C ILE C 137 25.23 -13.27 -5.75
N ARG C 138 25.60 -12.35 -4.86
CA ARG C 138 25.56 -12.51 -3.40
C ARG C 138 25.72 -13.94 -2.88
N ASP C 139 26.73 -14.12 -2.03
CA ASP C 139 27.00 -15.42 -1.39
C ASP C 139 26.15 -15.39 -0.11
N THR C 140 26.68 -14.75 0.94
CA THR C 140 25.93 -14.61 2.19
C THR C 140 26.05 -13.13 2.54
N ASP C 141 25.48 -12.77 3.68
CA ASP C 141 25.50 -11.39 4.16
C ASP C 141 26.91 -11.22 4.75
N PHE C 142 27.80 -12.13 4.35
CA PHE C 142 29.17 -12.17 4.81
C PHE C 142 30.20 -11.95 3.69
N THR C 143 29.84 -11.13 2.71
CA THR C 143 30.78 -10.81 1.65
C THR C 143 31.68 -9.73 2.22
N PRO C 144 32.65 -9.23 1.44
CA PRO C 144 33.57 -8.18 1.92
C PRO C 144 32.98 -6.87 2.42
N SER C 145 32.49 -6.03 1.51
CA SER C 145 31.90 -4.76 1.90
C SER C 145 30.85 -5.03 2.98
N HIS C 146 30.10 -6.12 2.78
CA HIS C 146 29.04 -6.56 3.68
C HIS C 146 29.56 -6.92 5.08
N ILE C 147 30.84 -7.29 5.16
CA ILE C 147 31.48 -7.67 6.42
C ILE C 147 32.07 -6.45 7.14
N ILE C 148 32.56 -5.48 6.37
CA ILE C 148 33.14 -4.29 6.96
C ILE C 148 32.11 -3.18 7.14
N GLU C 149 30.84 -3.51 6.94
CA GLU C 149 29.80 -2.50 7.13
C GLU C 149 28.88 -2.97 8.24
N PHE C 150 27.89 -3.76 7.84
CA PHE C 150 26.91 -4.31 8.74
C PHE C 150 27.55 -4.80 10.05
N TYR C 151 28.81 -5.22 9.97
CA TYR C 151 29.51 -5.73 11.14
C TYR C 151 30.68 -4.89 11.61
N MET C 152 31.41 -4.30 10.68
CA MET C 152 32.54 -3.48 11.07
C MET C 152 32.21 -2.01 11.29
N SER C 153 32.40 -1.21 10.24
CA SER C 153 32.21 0.24 10.29
C SER C 153 31.26 0.81 11.33
N TYR C 154 29.98 0.41 11.30
CA TYR C 154 29.06 0.94 12.31
C TYR C 154 29.56 0.54 13.70
N PRO C 155 29.51 -0.76 14.05
CA PRO C 155 30.02 -1.03 15.40
C PRO C 155 31.42 -0.42 15.55
N ILE C 156 32.20 -0.43 14.46
CA ILE C 156 33.57 0.13 14.44
C ILE C 156 33.73 1.44 15.18
N TYR C 157 32.80 2.36 15.01
CA TYR C 157 32.92 3.60 15.71
C TYR C 157 31.73 3.80 16.61
N SER C 158 30.84 2.81 16.64
CA SER C 158 29.71 2.92 17.51
C SER C 158 30.26 3.27 18.86
N ILE C 159 31.44 2.73 19.16
CA ILE C 159 32.10 2.99 20.45
C ILE C 159 32.38 4.47 20.56
N MET C 160 33.13 4.99 19.60
CA MET C 160 33.47 6.41 19.60
C MET C 160 32.35 7.16 20.28
N ALA C 161 31.17 7.08 19.68
CA ALA C 161 30.02 7.76 20.23
C ALA C 161 29.85 7.42 21.72
N VAL C 162 29.57 6.16 22.04
CA VAL C 162 29.37 5.77 23.43
C VAL C 162 30.42 6.34 24.36
N GLY C 163 31.45 6.94 23.81
CA GLY C 163 32.48 7.54 24.64
C GLY C 163 32.40 9.05 24.61
N ALA C 164 32.28 9.61 23.40
CA ALA C 164 32.22 11.05 23.22
C ALA C 164 30.95 11.68 23.78
N PHE C 165 30.36 10.99 24.73
CA PHE C 165 29.17 11.48 25.38
C PHE C 165 29.40 10.89 26.74
N PHE C 166 29.97 9.68 26.75
CA PHE C 166 30.26 8.99 28.00
C PHE C 166 31.32 9.78 28.74
N TYR C 167 32.20 10.40 27.97
CA TYR C 167 33.26 11.23 28.49
C TYR C 167 32.58 12.50 28.97
N ALA C 168 31.86 13.12 28.03
CA ALA C 168 31.15 14.37 28.24
C ALA C 168 30.14 14.42 29.38
N LYS C 169 29.65 13.27 29.80
CA LYS C 169 28.68 13.28 30.89
C LYS C 169 29.44 13.23 32.20
N THR C 170 30.60 12.58 32.18
CA THR C 170 31.44 12.44 33.37
C THR C 170 32.83 13.01 33.13
N ARG C 171 32.91 14.33 33.20
CA ARG C 171 34.13 15.11 32.98
C ARG C 171 33.66 16.53 32.58
N ILE C 172 32.34 16.73 32.59
CA ILE C 172 31.68 18.01 32.27
C ILE C 172 30.38 18.18 33.09
N PRO C 173 30.10 19.41 33.53
CA PRO C 173 28.93 19.71 34.33
C PRO C 173 27.59 19.36 33.72
N TYR C 174 27.09 20.30 32.91
CA TYR C 174 25.80 20.20 32.24
C TYR C 174 25.27 18.80 32.04
N PHE C 175 26.10 17.95 31.45
CA PHE C 175 25.69 16.59 31.17
C PHE C 175 25.64 15.78 32.46
N ALA C 176 24.53 15.97 33.17
CA ALA C 176 24.22 15.32 34.44
C ALA C 176 22.69 15.14 34.55
N UNK D 1 18.46 9.35 10.30
CA UNK D 1 17.61 10.17 11.20
C UNK D 1 18.34 10.56 12.51
N UNK D 2 19.04 9.56 13.08
CA UNK D 2 19.80 9.62 14.34
C UNK D 2 21.02 10.53 14.23
N UNK D 3 21.90 10.13 13.32
CA UNK D 3 23.11 10.85 13.06
C UNK D 3 22.85 12.32 12.67
N UNK D 4 21.78 12.53 11.89
CA UNK D 4 21.40 13.87 11.42
C UNK D 4 21.24 14.86 12.56
N UNK D 5 21.16 14.32 13.80
CA UNK D 5 20.96 15.10 15.05
C UNK D 5 22.16 15.30 16.04
N UNK D 6 23.30 14.63 15.76
CA UNK D 6 24.53 14.80 16.56
C UNK D 6 24.84 16.28 16.33
N UNK D 7 23.91 16.84 15.55
CA UNK D 7 23.81 18.23 15.13
C UNK D 7 23.76 19.02 16.42
N UNK D 8 22.63 19.68 16.66
CA UNK D 8 22.46 20.51 17.87
C UNK D 8 22.96 19.79 19.12
N UNK D 9 22.76 18.47 19.10
CA UNK D 9 23.17 17.58 20.17
C UNK D 9 24.43 18.18 20.80
N UNK D 10 25.53 17.85 20.16
CA UNK D 10 26.84 18.31 20.56
C UNK D 10 27.02 19.78 20.18
N UNK D 11 26.88 20.03 18.88
CA UNK D 11 27.03 21.37 18.30
C UNK D 11 26.37 22.48 19.11
N UNK D 12 25.04 22.48 19.11
CA UNK D 12 24.29 23.48 19.84
C UNK D 12 24.52 23.40 21.36
N UNK D 13 24.51 22.19 21.93
CA UNK D 13 24.68 22.02 23.39
C UNK D 13 26.05 22.46 23.97
N UNK D 14 27.14 22.03 23.33
CA UNK D 14 28.51 22.38 23.75
C UNK D 14 28.77 23.87 23.43
N UNK D 15 28.21 24.32 22.29
CA UNK D 15 28.35 25.71 21.81
C UNK D 15 27.62 26.72 22.73
N UNK D 16 26.71 26.24 23.58
CA UNK D 16 25.96 27.09 24.52
C UNK D 16 26.72 27.16 25.85
N UNK D 17 27.46 26.08 26.13
CA UNK D 17 28.26 26.01 27.35
C UNK D 17 29.44 26.96 27.14
N UNK D 18 30.00 26.88 25.92
CA UNK D 18 31.13 27.72 25.50
C UNK D 18 30.63 29.18 25.43
N UNK D 19 29.31 29.36 25.28
CA UNK D 19 28.62 30.69 25.21
C UNK D 19 28.61 31.43 26.56
N UNK D 20 29.47 30.90 27.45
CA UNK D 20 29.74 31.36 28.83
C UNK D 20 31.22 30.96 29.18
N UNK E 1 44.47 -15.08 9.93
CA UNK E 1 45.92 -15.32 9.59
C UNK E 1 46.73 -13.98 9.39
N UNK E 2 47.01 -13.64 8.11
CA UNK E 2 47.67 -12.37 7.66
C UNK E 2 46.42 -11.44 7.53
N UNK E 3 45.29 -12.18 7.52
CA UNK E 3 43.89 -11.75 7.49
C UNK E 3 43.63 -11.38 8.96
N UNK E 4 43.90 -12.34 9.85
CA UNK E 4 43.79 -12.15 11.30
C UNK E 4 44.84 -11.08 11.65
N UNK E 5 46.00 -11.16 10.97
CA UNK E 5 47.12 -10.20 11.13
C UNK E 5 46.65 -8.80 10.70
N UNK E 6 46.14 -8.74 9.47
CA UNK E 6 45.58 -7.49 8.96
C UNK E 6 44.50 -7.16 10.01
N UNK E 7 43.41 -7.95 9.94
CA UNK E 7 42.26 -7.85 10.85
C UNK E 7 42.66 -7.61 12.31
N UNK E 8 42.68 -8.73 13.02
CA UNK E 8 43.00 -8.82 14.44
C UNK E 8 44.27 -8.08 14.91
N UNK E 9 45.37 -8.24 14.15
CA UNK E 9 46.66 -7.61 14.49
C UNK E 9 46.58 -6.08 14.28
N UNK E 10 46.09 -5.65 13.11
CA UNK E 10 45.95 -4.21 12.84
C UNK E 10 44.91 -3.61 13.81
N UNK E 11 43.85 -4.40 14.07
CA UNK E 11 42.70 -4.09 14.96
C UNK E 11 43.13 -4.04 16.45
N UNK E 12 43.85 -5.09 16.88
CA UNK E 12 44.39 -5.20 18.25
C UNK E 12 45.44 -4.08 18.44
N UNK E 13 46.06 -3.73 17.30
CA UNK E 13 47.07 -2.66 17.13
C UNK E 13 46.42 -1.33 17.54
N UNK E 14 45.37 -0.94 16.79
CA UNK E 14 44.58 0.28 17.03
C UNK E 14 44.07 0.23 18.50
N UNK E 15 43.55 -0.96 18.88
CA UNK E 15 43.02 -1.28 20.21
C UNK E 15 43.99 -0.94 21.39
N UNK E 16 45.09 -1.70 21.43
CA UNK E 16 46.14 -1.60 22.44
C UNK E 16 47.05 -0.33 22.31
N UNK E 17 47.20 0.14 21.05
CA UNK E 17 47.99 1.35 20.70
C UNK E 17 47.27 2.60 21.18
N UNK E 18 45.97 2.68 20.85
CA UNK E 18 45.07 3.79 21.21
C UNK E 18 44.90 3.76 22.73
N UNK E 19 44.80 2.53 23.21
CA UNK E 19 44.69 2.17 24.63
C UNK E 19 45.97 2.69 25.35
N UNK E 20 47.09 2.26 24.79
CA UNK E 20 48.40 2.63 25.28
C UNK E 20 48.56 4.16 25.08
N UNK E 21 48.56 4.56 23.80
CA UNK E 21 48.74 5.94 23.32
C UNK E 21 47.89 6.99 24.01
N UNK E 22 46.59 6.90 23.72
CA UNK E 22 45.54 7.80 24.22
C UNK E 22 45.42 7.77 25.75
N UNK E 23 45.35 6.56 26.30
CA UNK E 23 45.22 6.32 27.75
C UNK E 23 46.54 6.65 28.49
N UNK E 24 47.63 6.80 27.70
CA UNK E 24 49.00 7.17 28.22
C UNK E 24 49.16 8.73 28.02
N UNK E 25 48.53 9.19 26.90
CA UNK E 25 48.40 10.61 26.47
C UNK E 25 47.41 11.16 27.53
N UNK E 26 46.52 10.22 27.88
CA UNK E 26 45.47 10.31 28.91
C UNK E 26 45.83 9.35 30.10
N HIS F 1 -25.65 -25.78 5.90
CA HIS F 1 -24.17 -26.02 6.01
C HIS F 1 -23.45 -25.11 5.02
N GLY F 2 -24.10 -24.02 4.64
CA GLY F 2 -23.54 -23.07 3.71
C GLY F 2 -24.57 -22.52 2.74
N GLU F 3 -24.22 -22.56 1.46
CA GLU F 3 -25.03 -22.10 0.32
C GLU F 3 -26.26 -21.26 0.59
N LYS F 4 -27.13 -21.18 -0.41
CA LYS F 4 -28.36 -20.40 -0.36
C LYS F 4 -27.94 -18.93 -0.23
N SER F 5 -27.27 -18.66 0.88
CA SER F 5 -26.74 -17.35 1.18
C SER F 5 -25.50 -17.24 0.31
N GLN F 6 -25.72 -17.24 -1.00
CA GLN F 6 -24.64 -17.12 -1.97
C GLN F 6 -25.29 -16.65 -3.24
N GLN F 7 -25.45 -15.35 -3.38
CA GLN F 7 -26.09 -14.80 -4.58
C GLN F 7 -25.89 -15.72 -5.78
N ALA F 8 -26.97 -16.36 -6.21
CA ALA F 8 -26.95 -17.29 -7.33
C ALA F 8 -25.89 -16.88 -8.36
N PHE F 9 -26.24 -15.87 -9.14
CA PHE F 9 -25.37 -15.28 -10.16
C PHE F 9 -24.01 -15.96 -10.23
N LEU F 10 -23.17 -15.71 -9.23
CA LEU F 10 -21.85 -16.30 -9.21
C LEU F 10 -21.86 -17.79 -8.92
N ARG F 11 -22.58 -18.19 -7.88
CA ARG F 11 -22.64 -19.59 -7.53
C ARG F 11 -22.96 -20.40 -8.77
N MET F 12 -23.58 -19.75 -9.75
CA MET F 12 -23.98 -20.41 -10.99
C MET F 12 -23.07 -20.15 -12.19
N ARG F 13 -21.89 -19.59 -11.95
CA ARG F 13 -20.96 -19.29 -13.03
C ARG F 13 -19.49 -19.52 -12.65
N THR F 14 -19.28 -20.13 -11.49
CA THR F 14 -17.93 -20.38 -11.03
C THR F 14 -17.55 -21.84 -11.22
N LEU F 15 -18.38 -22.76 -10.75
CA LEU F 15 -18.10 -24.18 -10.91
C LEU F 15 -19.35 -25.04 -11.15
N ASN F 16 -19.31 -25.81 -12.23
CA ASN F 16 -20.40 -26.70 -12.64
C ASN F 16 -20.18 -28.11 -12.07
N TRP F 17 -21.06 -28.47 -11.14
CA TRP F 17 -21.00 -29.75 -10.44
C TRP F 17 -21.92 -30.88 -10.93
N TYR F 18 -21.33 -31.83 -11.66
CA TYR F 18 -22.09 -32.96 -12.15
C TYR F 18 -21.41 -34.22 -11.62
N ASP F 19 -22.05 -35.38 -11.82
CA ASP F 19 -21.50 -36.66 -11.36
C ASP F 19 -21.01 -36.61 -9.91
N VAL F 20 -21.94 -36.46 -8.97
CA VAL F 20 -21.57 -36.36 -7.57
C VAL F 20 -22.22 -37.47 -6.73
N LYS F 21 -21.39 -38.30 -6.11
CA LYS F 21 -21.91 -39.38 -5.28
C LYS F 21 -21.11 -39.51 -3.99
N TRP F 22 -21.45 -40.53 -3.20
CA TRP F 22 -20.78 -40.79 -1.93
C TRP F 22 -20.62 -42.27 -1.63
N SER F 23 -19.37 -42.70 -1.49
CA SER F 23 -19.03 -44.08 -1.18
C SER F 23 -20.04 -44.75 -0.23
N LYS F 24 -19.85 -44.52 1.07
CA LYS F 24 -20.73 -45.08 2.08
C LYS F 24 -21.91 -44.13 2.26
N THR F 25 -22.48 -44.12 3.45
CA THR F 25 -23.59 -43.25 3.81
C THR F 25 -23.69 -43.42 5.32
N SER F 26 -23.20 -44.56 5.76
CA SER F 26 -23.21 -44.91 7.17
C SER F 26 -21.86 -45.49 7.57
N LEU F 27 -20.81 -44.70 7.45
CA LEU F 27 -19.51 -45.16 7.85
C LEU F 27 -19.58 -45.15 9.36
N ASN F 28 -18.70 -45.91 9.98
CA ASN F 28 -18.69 -45.96 11.41
C ASN F 28 -17.36 -45.44 11.90
N VAL F 29 -17.28 -45.22 13.20
CA VAL F 29 -16.09 -44.71 13.85
C VAL F 29 -14.78 -44.72 13.04
N ASN F 30 -14.58 -45.70 12.16
CA ASN F 30 -13.33 -45.70 11.40
C ASN F 30 -13.41 -46.13 9.93
N GLU F 31 -14.61 -46.32 9.39
CA GLU F 31 -14.76 -46.73 7.99
C GLU F 31 -14.61 -45.54 7.02
N SER F 32 -13.86 -45.72 5.94
CA SER F 32 -13.64 -44.67 4.94
C SER F 32 -14.78 -44.47 3.94
N MET F 33 -14.94 -43.24 3.48
CA MET F 33 -15.95 -42.95 2.47
C MET F 33 -15.29 -42.08 1.43
N VAL F 34 -15.91 -41.97 0.26
CA VAL F 34 -15.34 -41.17 -0.79
C VAL F 34 -16.33 -40.21 -1.42
N LEU F 35 -15.97 -38.94 -1.41
CA LEU F 35 -16.79 -37.93 -2.03
C LEU F 35 -16.62 -38.22 -3.50
N SER F 36 -17.68 -38.16 -4.27
CA SER F 36 -17.57 -38.47 -5.69
C SER F 36 -18.01 -37.32 -6.56
N GLY F 37 -17.09 -36.82 -7.40
CA GLY F 37 -17.44 -35.72 -8.26
C GLY F 37 -16.53 -35.33 -9.43
N LYS F 38 -17.18 -34.84 -10.49
CA LYS F 38 -16.53 -34.37 -11.69
C LYS F 38 -17.09 -32.96 -11.83
N VAL F 39 -16.23 -31.98 -11.99
CA VAL F 39 -16.72 -30.61 -12.09
C VAL F 39 -16.15 -29.82 -13.23
N HIS F 40 -17.00 -29.00 -13.82
CA HIS F 40 -16.59 -28.14 -14.93
C HIS F 40 -16.30 -26.74 -14.42
N VAL F 41 -15.37 -26.06 -15.06
CA VAL F 41 -15.01 -24.69 -14.71
C VAL F 41 -15.54 -23.81 -15.82
N PHE F 42 -16.66 -23.15 -15.56
CA PHE F 42 -17.31 -22.28 -16.52
C PHE F 42 -16.32 -21.59 -17.46
N SER F 43 -16.78 -21.24 -18.66
CA SER F 43 -15.94 -20.59 -19.66
C SER F 43 -15.90 -19.07 -19.56
N ALA F 44 -16.99 -18.47 -19.10
CA ALA F 44 -17.07 -17.03 -18.94
C ALA F 44 -17.03 -16.72 -17.45
N TRP F 45 -15.89 -17.02 -16.83
CA TRP F 45 -15.66 -16.81 -15.40
C TRP F 45 -15.90 -15.37 -14.96
N PRO F 46 -16.76 -15.20 -13.95
CA PRO F 46 -17.15 -13.91 -13.34
C PRO F 46 -15.98 -13.05 -12.89
N GLN F 47 -15.69 -11.98 -13.65
CA GLN F 47 -14.58 -11.11 -13.31
C GLN F 47 -14.55 -10.81 -11.82
N ALA F 48 -15.72 -10.82 -11.21
CA ALA F 48 -15.85 -10.57 -9.79
C ALA F 48 -14.90 -11.48 -9.04
N VAL F 49 -15.07 -12.77 -9.24
CA VAL F 49 -14.22 -13.76 -8.61
C VAL F 49 -12.88 -13.86 -9.30
N ALA F 50 -11.83 -14.04 -8.51
CA ALA F 50 -10.49 -14.15 -9.07
C ALA F 50 -10.37 -15.41 -9.88
N ASN F 51 -9.34 -15.43 -10.71
CA ASN F 51 -9.03 -16.56 -11.58
C ASN F 51 -8.83 -17.83 -10.75
N PRO F 52 -9.67 -18.85 -10.97
CA PRO F 52 -9.57 -20.12 -10.26
C PRO F 52 -8.25 -20.81 -10.53
N LYS F 53 -7.23 -19.99 -10.79
CA LYS F 53 -5.88 -20.45 -11.06
C LYS F 53 -5.39 -21.30 -9.90
N SER F 54 -5.68 -20.85 -8.69
CA SER F 54 -5.26 -21.57 -7.50
C SER F 54 -6.48 -21.78 -6.62
N SER F 55 -6.72 -23.01 -6.21
CA SER F 55 -7.87 -23.27 -5.36
C SER F 55 -7.75 -24.58 -4.62
N PHE F 56 -8.86 -25.04 -4.08
CA PHE F 56 -8.83 -26.29 -3.33
C PHE F 56 -10.20 -26.96 -3.06
N LEU F 57 -10.24 -28.28 -3.19
CA LEU F 57 -11.44 -29.09 -2.98
C LEU F 57 -11.46 -29.51 -1.53
N ASN F 58 -12.64 -29.75 -0.96
CA ASN F 58 -12.68 -30.13 0.44
C ASN F 58 -13.93 -30.71 1.07
N ALA F 59 -13.78 -30.98 2.36
CA ALA F 59 -14.82 -31.56 3.19
C ALA F 59 -15.65 -30.46 3.81
N GLY F 60 -16.94 -30.44 3.49
CA GLY F 60 -17.82 -29.44 4.06
C GLY F 60 -18.25 -29.89 5.45
N GLU F 61 -17.37 -30.67 6.07
CA GLU F 61 -17.56 -31.25 7.40
C GLU F 61 -17.81 -30.31 8.57
N PRO F 62 -19.08 -29.97 8.84
CA PRO F 62 -19.31 -29.07 9.97
C PRO F 62 -18.59 -29.68 11.17
N GLY F 63 -17.37 -29.18 11.43
CA GLY F 63 -16.58 -29.74 12.51
C GLY F 63 -16.05 -31.01 11.90
N PRO F 64 -14.76 -31.33 12.04
CA PRO F 64 -14.27 -32.57 11.44
C PRO F 64 -14.76 -33.86 12.11
N VAL F 65 -15.80 -34.48 11.52
CA VAL F 65 -16.35 -35.74 12.06
C VAL F 65 -15.80 -36.92 11.28
N LEU F 66 -15.10 -36.61 10.20
CA LEU F 66 -14.44 -37.60 9.35
C LEU F 66 -13.00 -37.08 9.34
N VAL F 67 -12.19 -37.47 8.37
CA VAL F 67 -10.82 -36.99 8.38
C VAL F 67 -10.33 -36.52 7.04
N ARG F 68 -9.26 -37.15 6.57
CA ARG F 68 -8.67 -36.79 5.30
C ARG F 68 -7.53 -37.76 4.97
N THR F 69 -7.88 -38.93 4.45
CA THR F 69 -6.86 -39.92 4.10
C THR F 69 -6.09 -39.42 2.88
N ALA F 70 -6.80 -38.70 2.01
CA ALA F 70 -6.21 -38.14 0.80
C ALA F 70 -7.27 -37.51 -0.09
N GLN F 71 -6.84 -36.97 -1.22
CA GLN F 71 -7.78 -36.35 -2.14
C GLN F 71 -7.52 -36.74 -3.59
N PHE F 72 -8.42 -36.32 -4.47
CA PHE F 72 -8.35 -36.62 -5.88
C PHE F 72 -8.94 -35.38 -6.54
N ILE F 73 -8.23 -34.85 -7.54
CA ILE F 73 -8.71 -33.69 -8.26
C ILE F 73 -7.75 -33.54 -9.42
N GLY F 74 -8.25 -33.04 -10.54
CA GLY F 74 -7.40 -32.91 -11.69
C GLY F 74 -6.84 -34.31 -11.78
N GLU F 75 -5.56 -34.46 -12.05
CA GLU F 75 -4.98 -35.79 -12.11
C GLU F 75 -4.01 -35.92 -10.96
N GLN F 76 -4.49 -35.58 -9.77
CA GLN F 76 -3.63 -35.65 -8.61
C GLN F 76 -4.33 -35.43 -7.26
N PHE F 77 -3.69 -35.94 -6.21
CA PHE F 77 -4.15 -35.77 -4.84
C PHE F 77 -3.20 -34.66 -4.38
N ALA F 78 -3.75 -33.49 -4.06
CA ALA F 78 -2.90 -32.39 -3.66
C ALA F 78 -3.22 -31.81 -2.30
N PRO F 79 -2.17 -31.48 -1.53
CA PRO F 79 -2.27 -30.89 -0.20
C PRO F 79 -2.52 -29.38 -0.29
N ARG F 80 -1.81 -28.70 -1.19
CA ARG F 80 -2.01 -27.26 -1.37
C ARG F 80 -2.92 -27.11 -2.57
N SER F 81 -3.11 -25.88 -3.01
CA SER F 81 -3.98 -25.62 -4.15
C SER F 81 -3.55 -26.37 -5.39
N VAL F 82 -4.34 -26.17 -6.43
CA VAL F 82 -4.09 -26.76 -7.73
C VAL F 82 -4.61 -25.71 -8.67
N SER F 83 -4.55 -25.98 -9.96
CA SER F 83 -5.00 -25.01 -10.94
C SER F 83 -6.11 -25.48 -11.88
N LEU F 84 -7.33 -25.02 -11.63
CA LEU F 84 -8.46 -25.38 -12.49
C LEU F 84 -8.32 -24.50 -13.72
N GLU F 85 -8.88 -24.94 -14.85
CA GLU F 85 -8.78 -24.13 -16.06
C GLU F 85 -10.10 -23.60 -16.59
N VAL F 86 -10.05 -22.36 -17.08
CA VAL F 86 -11.20 -21.66 -17.63
C VAL F 86 -11.83 -22.41 -18.80
N GLY F 87 -12.61 -23.46 -18.52
CA GLY F 87 -13.24 -24.18 -19.61
C GLY F 87 -13.11 -25.70 -19.60
N LYS F 88 -11.96 -26.21 -19.16
CA LYS F 88 -11.74 -27.65 -19.11
C LYS F 88 -12.41 -28.25 -17.89
N ASP F 89 -12.34 -29.57 -17.76
CA ASP F 89 -12.98 -30.23 -16.63
C ASP F 89 -12.04 -31.19 -15.92
N TYR F 90 -12.19 -31.29 -14.60
CA TYR F 90 -11.36 -32.18 -13.82
C TYR F 90 -12.20 -33.04 -12.90
N ALA F 91 -11.80 -34.30 -12.79
CA ALA F 91 -12.49 -35.26 -11.96
C ALA F 91 -11.95 -35.17 -10.54
N PHE F 92 -12.69 -35.71 -9.60
CA PHE F 92 -12.26 -35.68 -8.22
C PHE F 92 -13.14 -36.54 -7.33
N SER F 93 -12.60 -36.86 -6.15
CA SER F 93 -13.25 -37.67 -5.13
C SER F 93 -12.33 -37.51 -3.94
N ILE F 94 -12.86 -37.54 -2.73
CA ILE F 94 -11.95 -37.37 -1.62
C ILE F 94 -12.14 -38.25 -0.41
N ASP F 95 -11.07 -39.00 -0.11
CA ASP F 95 -11.01 -39.94 1.00
C ASP F 95 -11.05 -39.22 2.36
N LEU F 96 -11.90 -39.73 3.24
CA LEU F 96 -12.06 -39.20 4.59
C LEU F 96 -11.99 -40.39 5.56
N LYS F 97 -12.79 -40.36 6.62
CA LYS F 97 -12.84 -41.45 7.61
C LYS F 97 -13.59 -41.03 8.85
N ALA F 98 -14.73 -41.66 9.11
CA ALA F 98 -15.50 -41.32 10.29
C ALA F 98 -14.56 -41.20 11.47
N ARG F 99 -14.78 -40.17 12.27
CA ARG F 99 -13.95 -39.92 13.44
C ARG F 99 -14.86 -39.52 14.57
N ARG F 100 -15.98 -38.90 14.22
CA ARG F 100 -16.90 -38.44 15.24
C ARG F 100 -18.33 -38.84 14.98
N ALA F 101 -19.06 -39.00 16.08
CA ALA F 101 -20.45 -39.40 16.06
C ALA F 101 -21.29 -38.51 15.14
N GLY F 102 -22.60 -38.49 15.41
CA GLY F 102 -23.51 -37.67 14.63
C GLY F 102 -23.90 -38.15 13.25
N ARG F 103 -24.80 -37.37 12.64
CA ARG F 103 -25.32 -37.66 11.30
C ARG F 103 -25.64 -36.29 10.65
N TRP F 104 -24.74 -35.81 9.79
CA TRP F 104 -24.88 -34.50 9.12
C TRP F 104 -24.58 -34.47 7.62
N HIS F 105 -25.16 -33.50 6.92
CA HIS F 105 -24.94 -33.35 5.49
C HIS F 105 -23.45 -33.14 5.35
N VAL F 106 -22.91 -33.47 4.19
CA VAL F 106 -21.48 -33.30 3.93
C VAL F 106 -21.22 -32.90 2.48
N HIS F 107 -20.92 -31.63 2.28
CA HIS F 107 -20.65 -31.08 0.96
C HIS F 107 -19.24 -31.28 0.48
N ALA F 108 -19.11 -31.30 -0.84
CA ALA F 108 -17.82 -31.42 -1.48
C ALA F 108 -17.62 -30.03 -2.06
N GLN F 109 -16.52 -29.38 -1.71
CA GLN F 109 -16.31 -28.04 -2.21
C GLN F 109 -14.90 -27.75 -2.69
N ILE F 110 -14.83 -26.94 -3.75
CA ILE F 110 -13.56 -26.54 -4.29
C ILE F 110 -13.49 -25.07 -3.96
N ASN F 111 -12.96 -24.78 -2.78
CA ASN F 111 -12.83 -23.42 -2.32
C ASN F 111 -11.70 -22.74 -3.07
N VAL F 112 -12.01 -21.59 -3.68
CA VAL F 112 -11.03 -20.84 -4.43
C VAL F 112 -10.48 -19.67 -3.63
N GLU F 113 -9.23 -19.81 -3.20
CA GLU F 113 -8.58 -18.76 -2.46
C GLU F 113 -8.65 -17.46 -3.29
N GLY F 114 -8.79 -17.59 -4.60
CA GLY F 114 -8.88 -16.42 -5.44
C GLY F 114 -10.20 -15.73 -5.23
N GLY F 115 -10.52 -15.44 -3.97
CA GLY F 115 -11.77 -14.78 -3.65
C GLY F 115 -13.03 -15.63 -3.72
N GLY F 116 -13.10 -16.70 -2.93
CA GLY F 116 -14.30 -17.51 -2.96
C GLY F 116 -14.25 -18.94 -2.41
N PRO F 117 -15.37 -19.45 -1.89
CA PRO F 117 -15.54 -20.78 -1.34
C PRO F 117 -16.78 -21.37 -2.02
N ILE F 118 -16.62 -21.92 -3.22
CA ILE F 118 -17.78 -22.48 -3.93
C ILE F 118 -18.00 -23.91 -3.51
N ILE F 119 -19.22 -24.18 -3.06
CA ILE F 119 -19.61 -25.50 -2.58
C ILE F 119 -20.53 -26.25 -3.52
N GLY F 120 -20.08 -27.41 -3.97
CA GLY F 120 -20.89 -28.23 -4.84
C GLY F 120 -21.78 -29.07 -3.96
N PRO F 121 -22.63 -29.93 -4.53
CA PRO F 121 -23.52 -30.78 -3.76
C PRO F 121 -22.86 -31.59 -2.65
N GLY F 122 -23.68 -32.03 -1.69
CA GLY F 122 -23.18 -32.80 -0.57
C GLY F 122 -24.21 -33.84 -0.17
N GLN F 123 -23.89 -34.67 0.82
CA GLN F 123 -24.82 -35.70 1.26
C GLN F 123 -24.58 -36.21 2.70
N TRP F 124 -25.65 -36.22 3.49
CA TRP F 124 -25.59 -36.65 4.88
C TRP F 124 -24.78 -37.92 5.03
N ILE F 125 -24.13 -38.05 6.18
CA ILE F 125 -23.31 -39.22 6.48
C ILE F 125 -23.56 -39.74 7.90
N GLU F 126 -24.34 -40.81 7.99
CA GLU F 126 -24.62 -41.39 9.29
C GLU F 126 -23.40 -42.11 9.84
N ILE F 127 -22.56 -41.38 10.55
CA ILE F 127 -21.39 -42.01 11.17
C ILE F 127 -21.92 -42.56 12.47
N LYS F 128 -21.46 -43.74 12.86
CA LYS F 128 -21.97 -44.29 14.11
C LYS F 128 -20.89 -44.72 15.08
N GLY F 129 -21.26 -44.74 16.36
CA GLY F 129 -20.35 -45.13 17.42
C GLY F 129 -20.02 -44.01 18.40
N ASP F 130 -18.79 -44.02 18.91
CA ASP F 130 -18.33 -43.00 19.86
C ASP F 130 -16.98 -42.44 19.42
N MET F 131 -16.90 -41.12 19.29
CA MET F 131 -15.65 -40.51 18.87
C MET F 131 -14.58 -41.10 19.77
N ALA F 132 -14.98 -41.33 21.03
CA ALA F 132 -14.13 -41.91 22.06
C ALA F 132 -13.17 -42.93 21.49
N ASP F 133 -13.59 -43.61 20.44
CA ASP F 133 -12.73 -44.61 19.79
C ASP F 133 -11.88 -43.89 18.75
N PHE F 134 -12.24 -44.05 17.48
CA PHE F 134 -11.54 -43.45 16.35
C PHE F 134 -10.06 -43.22 16.51
N LYS F 135 -9.30 -43.68 15.52
CA LYS F 135 -7.88 -43.46 15.55
C LYS F 135 -7.33 -43.40 14.14
N ASP F 136 -6.98 -42.18 13.72
CA ASP F 136 -6.40 -41.95 12.40
C ASP F 136 -4.89 -42.12 12.54
N PRO F 137 -4.34 -43.20 11.96
CA PRO F 137 -2.91 -43.44 12.03
C PRO F 137 -2.12 -43.07 10.79
N VAL F 138 -0.85 -43.45 10.83
CA VAL F 138 0.09 -43.22 9.75
C VAL F 138 1.45 -43.54 10.36
N THR F 139 2.51 -43.42 9.56
CA THR F 139 3.84 -43.72 10.06
C THR F 139 4.96 -42.98 9.35
N LEU F 140 5.70 -42.22 10.15
CA LEU F 140 6.83 -41.47 9.66
C LEU F 140 7.78 -42.46 9.05
N LEU F 141 8.41 -42.07 7.95
CA LEU F 141 9.36 -42.94 7.27
C LEU F 141 10.05 -43.87 8.26
N ASP F 142 10.52 -43.29 9.36
CA ASP F 142 11.22 -44.02 10.41
C ASP F 142 10.56 -45.33 10.77
N GLY F 143 9.37 -45.55 10.21
CA GLY F 143 8.63 -46.77 10.45
C GLY F 143 7.74 -46.64 11.67
N THR F 144 8.10 -45.71 12.55
CA THR F 144 7.35 -45.48 13.77
C THR F 144 5.86 -45.40 13.47
N THR F 145 5.08 -46.29 14.07
CA THR F 145 3.64 -46.29 13.86
C THR F 145 3.03 -45.27 14.81
N VAL F 146 2.40 -44.24 14.24
CA VAL F 146 1.79 -43.20 15.06
C VAL F 146 0.30 -43.00 14.83
N ASP F 147 -0.38 -42.60 15.90
CA ASP F 147 -1.80 -42.31 15.84
C ASP F 147 -1.92 -40.79 15.89
N LEU F 148 -2.44 -40.22 14.82
CA LEU F 148 -2.56 -38.78 14.68
C LEU F 148 -3.50 -38.04 15.63
N GLU F 149 -4.77 -38.42 15.62
CA GLU F 149 -5.77 -37.77 16.46
C GLU F 149 -5.39 -37.74 17.94
N THR F 150 -4.14 -38.07 18.26
CA THR F 150 -3.69 -38.05 19.65
C THR F 150 -2.17 -38.17 19.79
N TYR F 151 -1.42 -37.82 18.75
CA TYR F 151 0.04 -37.90 18.83
C TYR F 151 0.63 -36.59 19.35
N GLY F 152 1.58 -36.70 20.28
CA GLY F 152 2.25 -35.51 20.80
C GLY F 152 1.54 -34.52 21.70
N ILE F 153 0.20 -34.51 21.70
CA ILE F 153 -0.55 -33.59 22.55
C ILE F 153 0.08 -33.61 23.92
N ASP F 154 0.62 -34.77 24.28
CA ASP F 154 1.30 -34.97 25.55
C ASP F 154 2.49 -34.03 25.55
N ARG F 155 3.34 -34.17 24.54
CA ARG F 155 4.50 -33.33 24.42
C ARG F 155 4.16 -31.90 24.76
N ILE F 156 3.10 -31.36 24.17
CA ILE F 156 2.72 -29.97 24.44
C ILE F 156 2.60 -29.67 25.93
N TYR F 157 1.46 -30.02 26.51
CA TYR F 157 1.19 -29.76 27.92
C TYR F 157 2.43 -30.00 28.75
N ALA F 158 3.26 -30.94 28.30
CA ALA F 158 4.48 -31.29 29.00
C ALA F 158 5.59 -30.25 28.82
N TRP F 159 5.31 -29.20 28.05
CA TRP F 159 6.28 -28.15 27.84
C TRP F 159 5.61 -26.81 27.63
N HIS F 160 4.57 -26.81 26.81
CA HIS F 160 3.82 -25.59 26.51
C HIS F 160 2.92 -25.23 27.66
N PHE F 161 3.36 -25.61 28.86
CA PHE F 161 2.60 -25.37 30.07
C PHE F 161 3.54 -25.06 31.24
N PRO F 162 4.60 -25.86 31.42
CA PRO F 162 5.59 -25.68 32.48
C PRO F 162 6.33 -24.37 32.40
N TRP F 163 5.61 -23.33 32.04
CA TRP F 163 6.16 -21.99 31.96
C TRP F 163 5.00 -21.16 32.43
N MET F 164 3.79 -21.62 32.13
CA MET F 164 2.59 -20.96 32.61
C MET F 164 2.69 -21.37 34.06
N ILE F 165 3.77 -22.10 34.31
CA ILE F 165 4.15 -22.61 35.60
C ILE F 165 5.17 -21.60 36.13
N ALA F 166 6.32 -21.51 35.45
CA ALA F 166 7.34 -20.56 35.85
C ALA F 166 6.69 -19.20 35.69
N ALA F 167 5.36 -19.22 35.61
CA ALA F 167 4.54 -18.02 35.46
C ALA F 167 4.31 -17.43 36.82
N ALA F 168 3.71 -18.22 37.70
CA ALA F 168 3.45 -17.78 39.06
C ALA F 168 4.80 -17.38 39.65
N ALA F 169 5.86 -18.02 39.14
CA ALA F 169 7.25 -17.78 39.59
C ALA F 169 7.64 -16.30 39.61
N TRP F 170 6.74 -15.45 39.12
CA TRP F 170 6.95 -14.03 39.08
C TRP F 170 5.72 -13.48 39.73
N ILE F 171 4.58 -13.98 39.25
CA ILE F 171 3.29 -13.58 39.77
C ILE F 171 3.40 -13.46 41.27
N LEU F 172 3.07 -14.54 41.98
CA LEU F 172 3.13 -14.52 43.43
C LEU F 172 4.46 -13.93 43.90
N TYR F 173 5.54 -14.70 43.73
CA TYR F 173 6.89 -14.29 44.14
C TYR F 173 7.07 -12.78 44.24
N TRP F 174 6.44 -12.03 43.33
CA TRP F 174 6.52 -10.57 43.34
C TRP F 174 5.25 -9.94 43.93
N PHE F 175 4.91 -10.38 45.12
CA PHE F 175 3.76 -9.90 45.87
C PHE F 175 4.33 -9.96 47.25
N PHE F 176 5.63 -10.18 47.22
CA PHE F 176 6.49 -10.27 48.38
C PHE F 176 7.02 -8.85 48.52
N LYS F 177 7.54 -8.29 47.43
CA LYS F 177 8.03 -6.92 47.45
C LYS F 177 6.80 -6.07 47.31
N LYS F 178 5.92 -6.30 48.28
CA LYS F 178 4.63 -5.66 48.46
C LYS F 178 3.86 -5.44 47.18
N GLY F 179 2.64 -5.94 47.17
CA GLY F 179 1.80 -5.78 46.00
C GLY F 179 1.54 -4.31 45.77
N ILE F 180 0.57 -4.03 44.91
CA ILE F 180 0.22 -2.66 44.61
C ILE F 180 -0.05 -1.91 45.92
N ILE F 181 -0.22 -0.60 45.84
CA ILE F 181 -0.49 0.19 47.04
C ILE F 181 0.78 0.18 47.88
N ALA F 182 0.99 -0.95 48.55
CA ALA F 182 2.17 -1.12 49.41
C ALA F 182 3.40 -0.89 48.55
N SER F 183 3.18 -0.76 47.25
CA SER F 183 4.25 -0.52 46.30
C SER F 183 4.06 0.86 45.69
N TYR F 184 2.82 1.26 45.51
CA TYR F 184 2.55 2.57 44.92
C TYR F 184 3.07 3.71 45.80
N LEU F 185 2.46 3.92 46.97
CA LEU F 185 2.93 5.00 47.82
C LEU F 185 4.36 4.62 48.10
N ARG F 186 4.60 3.32 48.07
CA ARG F 186 5.93 2.77 48.25
C ARG F 186 6.76 3.24 47.06
N ILE F 187 6.22 4.19 46.29
CA ILE F 187 6.91 4.70 45.11
C ILE F 187 7.03 6.20 45.01
N SER F 188 5.90 6.90 45.03
CA SER F 188 5.96 8.34 44.93
C SER F 188 6.87 8.81 46.05
N GLU F 189 6.56 8.38 47.26
CA GLU F 189 7.32 8.74 48.45
C GLU F 189 8.81 8.62 48.24
N GLY F 190 9.44 9.71 47.82
CA GLY F 190 10.87 9.69 47.59
C GLY F 190 11.30 8.55 46.68
N LYS F 191 12.61 8.37 46.53
CA LYS F 191 13.12 7.30 45.68
C LYS F 191 12.61 5.98 46.24
N ASP F 192 12.32 5.03 45.38
CA ASP F 192 11.82 3.77 45.87
C ASP F 192 12.36 2.56 45.18
N GLU F 193 13.47 2.08 45.73
CA GLU F 193 14.15 0.89 45.24
C GLU F 193 13.77 -0.25 46.17
N GLU F 194 12.93 0.06 47.15
CA GLU F 194 12.47 -0.92 48.12
C GLU F 194 12.05 -2.14 47.31
N GLN F 195 11.52 -1.84 46.13
CA GLN F 195 11.06 -2.85 45.21
C GLN F 195 12.29 -3.49 44.58
N ILE F 196 13.22 -2.64 44.16
CA ILE F 196 14.45 -3.08 43.50
C ILE F 196 15.66 -3.24 44.42
N GLY F 197 16.63 -2.32 44.29
CA GLY F 197 17.83 -2.42 45.07
C GLY F 197 18.43 -3.74 44.63
N ASP F 198 19.39 -4.26 45.38
CA ASP F 198 19.98 -5.53 44.99
C ASP F 198 19.02 -6.64 45.38
N ASP F 199 19.54 -7.79 45.79
CA ASP F 199 18.68 -8.91 46.17
C ASP F 199 17.76 -9.09 44.97
N ASP F 200 16.58 -8.51 45.14
CA ASP F 200 15.53 -8.49 44.15
C ASP F 200 16.11 -8.68 42.76
N ARG F 201 17.01 -7.78 42.40
CA ARG F 201 17.63 -7.85 41.08
C ARG F 201 18.40 -9.13 40.82
N ARG F 202 19.39 -9.41 41.65
CA ARG F 202 20.19 -10.60 41.48
C ARG F 202 19.29 -11.83 41.47
N VAL F 203 18.16 -11.74 42.17
CA VAL F 203 17.20 -12.84 42.22
C VAL F 203 16.73 -13.18 40.82
N GLY F 204 16.34 -12.16 40.08
CA GLY F 204 15.90 -12.37 38.72
C GLY F 204 17.08 -12.77 37.87
N ALA F 205 18.17 -12.01 38.02
CA ALA F 205 19.42 -12.26 37.30
C ALA F 205 19.62 -13.76 37.26
N ILE F 206 19.27 -14.38 38.37
CA ILE F 206 19.35 -15.81 38.53
C ILE F 206 18.28 -16.44 37.64
N VAL F 207 17.03 -16.27 38.05
CA VAL F 207 15.89 -16.80 37.32
C VAL F 207 16.16 -16.73 35.81
N LEU F 208 16.74 -15.62 35.37
CA LEU F 208 17.05 -15.42 33.95
C LEU F 208 17.97 -16.53 33.46
N ALA F 209 19.15 -16.61 34.09
CA ALA F 209 20.15 -17.63 33.75
C ALA F 209 19.54 -19.02 33.95
N VAL F 210 18.74 -19.19 35.01
CA VAL F 210 18.10 -20.47 35.25
C VAL F 210 17.27 -20.75 34.02
N THR F 211 16.30 -19.87 33.79
CA THR F 211 15.38 -19.97 32.66
C THR F 211 16.04 -20.27 31.33
N ILE F 212 17.05 -19.49 30.96
CA ILE F 212 17.74 -19.70 29.70
C ILE F 212 18.48 -21.02 29.67
N LEU F 213 19.27 -21.30 30.70
CA LEU F 213 20.02 -22.54 30.76
C LEU F 213 19.02 -23.69 30.72
N ALA F 214 17.86 -23.46 31.33
CA ALA F 214 16.78 -24.45 31.35
C ALA F 214 15.96 -24.34 30.05
N THR F 215 16.59 -23.78 29.02
CA THR F 215 15.94 -23.63 27.73
C THR F 215 16.85 -24.23 26.69
N ILE F 216 18.16 -24.11 26.90
CA ILE F 216 19.11 -24.69 25.97
C ILE F 216 18.78 -26.18 25.99
N ILE F 217 18.18 -26.61 27.09
CA ILE F 217 17.77 -27.99 27.26
C ILE F 217 16.81 -28.38 26.16
N GLY F 218 15.63 -27.78 26.18
CA GLY F 218 14.61 -28.06 25.19
C GLY F 218 15.16 -28.12 23.78
N TYR F 219 15.83 -27.06 23.36
CA TYR F 219 16.40 -26.98 22.00
C TYR F 219 17.44 -28.07 21.76
N ALA F 220 17.89 -28.73 22.83
CA ALA F 220 18.90 -29.79 22.72
C ALA F 220 18.24 -31.17 22.78
N VAL F 221 17.39 -31.34 23.78
CA VAL F 221 16.66 -32.59 23.98
C VAL F 221 15.58 -32.72 22.94
N THR F 222 14.93 -31.60 22.63
CA THR F 222 13.88 -31.58 21.64
C THR F 222 14.55 -31.51 20.27
N ASN F 223 15.87 -31.54 20.27
CA ASN F 223 16.63 -31.52 19.04
C ASN F 223 17.02 -32.98 18.84
N SER F 224 16.46 -33.81 19.71
CA SER F 224 16.71 -35.23 19.70
C SER F 224 15.41 -36.03 19.76
N THR F 225 14.28 -35.34 19.81
CA THR F 225 12.95 -35.96 19.79
C THR F 225 12.76 -36.09 18.29
N PHE F 226 13.89 -36.38 17.68
CA PHE F 226 14.08 -36.54 16.27
C PHE F 226 15.47 -35.95 16.08
N PRO F 227 16.11 -36.26 14.97
CA PRO F 227 17.45 -35.74 14.67
C PRO F 227 17.31 -35.04 13.32
N ARG F 228 16.49 -35.68 12.48
CA ARG F 228 16.17 -35.26 11.14
C ARG F 228 14.68 -34.96 11.01
N THR F 229 14.37 -33.69 10.72
CA THR F 229 13.00 -33.22 10.54
C THR F 229 12.98 -32.15 9.45
N ILE F 230 11.86 -32.08 8.75
CA ILE F 230 11.70 -31.15 7.64
C ILE F 230 10.91 -29.90 7.95
N PRO F 231 10.78 -29.01 6.95
CA PRO F 231 10.03 -27.76 7.13
C PRO F 231 8.57 -28.14 6.97
N LEU F 232 7.78 -27.25 6.40
CA LEU F 232 6.39 -27.55 6.16
C LEU F 232 6.30 -27.50 4.65
N GLN F 233 5.74 -28.53 4.04
CA GLN F 233 5.65 -28.56 2.60
C GLN F 233 4.42 -27.84 2.10
N ALA F 234 4.60 -27.09 1.02
CA ALA F 234 3.49 -26.36 0.46
C ALA F 234 3.87 -25.66 -0.82
N GLY F 235 2.85 -25.11 -1.49
CA GLY F 235 3.05 -24.40 -2.74
C GLY F 235 2.01 -24.72 -3.81
N LEU F 236 2.49 -25.05 -5.00
CA LEU F 236 1.60 -25.38 -6.09
C LEU F 236 2.27 -26.23 -7.17
N GLN F 237 1.46 -26.94 -7.93
CA GLN F 237 1.95 -27.79 -9.02
C GLN F 237 1.12 -27.47 -10.26
N LYS F 238 1.71 -26.66 -11.15
CA LYS F 238 1.07 -26.22 -12.41
C LYS F 238 0.32 -27.39 -13.04
N PRO F 239 0.83 -28.62 -12.87
CA PRO F 239 0.12 -29.74 -13.45
C PRO F 239 -1.36 -29.77 -13.06
N LEU F 240 -2.05 -30.74 -13.65
CA LEU F 240 -3.48 -31.00 -13.47
C LEU F 240 -4.04 -31.43 -14.81
N THR F 241 -4.23 -32.73 -14.96
CA THR F 241 -4.76 -33.26 -16.20
C THR F 241 -6.28 -33.38 -16.17
N PRO F 242 -6.94 -32.75 -17.17
CA PRO F 242 -8.40 -32.76 -17.28
C PRO F 242 -9.00 -34.15 -17.45
N ILE F 243 -10.17 -34.17 -18.10
CA ILE F 243 -10.92 -35.39 -18.39
C ILE F 243 -10.89 -35.45 -19.92
N ILE F 244 -11.39 -36.54 -20.51
CA ILE F 244 -11.42 -36.69 -21.97
C ILE F 244 -12.18 -37.93 -22.44
N VAL F 256 -23.04 -31.48 -28.98
CA VAL F 256 -23.93 -30.42 -28.55
C VAL F 256 -23.15 -29.11 -28.47
N THR F 257 -23.86 -28.02 -28.75
CA THR F 257 -23.32 -26.66 -28.74
C THR F 257 -24.48 -25.70 -28.36
N ALA F 258 -24.51 -25.22 -27.11
CA ALA F 258 -25.57 -24.33 -26.65
C ALA F 258 -25.31 -22.86 -27.00
N GLU F 259 -26.34 -22.04 -26.88
CA GLU F 259 -26.17 -20.61 -27.16
C GLU F 259 -27.07 -19.71 -26.31
N LEU F 260 -28.23 -20.25 -25.91
CA LEU F 260 -29.16 -19.51 -25.06
C LEU F 260 -29.74 -18.22 -25.59
N LYS F 261 -29.51 -17.90 -26.86
CA LYS F 261 -30.05 -16.66 -27.43
C LYS F 261 -31.55 -16.47 -27.14
N GLY F 262 -31.85 -15.96 -25.94
CA GLY F 262 -33.22 -15.76 -25.52
C GLY F 262 -33.45 -16.45 -24.19
N GLY F 263 -34.01 -15.71 -23.23
CA GLY F 263 -34.27 -16.31 -21.94
C GLY F 263 -35.12 -15.45 -21.03
N VAL F 264 -35.86 -16.11 -20.13
CA VAL F 264 -36.71 -15.43 -19.17
C VAL F 264 -36.98 -16.30 -17.95
N TYR F 265 -37.25 -15.66 -16.81
CA TYR F 265 -37.54 -16.41 -15.59
C TYR F 265 -38.49 -15.70 -14.63
N LYS F 266 -38.92 -16.48 -13.63
CA LYS F 266 -39.85 -16.05 -12.60
C LYS F 266 -39.33 -14.95 -11.70
N VAL F 267 -40.21 -14.55 -10.79
CA VAL F 267 -39.99 -13.55 -9.75
C VAL F 267 -41.33 -13.45 -9.03
N PRO F 268 -41.56 -14.32 -8.03
CA PRO F 268 -40.67 -15.38 -7.52
C PRO F 268 -40.70 -16.64 -8.37
N GLY F 269 -41.85 -17.32 -8.37
CA GLY F 269 -42.03 -18.55 -9.15
C GLY F 269 -41.10 -19.73 -8.85
N ARG F 270 -40.65 -20.42 -9.90
CA ARG F 270 -39.74 -21.56 -9.83
C ARG F 270 -39.49 -22.03 -11.24
N GLU F 271 -39.73 -21.14 -12.19
CA GLU F 271 -39.55 -21.43 -13.61
C GLU F 271 -38.50 -20.54 -14.28
N LEU F 272 -37.94 -21.04 -15.37
CA LEU F 272 -36.94 -20.34 -16.15
C LEU F 272 -37.02 -20.93 -17.56
N THR F 273 -36.98 -20.07 -18.58
CA THR F 273 -37.06 -20.54 -19.97
C THR F 273 -35.72 -20.28 -20.67
N ILE F 274 -35.50 -20.94 -21.80
CA ILE F 274 -34.26 -20.75 -22.54
C ILE F 274 -34.49 -21.01 -24.02
N GLN F 275 -33.57 -20.53 -24.85
CA GLN F 275 -33.66 -20.72 -26.28
C GLN F 275 -32.37 -21.32 -26.80
N VAL F 276 -31.93 -22.38 -26.13
CA VAL F 276 -30.70 -23.07 -26.50
C VAL F 276 -30.85 -23.69 -27.88
N LYS F 277 -30.06 -23.23 -28.86
CA LYS F 277 -30.13 -23.79 -30.20
C LYS F 277 -28.89 -24.66 -30.36
N VAL F 278 -29.02 -25.78 -31.05
CA VAL F 278 -27.88 -26.68 -31.19
C VAL F 278 -27.31 -26.77 -32.60
N GLY F 289 -31.92 -34.18 -22.71
CA GLY F 289 -30.96 -34.83 -21.83
C GLY F 289 -31.09 -34.51 -20.34
N GLU F 290 -30.72 -33.29 -19.94
CA GLU F 290 -30.78 -32.85 -18.54
C GLU F 290 -30.21 -31.42 -18.36
N TYR F 291 -30.15 -30.95 -17.11
CA TYR F 291 -29.62 -29.61 -16.83
C TYR F 291 -29.13 -29.32 -15.41
N THR F 292 -27.84 -29.00 -15.28
CA THR F 292 -27.25 -28.66 -13.99
C THR F 292 -26.75 -27.23 -14.05
N ALA F 293 -26.41 -26.67 -12.89
CA ALA F 293 -25.90 -25.31 -12.82
C ALA F 293 -25.55 -24.99 -11.37
N ALA F 294 -26.59 -25.01 -10.54
CA ALA F 294 -26.46 -24.76 -9.12
C ALA F 294 -26.05 -26.08 -8.46
N GLY F 295 -25.29 -26.88 -9.20
CA GLY F 295 -24.90 -28.17 -8.70
C GLY F 295 -26.21 -28.94 -8.66
N LEU F 296 -27.27 -28.27 -9.12
CA LEU F 296 -28.63 -28.80 -9.17
C LEU F 296 -28.91 -29.66 -10.40
N ARG F 297 -29.78 -30.66 -10.20
CA ARG F 297 -30.19 -31.58 -11.26
C ARG F 297 -31.51 -31.12 -11.85
N PHE F 298 -31.60 -31.17 -13.17
CA PHE F 298 -32.81 -30.80 -13.91
C PHE F 298 -32.94 -31.82 -15.03
N LEU F 299 -33.01 -33.07 -14.58
CA LEU F 299 -33.13 -34.24 -15.44
C LEU F 299 -34.18 -33.99 -16.50
N ASN F 300 -34.05 -34.70 -17.60
CA ASN F 300 -35.03 -34.61 -18.67
C ASN F 300 -35.90 -35.82 -18.38
N PRO F 301 -36.92 -35.64 -17.51
CA PRO F 301 -37.84 -36.72 -17.12
C PRO F 301 -38.38 -37.39 -18.37
N ASP F 302 -38.18 -36.72 -19.50
CA ASP F 302 -38.57 -37.20 -20.82
C ASP F 302 -37.76 -38.48 -21.10
N VAL F 303 -36.85 -38.83 -20.18
CA VAL F 303 -35.98 -40.02 -20.30
C VAL F 303 -35.46 -40.55 -18.96
N PHE F 304 -35.97 -40.05 -17.84
CA PHE F 304 -35.45 -40.47 -16.54
C PHE F 304 -36.26 -41.28 -15.53
N THR F 305 -35.50 -41.83 -14.58
CA THR F 305 -35.91 -42.64 -13.42
C THR F 305 -34.80 -42.43 -12.35
N THR F 306 -34.85 -41.27 -11.67
CA THR F 306 -33.92 -40.79 -10.63
C THR F 306 -33.19 -41.70 -9.62
N LYS F 307 -31.86 -41.66 -9.66
CA LYS F 307 -31.05 -42.45 -8.72
C LYS F 307 -29.71 -41.79 -8.42
N ASP F 312 -30.37 -35.26 -2.90
CA ASP F 312 -31.83 -35.13 -2.96
C ASP F 312 -32.38 -33.71 -3.15
N TYR F 313 -32.62 -33.00 -2.05
CA TYR F 313 -33.16 -31.64 -2.08
C TYR F 313 -32.34 -30.74 -2.99
N LEU F 314 -31.13 -31.20 -3.29
CA LEU F 314 -30.24 -30.44 -4.15
C LEU F 314 -30.38 -30.90 -5.62
N LEU F 315 -31.41 -31.72 -5.92
CA LEU F 315 -31.68 -32.26 -7.27
C LEU F 315 -33.16 -32.29 -7.70
N ALA F 316 -33.43 -31.94 -8.96
CA ALA F 316 -34.79 -31.91 -9.50
C ALA F 316 -35.18 -33.12 -10.35
N ASP F 317 -36.04 -33.96 -9.77
CA ASP F 317 -36.57 -35.17 -10.40
C ASP F 317 -37.24 -34.81 -11.73
N ARG F 318 -38.50 -34.42 -11.61
CA ARG F 318 -39.34 -34.03 -12.73
C ARG F 318 -38.75 -32.73 -13.25
N GLY F 319 -37.44 -32.77 -13.45
CA GLY F 319 -36.71 -31.60 -13.89
C GLY F 319 -37.12 -30.90 -15.17
N LEU F 320 -36.15 -30.79 -16.07
CA LEU F 320 -36.30 -30.13 -17.34
C LEU F 320 -37.57 -30.46 -18.09
N SER F 321 -38.15 -29.42 -18.68
CA SER F 321 -39.37 -29.52 -19.47
C SER F 321 -38.96 -29.10 -20.88
N THR F 322 -39.01 -30.06 -21.81
CA THR F 322 -38.62 -29.86 -23.21
C THR F 322 -39.75 -29.95 -24.20
N ASP F 323 -39.36 -29.86 -25.47
CA ASP F 323 -40.27 -30.07 -26.57
C ASP F 323 -39.65 -31.43 -26.91
N PRO F 324 -40.41 -32.50 -26.66
CA PRO F 324 -40.03 -33.89 -26.89
C PRO F 324 -39.43 -34.29 -28.27
N THR F 325 -39.24 -33.31 -29.17
CA THR F 325 -38.65 -33.60 -30.48
C THR F 325 -37.15 -33.88 -30.34
N PRO F 326 -36.73 -35.13 -30.63
CA PRO F 326 -35.35 -35.64 -30.56
C PRO F 326 -34.35 -35.09 -31.55
N LEU F 327 -33.15 -34.88 -31.03
CA LEU F 327 -32.02 -34.38 -31.80
C LEU F 327 -30.96 -35.49 -31.83
N ALA F 328 -30.77 -36.04 -33.04
CA ALA F 328 -29.84 -37.14 -33.32
C ALA F 328 -28.69 -36.73 -34.26
N PRO F 329 -27.56 -37.49 -34.22
CA PRO F 329 -26.39 -37.21 -35.06
C PRO F 329 -26.61 -36.48 -36.43
N GLY F 330 -25.64 -35.64 -36.79
CA GLY F 330 -25.70 -34.90 -38.06
C GLY F 330 -26.75 -33.82 -38.26
N GLU F 331 -27.69 -33.68 -37.33
CA GLU F 331 -28.76 -32.69 -37.46
C GLU F 331 -28.59 -31.37 -36.68
N THR F 332 -29.71 -30.65 -36.51
CA THR F 332 -29.74 -29.36 -35.80
C THR F 332 -31.17 -28.83 -35.51
N LYS F 333 -31.27 -27.88 -34.57
CA LYS F 333 -32.55 -27.26 -34.16
C LYS F 333 -32.37 -26.00 -33.32
N THR F 334 -33.36 -25.12 -33.39
CA THR F 334 -33.40 -23.86 -32.66
C THR F 334 -34.11 -24.06 -31.31
N ILE F 335 -34.04 -25.30 -30.85
CA ILE F 335 -34.66 -25.75 -29.61
C ILE F 335 -34.93 -24.72 -28.49
N GLU F 336 -36.01 -24.98 -27.75
CA GLU F 336 -36.42 -24.15 -26.63
C GLU F 336 -36.46 -25.09 -25.44
N VAL F 337 -35.97 -24.63 -24.30
CA VAL F 337 -35.96 -25.42 -23.09
C VAL F 337 -36.67 -24.68 -21.96
N LYS F 338 -37.41 -25.42 -21.15
CA LYS F 338 -38.09 -24.82 -20.03
C LYS F 338 -37.58 -25.49 -18.77
N VAL F 339 -37.05 -24.69 -17.85
CA VAL F 339 -36.55 -25.21 -16.59
C VAL F 339 -37.63 -24.93 -15.55
N GLN F 340 -38.09 -26.00 -14.92
CA GLN F 340 -39.14 -25.90 -13.93
C GLN F 340 -38.98 -26.96 -12.86
N ASP F 341 -39.24 -26.56 -11.61
CA ASP F 341 -39.17 -27.42 -10.43
C ASP F 341 -39.17 -26.49 -9.21
N ALA F 342 -39.24 -27.09 -8.03
CA ALA F 342 -39.25 -26.35 -6.77
C ALA F 342 -37.89 -25.82 -6.31
N ARG F 343 -36.91 -26.71 -6.21
CA ARG F 343 -35.56 -26.37 -5.74
C ARG F 343 -34.90 -25.17 -6.42
N TRP F 344 -35.57 -24.57 -7.41
CA TRP F 344 -35.01 -23.42 -8.08
C TRP F 344 -35.33 -22.15 -7.30
N ASP F 345 -36.20 -22.28 -6.32
CA ASP F 345 -36.58 -21.16 -5.48
C ASP F 345 -36.09 -21.49 -4.07
N ILE F 346 -36.48 -22.68 -3.61
CA ILE F 346 -36.11 -23.15 -2.28
C ILE F 346 -34.62 -22.92 -2.02
N GLU F 347 -33.80 -23.46 -2.90
CA GLU F 347 -32.36 -23.34 -2.77
C GLU F 347 -31.78 -22.00 -3.27
N ARG F 348 -32.60 -20.97 -3.28
CA ARG F 348 -32.15 -19.64 -3.71
C ARG F 348 -31.55 -19.51 -5.11
N LEU F 349 -32.40 -19.27 -6.10
CA LEU F 349 -31.91 -19.06 -7.46
C LEU F 349 -32.66 -17.89 -8.06
N SER F 350 -33.89 -17.71 -7.62
CA SER F 350 -34.71 -16.60 -8.10
C SER F 350 -34.04 -15.34 -7.59
N ASP F 351 -32.86 -15.52 -7.01
CA ASP F 351 -32.06 -14.44 -6.42
C ASP F 351 -31.49 -13.49 -7.46
N LEU F 352 -31.60 -13.84 -8.74
CA LEU F 352 -31.06 -12.98 -9.77
C LEU F 352 -31.65 -11.58 -9.70
N ALA F 353 -32.53 -11.37 -8.72
CA ALA F 353 -33.14 -10.06 -8.54
C ALA F 353 -31.99 -9.11 -8.16
N TYR F 354 -31.22 -9.52 -7.15
CA TYR F 354 -30.10 -8.72 -6.66
C TYR F 354 -28.94 -8.82 -7.63
N ASP F 355 -28.12 -9.86 -7.39
CA ASP F 355 -26.94 -10.17 -8.18
C ASP F 355 -26.72 -9.21 -9.36
N THR F 356 -25.61 -8.49 -9.33
CA THR F 356 -25.27 -7.53 -10.38
C THR F 356 -25.56 -8.08 -11.77
N ASP F 357 -24.61 -8.83 -12.33
CA ASP F 357 -24.78 -9.40 -13.67
C ASP F 357 -25.91 -10.45 -13.68
N SER F 358 -27.04 -10.06 -14.26
CA SER F 358 -28.22 -10.91 -14.32
C SER F 358 -28.03 -12.25 -15.02
N GLN F 359 -26.93 -12.41 -15.73
CA GLN F 359 -26.65 -13.64 -16.46
C GLN F 359 -26.83 -14.92 -15.65
N ILE F 360 -26.84 -16.05 -16.36
CA ILE F 360 -27.01 -17.38 -15.77
C ILE F 360 -25.88 -18.28 -16.26
N GLY F 361 -25.86 -19.53 -15.78
CA GLY F 361 -24.83 -20.47 -16.19
C GLY F 361 -25.14 -21.90 -15.81
N GLY F 362 -24.33 -22.84 -16.28
CA GLY F 362 -24.56 -24.24 -15.96
C GLY F 362 -24.28 -25.17 -17.13
N LEU F 363 -24.81 -26.39 -17.06
CA LEU F 363 -24.60 -27.39 -18.10
C LEU F 363 -25.83 -27.86 -18.84
N LEU F 364 -25.59 -28.76 -19.78
CA LEU F 364 -26.61 -29.38 -20.62
C LEU F 364 -26.15 -30.81 -20.88
N MET F 365 -26.64 -31.70 -20.03
CA MET F 365 -26.33 -33.12 -20.06
C MET F 365 -27.01 -33.94 -21.17
N PHE F 366 -26.65 -33.74 -22.43
CA PHE F 366 -27.32 -34.50 -23.48
C PHE F 366 -26.76 -35.89 -23.73
N PHE F 367 -27.67 -36.86 -23.86
CA PHE F 367 -27.33 -38.28 -24.09
C PHE F 367 -27.58 -38.87 -25.48
N SER F 368 -26.94 -40.01 -25.73
CA SER F 368 -27.06 -40.76 -26.99
C SER F 368 -28.38 -41.51 -26.98
N PRO F 369 -28.95 -41.77 -28.18
CA PRO F 369 -30.23 -42.51 -28.25
C PRO F 369 -30.12 -43.71 -27.30
N SER F 370 -28.87 -44.19 -27.21
CA SER F 370 -28.45 -45.30 -26.36
C SER F 370 -28.23 -44.75 -24.94
N GLY F 371 -27.35 -43.76 -24.81
CA GLY F 371 -27.06 -43.14 -23.52
C GLY F 371 -25.58 -42.86 -23.39
N LYS F 372 -25.09 -41.90 -24.17
CA LYS F 372 -23.66 -41.53 -24.18
C LYS F 372 -23.55 -40.01 -24.35
N ARG F 373 -23.76 -39.32 -23.23
CA ARG F 373 -23.78 -37.86 -23.14
C ARG F 373 -22.69 -36.92 -23.63
N TYR F 374 -22.91 -36.29 -24.78
CA TYR F 374 -22.00 -35.28 -25.28
C TYR F 374 -22.60 -34.10 -24.46
N ALA F 375 -21.77 -33.36 -23.73
CA ALA F 375 -22.26 -32.24 -22.90
C ALA F 375 -21.75 -30.84 -23.24
N THR F 376 -22.68 -29.90 -23.47
CA THR F 376 -22.35 -28.50 -23.76
C THR F 376 -22.79 -27.68 -22.55
N GLU F 377 -22.29 -26.46 -22.44
CA GLU F 377 -22.65 -25.58 -21.32
C GLU F 377 -23.59 -24.48 -21.79
N ILE F 378 -23.75 -23.47 -20.94
CA ILE F 378 -24.64 -22.37 -21.27
C ILE F 378 -24.03 -21.00 -21.03
N GLY F 379 -24.62 -20.24 -20.11
CA GLY F 379 -24.14 -18.91 -19.81
C GLY F 379 -24.81 -17.86 -20.68
N GLY F 380 -25.76 -17.14 -20.09
CA GLY F 380 -26.47 -16.13 -20.86
C GLY F 380 -27.26 -15.19 -19.98
N PRO F 381 -27.48 -13.95 -20.45
CA PRO F 381 -28.23 -12.90 -19.75
C PRO F 381 -29.73 -13.15 -19.72
N VAL F 382 -30.20 -13.86 -18.69
CA VAL F 382 -31.62 -14.15 -18.57
C VAL F 382 -32.41 -12.94 -18.05
N ILE F 383 -33.63 -12.76 -18.52
CA ILE F 383 -34.47 -11.63 -18.09
C ILE F 383 -35.65 -12.08 -17.25
N PRO F 384 -35.93 -11.34 -16.16
CA PRO F 384 -37.05 -11.70 -15.29
C PRO F 384 -38.35 -10.93 -15.49
N LYS F 385 -39.43 -11.51 -14.97
CA LYS F 385 -40.77 -10.94 -14.98
C LYS F 385 -41.36 -11.35 -13.62
N PHE F 386 -41.78 -10.33 -12.86
CA PHE F 386 -42.28 -10.45 -11.49
C PHE F 386 -43.72 -10.91 -11.27
N VAL F 387 -44.21 -10.78 -10.02
CA VAL F 387 -45.58 -11.19 -9.66
C VAL F 387 -46.67 -10.35 -10.35
N PRO G 12 -10.09 8.34 57.93
CA PRO G 12 -9.10 7.41 57.31
C PRO G 12 -9.47 5.95 57.55
N PHE G 13 -8.45 5.13 57.72
CA PHE G 13 -8.65 3.73 57.99
C PHE G 13 -8.74 3.67 59.51
N HIS G 14 -9.55 2.74 59.99
CA HIS G 14 -9.78 2.55 61.43
C HIS G 14 -8.59 1.95 62.19
N SER G 15 -8.70 0.69 62.60
CA SER G 15 -7.63 0.01 63.32
C SER G 15 -6.54 -0.44 62.35
N VAL G 16 -5.31 -0.55 62.82
CA VAL G 16 -4.20 -0.97 61.98
C VAL G 16 -4.40 -2.40 61.44
N ALA G 17 -5.52 -3.01 61.83
CA ALA G 17 -5.90 -4.37 61.39
C ALA G 17 -7.21 -4.26 60.61
N GLU G 18 -7.13 -3.53 59.50
CA GLU G 18 -8.24 -3.25 58.58
C GLU G 18 -7.57 -2.26 57.64
N ALA G 19 -6.93 -1.27 58.27
CA ALA G 19 -6.19 -0.25 57.55
C ALA G 19 -5.12 -1.00 56.79
N ALA G 20 -4.78 -2.18 57.30
CA ALA G 20 -3.80 -3.05 56.69
C ALA G 20 -4.63 -4.09 55.96
N GLY G 21 -5.82 -4.34 56.51
CA GLY G 21 -6.74 -5.30 55.93
C GLY G 21 -7.28 -4.82 54.60
N CYS G 22 -8.21 -3.88 54.64
CA CYS G 22 -8.80 -3.32 53.44
C CYS G 22 -7.71 -2.62 52.65
N VAL G 23 -6.64 -3.36 52.45
CA VAL G 23 -5.48 -2.92 51.70
C VAL G 23 -4.94 -4.18 51.06
N LYS G 24 -4.27 -5.02 51.84
CA LYS G 24 -3.69 -6.27 51.34
C LYS G 24 -4.73 -7.13 50.62
N THR G 25 -5.99 -6.72 50.75
CA THR G 25 -7.13 -7.41 50.14
C THR G 25 -7.64 -6.66 48.91
N THR G 26 -7.72 -5.34 49.01
CA THR G 26 -8.15 -4.54 47.88
C THR G 26 -6.99 -4.57 46.91
N ASP G 27 -5.80 -4.70 47.47
CA ASP G 27 -4.56 -4.76 46.73
C ASP G 27 -4.51 -6.09 45.97
N TRP G 28 -4.82 -7.18 46.66
CA TRP G 28 -4.83 -8.51 46.05
C TRP G 28 -5.96 -8.54 45.03
N MET G 29 -7.19 -8.27 45.49
CA MET G 29 -8.37 -8.24 44.63
C MET G 29 -8.15 -7.28 43.48
N PHE G 30 -7.23 -6.35 43.69
CA PHE G 30 -6.91 -5.36 42.68
C PHE G 30 -6.10 -5.97 41.55
N LEU G 31 -4.95 -6.55 41.91
CA LEU G 31 -4.07 -7.17 40.94
C LEU G 31 -4.83 -7.87 39.82
N THR G 32 -5.96 -8.47 40.14
CA THR G 32 -6.75 -9.17 39.12
C THR G 32 -7.33 -8.19 38.12
N LEU G 33 -8.16 -7.28 38.61
CA LEU G 33 -8.78 -6.30 37.75
C LEU G 33 -7.87 -6.09 36.55
N LEU G 34 -6.65 -5.66 36.82
CA LEU G 34 -5.65 -5.41 35.79
C LEU G 34 -5.49 -6.61 34.86
N PHE G 35 -4.86 -7.66 35.36
CA PHE G 35 -4.63 -8.86 34.56
C PHE G 35 -5.85 -9.30 33.71
N LEU G 36 -6.83 -9.97 34.34
CA LEU G 36 -8.01 -10.47 33.62
C LEU G 36 -8.85 -9.38 32.98
N ALA G 37 -8.19 -8.36 32.46
CA ALA G 37 -8.85 -7.24 31.80
C ALA G 37 -7.91 -6.72 30.75
N VAL G 38 -6.64 -6.62 31.11
CA VAL G 38 -5.65 -6.15 30.17
C VAL G 38 -5.53 -7.33 29.23
N LEU G 39 -5.38 -8.51 29.83
CA LEU G 39 -5.27 -9.72 29.05
C LEU G 39 -6.20 -9.56 27.86
N GLY G 40 -7.50 -9.52 28.15
CA GLY G 40 -8.48 -9.36 27.09
C GLY G 40 -8.03 -8.39 26.03
N GLY G 41 -8.13 -7.10 26.34
CA GLY G 41 -7.73 -6.09 25.38
C GLY G 41 -6.46 -6.45 24.64
N TYR G 42 -5.67 -7.36 25.20
CA TYR G 42 -4.42 -7.78 24.58
C TYR G 42 -4.67 -8.91 23.59
N HIS G 43 -5.18 -10.03 24.08
CA HIS G 43 -5.46 -11.17 23.20
C HIS G 43 -6.22 -10.70 21.98
N ILE G 44 -7.42 -10.19 22.20
CA ILE G 44 -8.28 -9.70 21.14
C ILE G 44 -7.41 -9.07 20.08
N HIS G 45 -6.35 -8.42 20.52
CA HIS G 45 -5.44 -7.79 19.60
C HIS G 45 -4.53 -8.85 18.99
N PHE G 46 -3.64 -9.42 19.79
CA PHE G 46 -2.70 -10.43 19.30
C PHE G 46 -3.33 -11.38 18.31
N MET G 47 -4.64 -11.49 18.37
CA MET G 47 -5.36 -12.35 17.45
C MET G 47 -5.22 -11.71 16.07
N LEU G 48 -6.05 -10.70 15.80
CA LEU G 48 -6.04 -9.99 14.54
C LEU G 48 -4.66 -9.64 14.02
N THR G 49 -3.75 -9.37 14.92
CA THR G 49 -2.39 -9.03 14.51
C THR G 49 -1.66 -10.26 14.02
N ALA G 50 -1.44 -11.20 14.94
CA ALA G 50 -0.76 -12.44 14.61
C ALA G 50 -1.81 -13.35 13.96
N GLY G 51 -2.06 -13.09 12.68
CA GLY G 51 -3.04 -13.80 11.87
C GLY G 51 -3.18 -15.30 11.99
N ASP G 52 -2.91 -15.77 13.19
CA ASP G 52 -2.99 -17.16 13.49
C ASP G 52 -1.89 -17.89 12.84
N TRP G 53 -0.73 -17.57 13.36
CA TRP G 53 0.50 -18.21 13.01
C TRP G 53 0.56 -18.85 14.39
N ASP G 54 -0.43 -18.48 15.20
CA ASP G 54 -0.60 -18.97 16.56
C ASP G 54 -2.01 -19.53 16.53
N PHE G 55 -2.18 -20.60 15.77
CA PHE G 55 -3.48 -21.22 15.64
C PHE G 55 -3.32 -22.60 15.00
N TRP G 56 -2.84 -22.62 13.76
CA TRP G 56 -2.69 -23.88 13.03
C TRP G 56 -1.24 -24.30 12.81
N VAL G 57 -0.90 -25.47 13.33
CA VAL G 57 0.44 -25.97 13.17
C VAL G 57 0.92 -25.84 11.74
N ASP G 58 -0.01 -25.93 10.78
CA ASP G 58 0.36 -25.83 9.37
C ASP G 58 0.78 -24.42 8.97
N TRP G 59 0.51 -23.45 9.85
CA TRP G 59 0.89 -22.07 9.60
C TRP G 59 2.12 -21.84 10.47
N LYS G 60 2.45 -22.82 11.31
CA LYS G 60 3.61 -22.73 12.18
C LYS G 60 4.87 -23.09 11.39
N ASP G 61 5.47 -22.11 10.72
CA ASP G 61 6.65 -22.39 9.90
C ASP G 61 7.97 -21.87 10.41
N ARG G 62 8.71 -21.21 9.53
CA ARG G 62 10.04 -20.68 9.87
C ARG G 62 10.19 -19.17 9.65
N ARG G 63 10.13 -18.74 8.40
CA ARG G 63 10.25 -17.33 8.06
C ARG G 63 8.91 -16.69 8.44
N MET G 64 8.01 -16.62 7.46
CA MET G 64 6.65 -16.06 7.61
C MET G 64 6.20 -15.98 9.09
N TRP G 65 6.28 -17.07 9.85
CA TRP G 65 5.81 -17.05 11.24
C TRP G 65 6.64 -16.32 12.30
N PRO G 66 7.70 -16.94 12.83
CA PRO G 66 8.49 -16.25 13.86
C PRO G 66 9.02 -14.91 13.46
N THR G 67 8.24 -14.21 12.66
CA THR G 67 8.58 -12.88 12.21
C THR G 67 7.39 -12.02 12.57
N VAL G 68 6.23 -12.64 12.68
CA VAL G 68 5.03 -11.91 13.02
C VAL G 68 4.82 -11.89 14.52
N VAL G 69 4.35 -13.00 15.07
CA VAL G 69 4.12 -13.08 16.51
C VAL G 69 5.22 -12.34 17.24
N PRO G 70 6.49 -12.60 16.86
CA PRO G 70 7.61 -11.92 17.52
C PRO G 70 7.30 -10.44 17.75
N ILE G 71 7.22 -9.70 16.65
CA ILE G 71 6.93 -8.28 16.74
C ILE G 71 5.60 -8.11 17.43
N LEU G 72 4.53 -8.11 16.63
CA LEU G 72 3.17 -7.94 17.15
C LEU G 72 3.01 -8.38 18.58
N GLY G 73 3.68 -9.47 18.96
CA GLY G 73 3.58 -9.95 20.32
C GLY G 73 4.29 -9.06 21.32
N VAL G 74 4.18 -7.75 21.16
CA VAL G 74 4.83 -6.91 22.12
C VAL G 74 4.12 -5.64 22.52
N THR G 75 3.58 -4.83 21.58
CA THR G 75 2.91 -3.59 21.99
C THR G 75 1.73 -3.98 22.88
N PHE G 76 2.13 -4.47 24.04
CA PHE G 76 1.29 -4.95 25.13
C PHE G 76 2.30 -5.49 26.13
N ALA G 77 2.94 -6.60 25.76
CA ALA G 77 3.94 -7.22 26.62
C ALA G 77 4.96 -6.15 26.97
N ALA G 78 4.91 -5.05 26.22
CA ALA G 78 5.82 -3.95 26.43
C ALA G 78 5.25 -2.88 27.33
N ALA G 79 4.24 -2.17 26.85
CA ALA G 79 3.63 -1.14 27.68
C ALA G 79 3.26 -1.77 28.99
N ALA G 80 2.70 -2.98 28.93
CA ALA G 80 2.30 -3.72 30.13
C ALA G 80 3.45 -3.66 31.12
N GLN G 81 4.66 -3.77 30.59
CA GLN G 81 5.87 -3.72 31.40
C GLN G 81 6.06 -2.29 31.86
N ALA G 82 6.47 -1.43 30.94
CA ALA G 82 6.68 -0.03 31.25
C ALA G 82 5.60 0.43 32.23
N PHE G 83 4.42 -0.15 32.11
CA PHE G 83 3.31 0.18 33.00
C PHE G 83 3.74 -0.21 34.40
N PHE G 84 3.41 -1.45 34.76
CA PHE G 84 3.69 -2.00 36.06
C PHE G 84 5.06 -1.67 36.64
N TRP G 85 6.14 -1.92 35.90
CA TRP G 85 7.47 -1.61 36.44
C TRP G 85 7.59 -0.16 36.81
N GLU G 86 7.01 0.70 35.98
CA GLU G 86 7.12 2.10 36.24
C GLU G 86 6.63 2.46 37.63
N ASN G 87 5.32 2.63 37.75
CA ASN G 87 4.70 3.01 39.00
C ASN G 87 4.82 2.04 40.16
N PHE G 88 5.53 0.92 39.98
CA PHE G 88 5.69 -0.03 41.07
C PHE G 88 7.01 -0.77 41.01
N LYS G 89 7.98 -0.19 40.27
CA LYS G 89 9.31 -0.77 40.09
C LYS G 89 9.16 -2.25 40.36
N LEU G 90 8.10 -2.80 39.78
CA LEU G 90 7.73 -4.19 39.93
C LEU G 90 8.04 -4.90 38.61
N PRO G 91 9.25 -5.48 38.45
CA PRO G 91 9.64 -6.18 37.23
C PRO G 91 8.74 -7.33 36.86
N PHE G 92 7.54 -7.29 37.40
CA PHE G 92 6.52 -8.29 37.14
C PHE G 92 5.59 -7.70 36.10
N GLY G 93 6.10 -7.50 34.89
CA GLY G 93 5.26 -6.91 33.85
C GLY G 93 5.29 -7.64 32.52
N ALA G 94 6.41 -7.54 31.83
CA ALA G 94 6.55 -8.19 30.53
C ALA G 94 5.91 -9.57 30.54
N THR G 95 6.12 -10.29 31.63
CA THR G 95 5.59 -11.64 31.81
C THR G 95 4.13 -11.56 32.24
N PHE G 96 3.81 -10.51 32.96
CA PHE G 96 2.45 -10.30 33.43
C PHE G 96 1.58 -10.43 32.19
N ALA G 97 2.01 -9.78 31.10
CA ALA G 97 1.28 -9.80 29.85
C ALA G 97 1.08 -11.22 29.33
N VAL G 98 2.16 -11.74 28.76
CA VAL G 98 2.19 -13.09 28.22
C VAL G 98 1.13 -14.02 28.80
N SER G 99 1.43 -14.59 29.96
CA SER G 99 0.53 -15.49 30.64
C SER G 99 -0.87 -15.20 30.17
N GLY G 100 -1.27 -13.94 30.33
CA GLY G 100 -2.58 -13.52 29.91
C GLY G 100 -2.95 -14.16 28.60
N LEU G 101 -2.15 -13.90 27.57
CA LEU G 101 -2.39 -14.46 26.24
C LEU G 101 -2.43 -15.97 26.29
N LEU G 102 -1.40 -16.56 26.88
CA LEU G 102 -1.32 -18.00 26.97
C LEU G 102 -2.53 -18.54 27.73
N ILE G 103 -2.69 -18.18 28.99
CA ILE G 103 -3.85 -18.66 29.74
C ILE G 103 -5.13 -18.17 29.07
N GLY G 104 -5.01 -17.19 28.20
CA GLY G 104 -6.19 -16.69 27.51
C GLY G 104 -6.52 -17.60 26.35
N GLU G 105 -5.57 -17.74 25.44
CA GLU G 105 -5.76 -18.61 24.28
C GLU G 105 -5.89 -20.04 24.78
N TRP G 106 -4.83 -20.54 25.41
CA TRP G 106 -4.78 -21.90 25.94
C TRP G 106 -6.12 -22.37 26.49
N ILE G 107 -6.88 -21.42 27.01
CA ILE G 107 -8.21 -21.69 27.53
C ILE G 107 -9.10 -21.87 26.32
N ASN G 108 -9.37 -20.77 25.64
CA ASN G 108 -10.19 -20.77 24.45
C ASN G 108 -9.82 -21.93 23.51
N ARG G 109 -8.54 -22.32 23.51
CA ARG G 109 -8.03 -23.41 22.67
C ARG G 109 -8.70 -24.73 23.00
N TYR G 110 -8.76 -25.04 24.28
CA TYR G 110 -9.38 -26.27 24.75
C TYR G 110 -10.84 -26.20 24.41
N CYS G 111 -11.66 -26.28 25.43
CA CYS G 111 -13.11 -26.22 25.33
C CYS G 111 -13.70 -25.82 23.96
N ASN G 112 -13.37 -24.63 23.49
CA ASN G 112 -13.90 -24.17 22.19
C ASN G 112 -13.51 -25.09 21.03
N PHE G 113 -12.37 -24.80 20.39
CA PHE G 113 -11.89 -25.62 19.28
C PHE G 113 -12.04 -27.12 19.56
N TRP G 114 -11.65 -27.51 20.77
CA TRP G 114 -11.65 -28.89 21.22
C TRP G 114 -13.04 -29.47 21.55
N GLY G 115 -13.79 -28.80 22.43
CA GLY G 115 -15.11 -29.26 22.84
C GLY G 115 -16.24 -28.79 21.95
N TRP G 116 -15.88 -27.95 20.98
CA TRP G 116 -16.82 -27.42 19.99
C TRP G 116 -16.12 -27.71 18.67
N THR G 117 -16.75 -28.54 17.84
CA THR G 117 -16.15 -28.92 16.57
C THR G 117 -14.72 -29.41 16.84
N TYR G 118 -14.62 -30.26 17.86
CA TYR G 118 -13.37 -30.86 18.33
C TYR G 118 -12.19 -30.79 17.41
N PHE G 119 -11.15 -30.11 17.84
CA PHE G 119 -9.95 -30.00 17.05
C PHE G 119 -8.79 -30.56 17.83
N PRO G 120 -7.93 -31.31 17.15
CA PRO G 120 -6.77 -31.91 17.80
C PRO G 120 -6.02 -30.83 18.52
N ILE G 121 -5.84 -31.03 19.81
CA ILE G 121 -5.10 -30.06 20.60
C ILE G 121 -3.74 -29.94 19.93
N SER G 122 -3.55 -30.75 18.90
CA SER G 122 -2.31 -30.75 18.15
C SER G 122 -2.34 -29.70 17.05
N LEU G 123 -3.27 -29.80 16.11
CA LEU G 123 -3.33 -28.83 15.01
C LEU G 123 -3.33 -27.40 15.55
N VAL G 124 -4.15 -27.16 16.56
CA VAL G 124 -4.23 -25.83 17.18
C VAL G 124 -3.61 -25.84 18.57
N PHE G 125 -2.89 -24.77 18.88
CA PHE G 125 -2.23 -24.61 20.17
C PHE G 125 -1.29 -23.44 20.03
N PRO G 126 -1.42 -22.45 20.91
CA PRO G 126 -0.61 -21.24 20.96
C PRO G 126 0.90 -21.44 20.93
N SER G 127 1.64 -20.35 20.76
CA SER G 127 3.09 -20.42 20.72
C SER G 127 3.62 -20.06 22.10
N ALA G 128 4.78 -20.62 22.46
CA ALA G 128 5.37 -20.35 23.75
C ALA G 128 5.98 -18.95 23.81
N LEU G 129 5.74 -18.25 24.91
CA LEU G 129 6.26 -16.89 25.06
C LEU G 129 6.86 -16.65 26.44
N VAL G 130 6.32 -17.36 27.43
CA VAL G 130 6.78 -17.24 28.79
C VAL G 130 8.28 -16.98 28.83
N VAL G 131 9.04 -17.79 28.11
CA VAL G 131 10.48 -17.61 28.10
C VAL G 131 10.82 -16.16 27.79
N PRO G 132 10.78 -15.77 26.50
CA PRO G 132 11.12 -14.38 26.18
C PRO G 132 10.73 -13.38 27.26
N ALA G 133 9.43 -13.32 27.56
CA ALA G 133 8.95 -12.41 28.59
C ALA G 133 9.98 -12.24 29.70
N LEU G 134 10.47 -13.36 30.21
CA LEU G 134 11.45 -13.34 31.27
C LEU G 134 12.73 -12.63 30.85
N TRP G 135 13.36 -13.11 29.79
CA TRP G 135 14.60 -12.51 29.31
C TRP G 135 14.33 -11.09 28.92
N LEU G 136 13.16 -10.59 29.34
CA LEU G 136 12.78 -9.24 29.04
C LEU G 136 12.53 -8.55 30.36
N ASP G 137 11.51 -9.01 31.07
CA ASP G 137 11.19 -8.44 32.36
C ASP G 137 12.46 -8.40 33.21
N ILE G 138 13.46 -9.18 32.81
CA ILE G 138 14.74 -9.24 33.56
C ILE G 138 15.81 -8.28 33.07
N ILE G 139 16.09 -8.29 31.76
CA ILE G 139 17.09 -7.36 31.23
C ILE G 139 16.46 -6.01 31.52
N MET G 140 15.32 -6.08 32.19
CA MET G 140 14.57 -4.92 32.59
C MET G 140 14.93 -4.67 34.05
N LEU G 141 14.56 -5.62 34.92
CA LEU G 141 14.83 -5.52 36.36
C LEU G 141 16.20 -4.91 36.53
N LEU G 142 17.22 -5.73 36.24
CA LEU G 142 18.58 -5.27 36.31
C LEU G 142 18.59 -4.19 35.24
N SER G 143 19.29 -3.09 35.46
CA SER G 143 19.31 -2.03 34.45
C SER G 143 17.89 -1.65 34.10
N GLY G 144 17.27 -0.86 34.97
CA GLY G 144 15.90 -0.45 34.76
C GLY G 144 15.67 0.80 33.92
N SER G 145 16.37 0.92 32.79
CA SER G 145 16.19 2.08 31.91
C SER G 145 15.55 1.63 30.59
N TYR G 146 14.87 2.56 29.95
CA TYR G 146 14.21 2.24 28.72
C TYR G 146 15.11 1.71 27.65
N VAL G 147 15.66 2.61 26.87
CA VAL G 147 16.54 2.23 25.79
C VAL G 147 17.24 0.91 26.03
N ILE G 148 17.98 0.79 27.13
CA ILE G 148 18.69 -0.45 27.42
C ILE G 148 17.77 -1.66 27.37
N THR G 149 16.64 -1.59 28.07
CA THR G 149 15.71 -2.70 28.06
C THR G 149 15.13 -2.90 26.67
N ALA G 150 15.18 -1.86 25.84
CA ALA G 150 14.67 -1.92 24.46
C ALA G 150 15.63 -2.67 23.55
N VAL G 151 16.76 -2.07 23.25
CA VAL G 151 17.75 -2.72 22.40
C VAL G 151 17.84 -4.14 22.89
N VAL G 152 18.71 -4.36 23.87
CA VAL G 152 18.85 -5.70 24.42
C VAL G 152 17.52 -5.95 25.08
N GLY G 153 17.06 -7.20 24.99
CA GLY G 153 15.78 -7.56 25.57
C GLY G 153 14.89 -7.78 24.37
N SER G 154 14.57 -6.70 23.68
CA SER G 154 13.74 -6.80 22.48
C SER G 154 14.48 -7.78 21.60
N LEU G 155 15.78 -7.54 21.48
CA LEU G 155 16.65 -8.35 20.66
C LEU G 155 16.35 -9.82 20.90
N GLY G 156 16.94 -10.40 21.94
CA GLY G 156 16.70 -11.79 22.23
C GLY G 156 15.23 -12.17 22.25
N TRP G 157 14.39 -11.26 22.74
CA TRP G 157 12.95 -11.51 22.83
C TRP G 157 12.41 -12.20 21.61
N GLY G 158 13.11 -12.04 20.49
CA GLY G 158 12.69 -12.66 19.24
C GLY G 158 13.56 -13.84 18.89
N LEU G 159 14.86 -13.70 19.07
CA LEU G 159 15.75 -14.81 18.76
C LEU G 159 15.19 -15.96 19.55
N LEU G 160 15.02 -15.76 20.85
CA LEU G 160 14.49 -16.81 21.70
C LEU G 160 13.25 -17.47 21.13
N PHE G 161 12.35 -16.67 20.58
CA PHE G 161 11.09 -17.21 20.05
C PHE G 161 11.18 -18.64 19.59
N TYR G 162 11.52 -18.83 18.32
CA TYR G 162 11.59 -20.17 17.74
C TYR G 162 12.33 -21.13 18.65
N PRO G 163 13.63 -20.92 18.85
CA PRO G 163 14.36 -21.85 19.71
C PRO G 163 13.52 -22.26 20.91
N ASN G 164 12.83 -21.28 21.49
CA ASN G 164 11.97 -21.56 22.61
C ASN G 164 10.99 -22.62 22.17
N ASN G 165 10.09 -22.28 21.26
CA ASN G 165 9.07 -23.20 20.77
C ASN G 165 9.54 -24.54 20.19
N TRP G 166 10.85 -24.77 20.07
CA TRP G 166 11.32 -26.03 19.49
C TRP G 166 10.59 -27.21 20.12
N PRO G 167 10.63 -27.31 21.46
CA PRO G 167 9.94 -28.43 22.10
C PRO G 167 8.59 -28.69 21.49
N ALA G 168 7.59 -27.93 21.91
CA ALA G 168 6.23 -28.09 21.43
C ALA G 168 6.14 -28.21 19.92
N ILE G 169 7.10 -27.64 19.22
CA ILE G 169 7.04 -27.69 17.77
C ILE G 169 7.88 -28.84 17.17
N ALA G 170 9.19 -28.80 17.36
CA ALA G 170 10.11 -29.82 16.83
C ALA G 170 9.49 -31.16 16.40
N ALA G 171 9.16 -31.99 17.38
CA ALA G 171 8.58 -33.30 17.12
C ALA G 171 7.51 -33.37 16.01
N LEU G 172 6.50 -32.50 16.07
CA LEU G 172 5.44 -32.53 15.06
C LEU G 172 5.88 -32.17 13.64
N HIS G 173 7.17 -32.32 13.35
CA HIS G 173 7.70 -32.01 12.02
C HIS G 173 8.34 -33.21 11.31
N GLN G 174 8.36 -34.37 11.97
CA GLN G 174 8.92 -35.58 11.36
C GLN G 174 8.09 -35.78 10.09
N ALA G 175 8.56 -36.57 9.12
CA ALA G 175 7.79 -36.72 7.88
C ALA G 175 7.46 -38.13 7.38
N THR G 176 6.30 -38.26 6.72
CA THR G 176 5.86 -39.53 6.14
C THR G 176 5.70 -39.27 4.65
N GLU G 177 5.46 -40.34 3.88
CA GLU G 177 5.29 -40.25 2.43
C GLU G 177 3.85 -40.55 2.02
N GLN G 178 3.02 -39.53 1.93
CA GLN G 178 1.64 -39.76 1.57
C GLN G 178 1.43 -39.67 0.08
N HIS G 179 1.33 -40.85 -0.52
CA HIS G 179 1.09 -41.04 -1.95
C HIS G 179 2.12 -40.44 -2.90
N GLY G 180 3.37 -40.86 -2.75
CA GLY G 180 4.45 -40.39 -3.60
C GLY G 180 4.87 -38.96 -3.33
N GLN G 181 4.33 -38.39 -2.25
CA GLN G 181 4.67 -37.02 -1.90
C GLN G 181 5.18 -36.95 -0.47
N LEU G 182 5.76 -35.81 -0.13
CA LEU G 182 6.30 -35.61 1.20
C LEU G 182 5.56 -34.52 1.97
N MET G 183 5.38 -34.78 3.27
CA MET G 183 4.71 -33.84 4.16
C MET G 183 5.23 -34.03 5.57
N SER G 184 4.91 -33.07 6.45
CA SER G 184 5.32 -33.12 7.84
C SER G 184 4.17 -33.55 8.70
N LEU G 185 4.48 -34.33 9.75
CA LEU G 185 3.46 -34.81 10.66
C LEU G 185 2.55 -33.62 10.69
N ALA G 186 3.17 -32.47 10.92
CA ALA G 186 2.45 -31.23 10.96
C ALA G 186 1.53 -31.19 9.76
N ASP G 187 2.10 -30.84 8.61
CA ASP G 187 1.34 -30.73 7.37
C ASP G 187 0.12 -31.64 7.35
N LEU G 188 0.36 -32.95 7.43
CA LEU G 188 -0.73 -33.91 7.38
C LEU G 188 -1.81 -33.64 8.44
N VAL G 189 -1.40 -33.36 9.69
CA VAL G 189 -2.38 -33.09 10.73
C VAL G 189 -3.30 -32.03 10.19
N GLY G 190 -2.74 -31.19 9.32
CA GLY G 190 -3.52 -30.12 8.72
C GLY G 190 -4.36 -30.63 7.57
N PHE G 191 -3.91 -31.72 6.96
CA PHE G 191 -4.66 -32.32 5.85
C PHE G 191 -5.90 -32.94 6.46
N HIS G 192 -5.71 -33.70 7.54
CA HIS G 192 -6.80 -34.35 8.25
C HIS G 192 -7.59 -33.27 9.00
N PHE G 193 -8.71 -33.64 9.61
CA PHE G 193 -9.57 -32.70 10.35
C PHE G 193 -9.62 -31.37 9.61
N VAL G 194 -10.65 -31.15 8.82
CA VAL G 194 -10.72 -29.93 8.04
C VAL G 194 -11.61 -28.80 8.57
N ARG G 195 -11.49 -27.64 7.92
CA ARG G 195 -12.24 -26.43 8.30
C ARG G 195 -12.73 -25.60 7.08
N THR G 196 -12.29 -24.33 7.00
CA THR G 196 -12.67 -23.43 5.91
C THR G 196 -11.73 -22.23 5.59
N SER G 197 -12.30 -21.01 5.58
CA SER G 197 -11.62 -19.73 5.22
C SER G 197 -11.19 -18.71 6.33
N MET G 198 -11.50 -17.41 6.11
CA MET G 198 -11.15 -16.30 7.03
C MET G 198 -12.24 -15.84 8.03
N PRO G 199 -13.44 -15.41 7.53
CA PRO G 199 -13.95 -15.27 6.16
C PRO G 199 -14.81 -13.99 5.88
N GLU G 200 -14.79 -13.01 6.80
CA GLU G 200 -15.61 -11.77 6.68
C GLU G 200 -14.88 -10.42 6.79
N TYR G 201 -15.35 -9.65 7.78
CA TYR G 201 -14.87 -8.34 8.18
C TYR G 201 -15.88 -7.16 8.20
N ILE G 202 -15.60 -6.27 9.17
CA ILE G 202 -16.31 -5.01 9.47
C ILE G 202 -15.63 -4.71 10.79
N ARG G 203 -15.46 -5.79 11.53
CA ARG G 203 -14.83 -5.87 12.83
C ARG G 203 -14.13 -4.60 13.31
N MET G 204 -14.87 -3.50 13.51
CA MET G 204 -14.23 -2.28 14.00
C MET G 204 -15.17 -1.29 14.68
N VAL G 205 -16.48 -1.41 14.43
CA VAL G 205 -17.46 -0.52 15.08
C VAL G 205 -17.29 -0.76 16.58
N GLU G 206 -17.66 -1.96 17.02
CA GLU G 206 -17.56 -2.40 18.41
C GLU G 206 -16.26 -2.00 19.11
N ARG G 207 -15.24 -1.72 18.30
CA ARG G 207 -13.93 -1.33 18.80
C ARG G 207 -13.81 0.18 19.04
N GLY G 208 -13.71 0.97 17.96
CA GLY G 208 -13.60 2.41 18.10
C GLY G 208 -14.93 3.03 18.49
N THR G 209 -15.74 2.25 19.19
CA THR G 209 -17.07 2.63 19.65
C THR G 209 -17.43 2.13 21.04
N LEU G 210 -17.87 3.05 21.89
CA LEU G 210 -18.27 2.77 23.26
C LEU G 210 -17.25 1.91 24.02
N ARG G 211 -16.99 0.69 23.53
CA ARG G 211 -16.01 -0.22 24.14
C ARG G 211 -14.80 0.65 24.39
N THR G 212 -14.83 1.76 23.69
CA THR G 212 -13.82 2.79 23.76
C THR G 212 -14.40 3.98 24.56
N PHE G 213 -14.58 5.11 23.89
CA PHE G 213 -15.10 6.33 24.53
C PHE G 213 -16.46 6.09 25.17
N GLY G 214 -16.41 5.29 26.22
CA GLY G 214 -17.57 4.91 27.00
C GLY G 214 -16.90 3.92 27.92
N LYS G 215 -15.59 4.11 28.07
CA LYS G 215 -14.76 3.27 28.89
C LYS G 215 -13.40 3.93 28.78
N GLU G 216 -13.20 4.59 27.65
CA GLU G 216 -11.96 5.28 27.40
C GLU G 216 -11.91 6.49 28.29
N VAL G 217 -12.94 7.32 28.16
CA VAL G 217 -13.01 8.50 28.99
C VAL G 217 -12.82 8.06 30.43
N VAL G 218 -11.60 8.29 30.88
CA VAL G 218 -11.09 7.98 32.21
C VAL G 218 -9.63 8.05 31.77
N PRO G 219 -9.09 9.27 31.60
CA PRO G 219 -9.57 10.66 31.74
C PRO G 219 -10.74 11.01 32.67
N VAL G 220 -11.61 11.90 32.19
CA VAL G 220 -12.83 12.45 32.82
C VAL G 220 -12.92 13.96 32.50
N ALA G 221 -11.81 14.47 31.97
CA ALA G 221 -11.60 15.87 31.56
C ALA G 221 -10.13 16.19 31.83
N ALA G 222 -9.59 15.55 32.86
CA ALA G 222 -8.21 15.75 33.29
C ALA G 222 -7.33 14.56 32.94
N PHE G 223 -6.07 14.84 32.61
CA PHE G 223 -5.08 13.84 32.25
C PHE G 223 -4.90 12.74 33.33
N PHE G 224 -3.67 12.22 33.43
CA PHE G 224 -3.31 11.15 34.35
C PHE G 224 -3.69 9.93 33.54
N SER G 225 -2.74 9.10 33.14
CA SER G 225 -3.12 8.00 32.28
C SER G 225 -2.24 6.78 31.97
N GLY G 226 -2.82 5.88 31.17
CA GLY G 226 -2.17 4.67 30.71
C GLY G 226 -1.92 4.91 29.23
N PHE G 227 -1.50 6.14 28.97
CA PHE G 227 -1.15 6.60 27.63
C PHE G 227 0.38 6.56 27.75
N VAL G 228 0.84 6.04 28.88
CA VAL G 228 2.26 5.91 29.13
C VAL G 228 2.72 4.82 28.19
N SER G 229 1.79 4.27 27.42
CA SER G 229 2.10 3.22 26.48
C SER G 229 3.07 3.73 25.44
N MET G 230 3.81 4.77 25.79
CA MET G 230 4.82 5.35 24.89
C MET G 230 5.89 4.26 24.86
N MET G 231 5.38 3.04 24.86
CA MET G 231 6.16 1.82 24.84
C MET G 231 6.07 1.32 23.44
N VAL G 232 5.08 1.84 22.73
CA VAL G 232 4.90 1.51 21.34
C VAL G 232 6.34 1.52 20.90
N TYR G 233 7.08 2.52 21.38
CA TYR G 233 8.49 2.62 21.05
C TYR G 233 9.03 1.23 21.27
N PHE G 234 9.13 0.83 22.54
CA PHE G 234 9.64 -0.48 22.92
C PHE G 234 9.57 -1.43 21.75
N LEU G 235 8.40 -1.49 21.13
CA LEU G 235 8.17 -2.37 19.99
C LEU G 235 9.04 -2.05 18.82
N TRP G 236 8.89 -0.84 18.30
CA TRP G 236 9.66 -0.47 17.14
C TRP G 236 11.02 -1.11 17.26
N TRP G 237 11.80 -0.72 18.26
CA TRP G 237 13.07 -1.40 18.40
C TRP G 237 12.63 -2.82 18.66
N PHE G 238 12.67 -3.60 17.60
CA PHE G 238 12.28 -4.97 17.61
C PHE G 238 13.30 -5.58 16.68
N VAL G 239 13.72 -4.73 15.73
CA VAL G 239 14.69 -5.05 14.69
C VAL G 239 15.79 -5.95 15.19
N GLY G 240 15.34 -7.16 15.49
CA GLY G 240 16.15 -8.23 16.00
C GLY G 240 15.15 -9.36 15.79
N LYS G 241 13.88 -9.01 15.90
CA LYS G 241 12.83 -9.96 15.68
C LYS G 241 12.89 -10.21 14.18
N TRP G 242 13.20 -9.15 13.43
CA TRP G 242 13.33 -9.23 11.96
C TRP G 242 14.70 -9.81 11.76
N TYR G 243 15.39 -10.01 12.88
CA TYR G 243 16.69 -10.63 12.84
C TYR G 243 16.34 -12.06 13.23
N SER G 244 15.57 -12.17 14.32
CA SER G 244 15.12 -13.44 14.85
C SER G 244 14.42 -14.21 13.76
N THR G 245 14.66 -13.79 12.52
CA THR G 245 14.09 -14.41 11.34
C THR G 245 15.17 -15.24 10.71
N THR G 246 16.21 -14.54 10.30
CA THR G 246 17.30 -15.20 9.62
C THR G 246 17.97 -16.24 10.48
N LYS G 247 17.11 -17.05 11.07
CA LYS G 247 17.46 -18.18 11.89
C LYS G 247 16.53 -19.10 11.15
N VAL G 248 16.67 -18.98 9.84
CA VAL G 248 15.91 -19.75 8.87
C VAL G 248 16.92 -19.90 7.74
N ILE G 249 17.90 -20.77 8.00
CA ILE G 249 19.01 -21.10 7.11
C ILE G 249 19.43 -19.87 6.28
N ILE H 18 -18.31 -1.83 58.15
CA ILE H 18 -17.94 -0.50 57.59
C ILE H 18 -16.58 -0.49 56.86
N VAL H 19 -16.63 -0.69 55.54
CA VAL H 19 -15.50 -0.71 54.56
C VAL H 19 -15.69 -1.86 53.56
N ASP H 20 -16.93 -2.32 53.52
CA ASP H 20 -17.44 -3.40 52.65
C ASP H 20 -16.64 -4.68 52.39
N LEU H 21 -17.42 -5.70 52.03
CA LEU H 21 -16.98 -7.07 51.70
C LEU H 21 -17.17 -7.25 50.18
N ARG H 22 -17.55 -8.45 49.79
CA ARG H 22 -17.77 -8.76 48.38
C ARG H 22 -19.12 -8.29 47.84
N GLY H 23 -19.18 -7.07 47.33
CA GLY H 23 -20.41 -6.61 46.73
C GLY H 23 -20.37 -7.36 45.40
N MET H 24 -19.22 -8.01 45.20
CA MET H 24 -18.90 -8.80 44.01
C MET H 24 -19.63 -10.11 44.04
N TRP H 25 -20.32 -10.36 45.13
CA TRP H 25 -21.08 -11.59 45.25
C TRP H 25 -21.88 -11.66 43.95
N VAL H 26 -22.98 -10.91 43.93
CA VAL H 26 -23.89 -10.86 42.79
C VAL H 26 -23.04 -10.80 41.49
N GLY H 27 -21.93 -10.05 41.56
CA GLY H 27 -21.05 -9.89 40.41
C GLY H 27 -20.50 -11.18 39.85
N VAL H 28 -19.24 -11.46 40.16
CA VAL H 28 -18.59 -12.67 39.67
C VAL H 28 -19.61 -13.79 39.55
N ALA H 29 -20.27 -14.12 40.66
CA ALA H 29 -21.27 -15.18 40.65
C ALA H 29 -22.28 -14.94 39.54
N GLY H 30 -23.16 -13.97 39.74
CA GLY H 30 -24.18 -13.65 38.75
C GLY H 30 -23.73 -13.59 37.30
N LEU H 31 -22.42 -13.70 37.07
CA LEU H 31 -21.87 -13.65 35.73
C LEU H 31 -21.32 -15.01 35.33
N ASN H 32 -20.19 -15.39 35.92
CA ASN H 32 -19.55 -16.66 35.61
C ASN H 32 -20.54 -17.80 35.35
N ILE H 33 -21.65 -17.82 36.07
CA ILE H 33 -22.62 -18.87 35.84
C ILE H 33 -23.41 -18.52 34.58
N PHE H 34 -23.92 -17.29 34.51
CA PHE H 34 -24.68 -16.86 33.34
C PHE H 34 -23.88 -17.20 32.09
N TYR H 35 -22.76 -16.51 31.94
CA TYR H 35 -21.88 -16.71 30.81
C TYR H 35 -21.59 -18.19 30.58
N LEU H 36 -21.06 -18.86 31.60
CA LEU H 36 -20.74 -20.29 31.50
C LEU H 36 -21.87 -21.03 30.81
N ILE H 37 -23.04 -20.99 31.45
CA ILE H 37 -24.23 -21.61 30.94
C ILE H 37 -24.40 -21.31 29.45
N VAL H 38 -24.36 -20.04 29.10
CA VAL H 38 -24.51 -19.60 27.71
C VAL H 38 -23.66 -20.45 26.80
N ARG H 39 -22.54 -20.92 27.32
CA ARG H 39 -21.63 -21.75 26.55
C ARG H 39 -22.24 -23.14 26.42
N ILE H 40 -23.01 -23.55 27.43
CA ILE H 40 -23.66 -24.84 27.40
C ILE H 40 -24.81 -24.76 26.39
N TYR H 41 -25.69 -23.79 26.55
CA TYR H 41 -26.82 -23.62 25.65
C TYR H 41 -26.39 -23.52 24.19
N GLU H 42 -25.21 -22.95 23.95
CA GLU H 42 -24.70 -22.83 22.58
C GLU H 42 -24.08 -24.15 22.12
N GLN H 43 -23.96 -25.08 23.06
CA GLN H 43 -23.41 -26.40 22.78
C GLN H 43 -24.51 -27.17 22.04
N ILE H 44 -25.72 -27.05 22.57
CA ILE H 44 -26.89 -27.72 21.99
C ILE H 44 -27.38 -27.02 20.74
N TYR H 45 -28.46 -26.26 20.89
CA TYR H 45 -29.11 -25.53 19.79
C TYR H 45 -28.25 -25.04 18.61
N GLY H 46 -27.29 -24.16 18.87
CA GLY H 46 -26.46 -23.66 17.80
C GLY H 46 -25.78 -24.80 17.06
N TRP H 47 -25.48 -25.87 17.79
CA TRP H 47 -24.81 -27.04 17.22
C TRP H 47 -25.75 -28.24 17.04
N ARG H 48 -26.99 -27.94 16.66
CA ARG H 48 -28.01 -28.97 16.47
C ARG H 48 -29.34 -28.25 16.29
N ALA H 49 -29.29 -27.11 15.58
CA ALA H 49 -30.48 -26.29 15.32
C ALA H 49 -30.00 -25.00 14.66
N GLY H 50 -29.23 -24.23 15.43
CA GLY H 50 -28.69 -22.99 14.93
C GLY H 50 -27.50 -23.24 14.04
N LEU H 51 -27.56 -24.29 13.22
CA LEU H 51 -26.48 -24.65 12.29
C LEU H 51 -26.78 -24.21 10.85
N ASP H 52 -27.86 -23.46 10.69
CA ASP H 52 -28.31 -22.90 9.41
C ASP H 52 -29.40 -21.86 9.67
N SER H 53 -29.20 -20.64 9.18
CA SER H 53 -30.12 -19.51 9.36
C SER H 53 -31.49 -19.65 8.67
N PHE H 54 -31.56 -20.51 7.66
CA PHE H 54 -32.81 -20.74 6.94
C PHE H 54 -33.60 -21.86 7.61
N ALA H 55 -32.91 -22.60 8.49
CA ALA H 55 -33.48 -23.73 9.25
C ALA H 55 -34.16 -23.24 10.54
N PRO H 56 -35.51 -23.18 10.56
CA PRO H 56 -36.37 -22.73 11.67
C PRO H 56 -35.86 -22.99 13.09
N GLU H 57 -35.35 -24.19 13.33
CA GLU H 57 -34.82 -24.59 14.64
C GLU H 57 -33.77 -23.57 15.11
N PHE H 58 -33.45 -22.65 14.19
CA PHE H 58 -32.47 -21.59 14.36
C PHE H 58 -33.15 -20.33 14.90
N GLN H 59 -34.19 -19.88 14.21
CA GLN H 59 -34.92 -18.68 14.58
C GLN H 59 -35.88 -18.83 15.74
N THR H 60 -35.73 -19.90 16.52
CA THR H 60 -36.61 -20.12 17.67
C THR H 60 -35.81 -20.66 18.84
N TYR H 61 -34.96 -21.63 18.54
CA TYR H 61 -34.12 -22.26 19.53
C TYR H 61 -32.69 -21.88 19.25
N TRP H 62 -32.49 -20.58 19.07
CA TRP H 62 -31.17 -20.02 18.80
C TRP H 62 -31.16 -18.51 18.55
N LEU H 63 -31.57 -18.11 17.35
CA LEU H 63 -31.62 -16.70 16.97
C LEU H 63 -32.53 -15.95 17.96
N SER H 64 -33.03 -16.71 18.93
CA SER H 64 -33.93 -16.21 19.98
C SER H 64 -33.11 -15.32 20.92
N ILE H 65 -31.90 -15.78 21.22
CA ILE H 65 -31.02 -15.04 22.10
C ILE H 65 -30.43 -13.84 21.34
N LEU H 66 -31.27 -13.06 20.68
CA LEU H 66 -30.81 -11.88 19.94
C LEU H 66 -31.70 -10.68 20.23
N TRP H 67 -32.98 -10.83 19.96
CA TRP H 67 -33.95 -9.78 20.21
C TRP H 67 -34.26 -9.96 21.69
N THR H 68 -33.41 -10.78 22.28
CA THR H 68 -33.46 -11.15 23.68
C THR H 68 -32.26 -10.46 24.40
N GLU H 69 -31.17 -10.24 23.65
CA GLU H 69 -29.96 -9.62 24.19
C GLU H 69 -29.86 -8.10 23.97
N ILE H 70 -30.18 -7.64 22.76
CA ILE H 70 -30.13 -6.22 22.47
C ILE H 70 -31.10 -5.44 23.35
N PRO H 71 -32.33 -5.95 23.49
CA PRO H 71 -33.33 -5.27 24.32
C PRO H 71 -32.71 -4.89 25.66
N LEU H 72 -32.29 -5.92 26.39
CA LEU H 72 -31.65 -5.79 27.70
C LEU H 72 -30.47 -4.81 27.68
N GLU H 73 -29.53 -5.05 26.76
CA GLU H 73 -28.32 -4.24 26.61
C GLU H 73 -28.57 -2.79 26.15
N LEU H 74 -29.74 -2.28 26.47
CA LEU H 74 -30.13 -0.91 26.14
C LEU H 74 -30.79 -0.39 27.40
N VAL H 75 -31.68 -1.22 27.93
CA VAL H 75 -32.36 -0.89 29.16
C VAL H 75 -31.31 -1.00 30.25
N SER H 76 -30.42 -1.96 30.08
CA SER H 76 -29.34 -2.18 31.03
C SER H 76 -28.35 -1.01 30.90
N GLY H 77 -27.96 -0.69 29.67
CA GLY H 77 -27.04 0.41 29.45
C GLY H 77 -27.56 1.62 30.17
N LEU H 78 -28.83 1.94 29.93
CA LEU H 78 -29.44 3.08 30.57
C LEU H 78 -29.75 2.78 32.02
N ALA H 79 -29.95 1.49 32.35
CA ALA H 79 -30.27 1.08 33.72
C ALA H 79 -29.33 1.76 34.69
N LEU H 80 -28.05 1.42 34.60
CA LEU H 80 -27.08 2.01 35.47
C LEU H 80 -27.10 3.53 35.30
N ALA H 81 -27.36 4.00 34.08
CA ALA H 81 -27.42 5.43 33.84
C ALA H 81 -28.34 6.11 34.85
N GLY H 82 -29.54 5.58 35.00
CA GLY H 82 -30.49 6.17 35.95
C GLY H 82 -30.12 5.90 37.39
N TRP H 83 -30.33 4.66 37.83
CA TRP H 83 -30.03 4.27 39.20
C TRP H 83 -28.71 4.86 39.61
N LEU H 84 -27.62 4.38 39.03
CA LEU H 84 -26.28 4.87 39.37
C LEU H 84 -26.11 6.37 39.37
N TRP H 85 -27.11 7.11 38.90
CA TRP H 85 -26.99 8.56 38.89
C TRP H 85 -27.70 9.23 40.05
N LYS H 86 -29.02 9.26 39.95
CA LYS H 86 -29.83 9.86 40.98
C LYS H 86 -29.54 9.23 42.34
N THR H 87 -28.54 8.35 42.37
CA THR H 87 -28.13 7.69 43.61
C THR H 87 -26.70 8.11 43.91
N ARG H 88 -26.39 9.35 43.56
CA ARG H 88 -25.08 9.89 43.78
C ARG H 88 -25.15 10.80 44.99
N ASP H 89 -24.03 10.94 45.68
CA ASP H 89 -23.96 11.77 46.87
C ASP H 89 -24.55 13.18 46.63
N ARG H 90 -24.65 13.61 45.38
CA ARG H 90 -25.18 14.94 45.07
C ARG H 90 -24.25 15.93 45.74
N ASN H 91 -24.49 16.14 47.02
CA ASN H 91 -23.67 17.01 47.84
C ASN H 91 -22.40 16.19 48.07
N VAL H 92 -21.82 15.71 46.98
CA VAL H 92 -20.63 14.88 47.05
C VAL H 92 -19.44 15.66 47.59
N ASP H 93 -18.40 15.77 46.78
CA ASP H 93 -17.14 16.44 47.14
C ASP H 93 -16.91 16.48 48.65
N ALA H 94 -17.53 17.42 49.37
CA ALA H 94 -17.37 17.45 50.81
C ALA H 94 -17.91 16.11 51.32
N VAL H 95 -17.01 15.16 51.61
CA VAL H 95 -17.46 13.85 52.09
C VAL H 95 -16.53 13.17 53.08
N ALA H 96 -17.13 12.29 53.90
CA ALA H 96 -16.45 11.52 54.93
C ALA H 96 -15.12 10.92 54.47
N PRO H 97 -14.00 11.51 54.91
CA PRO H 97 -12.68 11.02 54.52
C PRO H 97 -12.51 9.54 54.77
N ARG H 98 -13.48 8.92 55.44
CA ARG H 98 -13.39 7.50 55.66
C ARG H 98 -14.16 6.88 54.51
N GLU H 99 -15.25 7.54 54.14
CA GLU H 99 -16.10 7.10 53.05
C GLU H 99 -15.41 7.06 51.70
N GLU H 100 -14.57 8.05 51.41
CA GLU H 100 -13.90 8.05 50.13
C GLU H 100 -13.21 6.70 49.99
N LEU H 101 -12.10 6.49 50.69
CA LEU H 101 -11.36 5.21 50.60
C LEU H 101 -12.24 4.11 51.18
N ARG H 102 -13.47 4.09 50.70
CA ARG H 102 -14.47 3.10 51.06
C ARG H 102 -15.39 3.02 49.86
N ARG H 103 -15.57 4.16 49.21
CA ARG H 103 -16.40 4.24 48.01
C ARG H 103 -15.53 3.79 46.83
N HIS H 104 -14.26 3.51 47.11
CA HIS H 104 -13.34 3.05 46.09
C HIS H 104 -13.34 1.57 46.25
N VAL H 105 -13.18 1.16 47.51
CA VAL H 105 -13.20 -0.24 47.84
C VAL H 105 -14.24 -0.82 46.90
N VAL H 106 -15.27 -0.01 46.64
CA VAL H 106 -16.35 -0.40 45.75
C VAL H 106 -15.94 -0.12 44.31
N LEU H 107 -15.63 1.13 44.01
CA LEU H 107 -15.23 1.46 42.66
C LEU H 107 -14.25 0.38 42.18
N VAL H 108 -13.12 0.26 42.89
CA VAL H 108 -12.09 -0.71 42.57
C VAL H 108 -12.58 -2.14 42.75
N GLU H 109 -13.90 -2.29 42.75
CA GLU H 109 -14.53 -3.59 42.88
C GLU H 109 -15.16 -3.85 41.51
N TRP H 110 -15.84 -2.82 41.00
CA TRP H 110 -16.47 -2.92 39.70
C TRP H 110 -15.48 -3.24 38.63
N LEU H 111 -14.45 -2.41 38.54
CA LEU H 111 -13.44 -2.64 37.54
C LEU H 111 -12.84 -4.03 37.68
N VAL H 112 -13.26 -4.77 38.70
CA VAL H 112 -12.76 -6.13 38.87
C VAL H 112 -13.76 -7.06 38.24
N VAL H 113 -15.02 -6.66 38.26
CA VAL H 113 -16.05 -7.46 37.63
C VAL H 113 -15.90 -7.09 36.17
N TYR H 114 -15.86 -5.79 35.92
CA TYR H 114 -15.69 -5.27 34.57
C TYR H 114 -14.53 -6.05 34.02
N ALA H 115 -13.58 -6.34 34.90
CA ALA H 115 -12.39 -7.10 34.54
C ALA H 115 -12.87 -8.39 33.88
N VAL H 116 -12.91 -9.46 34.66
CA VAL H 116 -13.35 -10.73 34.13
C VAL H 116 -14.39 -10.50 33.03
N ALA H 117 -15.34 -9.60 33.28
CA ALA H 117 -16.37 -9.30 32.30
C ALA H 117 -15.77 -9.20 30.91
N ILE H 118 -14.69 -8.44 30.78
CA ILE H 118 -14.01 -8.28 29.50
C ILE H 118 -13.57 -9.62 28.98
N TYR H 119 -12.74 -10.30 29.76
CA TYR H 119 -12.21 -11.60 29.39
C TYR H 119 -13.11 -12.42 28.48
N TRP H 120 -14.40 -12.39 28.74
CA TRP H 120 -15.32 -13.13 27.91
C TRP H 120 -15.45 -12.50 26.54
N GLY H 121 -15.59 -11.18 26.51
CA GLY H 121 -15.71 -10.48 25.25
C GLY H 121 -14.37 -10.20 24.60
N ALA H 122 -13.35 -10.91 25.03
CA ALA H 122 -12.02 -10.71 24.47
C ALA H 122 -11.26 -12.01 24.34
N SER H 123 -11.34 -12.87 25.35
CA SER H 123 -10.62 -14.14 25.30
C SER H 123 -11.56 -15.33 25.18
N PHE H 124 -12.82 -15.07 24.90
CA PHE H 124 -13.73 -16.16 24.72
C PHE H 124 -14.51 -16.00 23.44
N PHE H 125 -15.70 -15.45 23.52
CA PHE H 125 -16.50 -15.28 22.31
C PHE H 125 -15.85 -14.34 21.32
N THR H 126 -14.57 -14.04 21.54
CA THR H 126 -13.81 -13.19 20.65
C THR H 126 -12.91 -14.11 19.85
N GLU H 127 -12.43 -15.18 20.49
CA GLU H 127 -11.60 -16.14 19.79
C GLU H 127 -12.38 -17.41 19.53
N GLN H 128 -13.53 -17.58 20.17
CA GLN H 128 -14.35 -18.77 19.94
C GLN H 128 -14.93 -18.61 18.53
N ASP H 129 -15.10 -17.35 18.13
CA ASP H 129 -15.65 -17.03 16.82
C ASP H 129 -14.59 -17.30 15.76
N GLY H 130 -13.42 -17.77 16.22
CA GLY H 130 -12.33 -18.08 15.31
C GLY H 130 -12.27 -19.56 15.00
N THR H 131 -12.95 -20.36 15.82
CA THR H 131 -13.02 -21.79 15.64
C THR H 131 -14.28 -22.01 14.83
N TRP H 132 -15.24 -21.12 15.02
CA TRP H 132 -16.50 -21.21 14.32
C TRP H 132 -16.25 -20.88 12.85
N HIS H 133 -15.44 -19.85 12.58
CA HIS H 133 -15.13 -19.48 11.20
C HIS H 133 -14.68 -20.75 10.49
N MET H 134 -13.84 -21.50 11.21
CA MET H 134 -13.27 -22.74 10.73
C MET H 134 -14.13 -23.97 10.99
N THR H 135 -15.40 -23.87 10.63
CA THR H 135 -16.36 -24.97 10.74
C THR H 135 -17.31 -24.77 9.56
N VAL H 136 -18.30 -23.89 9.76
CA VAL H 136 -19.29 -23.59 8.74
C VAL H 136 -18.76 -22.60 7.70
N ILE H 137 -19.27 -22.74 6.48
CA ILE H 137 -18.91 -21.87 5.36
C ILE H 137 -19.81 -20.65 5.51
N ARG H 138 -19.70 -20.04 6.69
CA ARG H 138 -20.44 -18.86 7.11
C ARG H 138 -21.82 -18.67 6.47
N ASP H 139 -22.84 -18.58 7.34
CA ASP H 139 -24.22 -18.36 6.90
C ASP H 139 -24.36 -16.82 6.86
N THR H 140 -24.60 -16.21 8.02
CA THR H 140 -24.69 -14.76 8.09
C THR H 140 -23.79 -14.38 9.26
N ASP H 141 -23.74 -13.08 9.55
CA ASP H 141 -22.95 -12.57 10.66
C ASP H 141 -23.77 -12.86 11.91
N PHE H 142 -24.70 -13.80 11.74
CA PHE H 142 -25.61 -14.22 12.79
C PHE H 142 -25.46 -15.68 13.19
N THR H 143 -24.23 -16.20 13.13
CA THR H 143 -23.98 -17.57 13.54
C THR H 143 -23.86 -17.51 15.06
N PRO H 144 -23.62 -18.64 15.73
CA PRO H 144 -23.49 -18.67 17.20
C PRO H 144 -22.45 -17.78 17.87
N SER H 145 -21.18 -18.14 17.74
CA SER H 145 -20.11 -17.35 18.33
C SER H 145 -20.28 -15.91 17.87
N HIS H 146 -20.63 -15.76 16.59
CA HIS H 146 -20.84 -14.46 15.95
C HIS H 146 -21.99 -13.66 16.59
N ILE H 147 -22.92 -14.37 17.22
CA ILE H 147 -24.09 -13.76 17.87
C ILE H 147 -23.79 -13.38 19.31
N ILE H 148 -22.96 -14.18 19.97
CA ILE H 148 -22.61 -13.92 21.36
C ILE H 148 -21.36 -13.07 21.48
N GLU H 149 -20.90 -12.52 20.36
CA GLU H 149 -19.71 -11.67 20.41
C GLU H 149 -20.10 -10.30 19.92
N PHE H 150 -20.04 -10.13 18.61
CA PHE H 150 -20.37 -8.89 17.94
C PHE H 150 -21.63 -8.25 18.53
N TYR H 151 -22.53 -9.08 19.04
CA TYR H 151 -23.78 -8.59 19.62
C TYR H 151 -23.93 -8.79 21.11
N MET H 152 -23.43 -9.90 21.62
CA MET H 152 -23.54 -10.14 23.05
C MET H 152 -22.37 -9.62 23.88
N SER H 153 -21.40 -10.49 24.14
CA SER H 153 -20.24 -10.19 24.97
C SER H 153 -19.82 -8.74 25.11
N TYR H 154 -19.47 -8.07 24.01
CA TYR H 154 -19.08 -6.66 24.13
C TYR H 154 -20.24 -5.88 24.73
N PRO H 155 -21.35 -5.69 23.97
CA PRO H 155 -22.40 -4.93 24.64
C PRO H 155 -22.69 -5.54 26.01
N ILE H 156 -22.59 -6.87 26.11
CA ILE H 156 -22.84 -7.60 27.36
C ILE H 156 -22.27 -6.96 28.61
N TYR H 157 -21.05 -6.47 28.52
CA TYR H 157 -20.48 -5.84 29.69
C TYR H 157 -20.16 -4.40 29.37
N SER H 158 -20.48 -3.98 28.15
CA SER H 158 -20.22 -2.60 27.80
C SER H 158 -20.84 -1.79 28.91
N ILE H 159 -21.96 -2.27 29.45
CA ILE H 159 -22.66 -1.59 30.52
C ILE H 159 -21.74 -1.49 31.73
N MET H 160 -21.29 -2.65 32.20
CA MET H 160 -20.39 -2.70 33.34
C MET H 160 -19.57 -1.42 33.36
N ALA H 161 -18.79 -1.24 32.31
CA ALA H 161 -17.96 -0.05 32.20
C ALA H 161 -18.79 1.21 32.43
N VAL H 162 -19.74 1.49 31.55
CA VAL H 162 -20.56 2.70 31.69
C VAL H 162 -21.07 2.92 33.10
N GLY H 163 -20.87 1.94 33.97
CA GLY H 163 -21.30 2.09 35.34
C GLY H 163 -20.11 2.26 36.27
N ALA H 164 -19.10 1.42 36.09
CA ALA H 164 -17.90 1.45 36.93
C ALA H 164 -17.06 2.71 36.72
N PHE H 165 -17.71 3.74 36.23
CA PHE H 165 -17.06 5.01 36.02
C PHE H 165 -18.21 5.92 36.31
N PHE H 166 -19.39 5.48 35.89
CA PHE H 166 -20.61 6.24 36.10
C PHE H 166 -20.88 6.33 37.59
N TYR H 167 -20.50 5.25 38.28
CA TYR H 167 -20.63 5.16 39.72
C TYR H 167 -19.55 6.07 40.27
N ALA H 168 -18.32 5.79 39.87
CA ALA H 168 -17.12 6.50 40.29
C ALA H 168 -17.11 8.01 40.09
N LYS H 169 -17.91 8.51 39.17
CA LYS H 169 -17.91 9.95 38.96
C LYS H 169 -18.91 10.57 39.92
N THR H 170 -19.96 9.83 40.25
CA THR H 170 -21.00 10.29 41.16
C THR H 170 -21.16 9.36 42.35
N ARG H 171 -20.23 9.51 43.29
CA ARG H 171 -20.14 8.72 44.52
C ARG H 171 -18.67 8.81 44.99
N ILE H 172 -17.89 9.60 44.26
CA ILE H 172 -16.45 9.86 44.53
C ILE H 172 -16.06 11.29 44.11
N PRO H 173 -15.19 11.94 44.90
CA PRO H 173 -14.75 13.29 44.63
C PRO H 173 -14.08 13.53 43.29
N TYR H 174 -12.78 13.25 43.27
CA TYR H 174 -11.92 13.44 42.11
C TYR H 174 -12.61 13.43 40.77
N PHE H 175 -13.39 12.39 40.53
CA PHE H 175 -14.09 12.25 39.27
C PHE H 175 -15.25 13.24 39.19
N ALA H 176 -14.88 14.48 38.86
CA ALA H 176 -15.77 15.61 38.70
C ALA H 176 -15.20 16.55 37.63
N UNK I 1 -6.68 -1.31 21.93
CA UNK I 1 -6.04 -0.03 22.24
C UNK I 1 -6.71 0.67 23.47
N UNK I 2 -8.04 0.61 23.48
CA UNK I 2 -8.93 1.21 24.50
C UNK I 2 -8.80 0.52 25.85
N UNK I 3 -9.12 -0.76 25.82
CA UNK I 3 -9.06 -1.59 27.00
C UNK I 3 -7.66 -1.60 27.63
N UNK I 4 -6.63 -1.59 26.78
CA UNK I 4 -5.23 -1.62 27.22
C UNK I 4 -4.91 -0.49 28.19
N UNK I 5 -5.84 0.50 28.25
CA UNK I 5 -5.71 1.71 29.11
C UNK I 5 -6.59 1.84 30.39
N UNK I 6 -7.53 0.90 30.60
CA UNK I 6 -8.36 0.85 31.83
C UNK I 6 -7.30 0.65 32.90
N UNK I 7 -6.08 0.62 32.37
CA UNK I 7 -4.80 0.47 33.05
C UNK I 7 -4.76 1.63 34.02
N UNK I 8 -3.83 2.55 33.80
CA UNK I 8 -3.65 3.72 34.70
C UNK I 8 -4.99 4.37 35.02
N UNK I 9 -5.88 4.33 34.02
CA UNK I 9 -7.22 4.87 34.10
C UNK I 9 -7.66 4.72 35.57
N UNK I 10 -8.17 3.53 35.83
CA UNK I 10 -8.64 3.16 37.13
C UNK I 10 -7.46 2.90 38.07
N UNK I 11 -6.62 1.95 37.66
CA UNK I 11 -5.45 1.53 38.40
C UNK I 11 -4.64 2.69 39.01
N UNK I 12 -4.00 3.45 38.13
CA UNK I 12 -3.20 4.58 38.59
C UNK I 12 -4.05 5.68 39.25
N UNK I 13 -5.21 6.01 38.67
CA UNK I 13 -6.07 7.09 39.22
C UNK I 13 -6.67 6.83 40.63
N UNK I 14 -7.23 5.63 40.82
CA UNK I 14 -7.83 5.22 42.09
C UNK I 14 -6.72 4.97 43.13
N UNK I 15 -5.59 4.43 42.63
CA UNK I 15 -4.40 4.11 43.44
C UNK I 15 -3.70 5.37 43.98
N UNK I 16 -3.99 6.53 43.39
CA UNK I 16 -3.40 7.81 43.80
C UNK I 16 -4.31 8.45 44.84
N UNK I 17 -5.61 8.15 44.74
CA UNK I 17 -6.60 8.68 45.68
C UNK I 17 -6.37 7.92 46.98
N UNK I 18 -6.17 6.60 46.84
CA UNK I 18 -5.90 5.71 47.96
C UNK I 18 -4.53 6.09 48.58
N UNK I 19 -3.68 6.76 47.77
CA UNK I 19 -2.32 7.22 48.17
C UNK I 19 -2.36 8.41 49.14
N UNK I 20 -3.58 8.59 49.70
CA UNK I 20 -3.97 9.59 50.69
C UNK I 20 -5.15 9.00 51.54
N UNK J 1 -37.58 -19.15 22.86
CA UNK J 1 -38.32 -20.27 23.53
C UNK J 1 -37.63 -20.76 24.85
N UNK J 2 -36.93 -21.92 24.77
CA UNK J 2 -36.11 -22.55 25.87
C UNK J 2 -34.75 -21.83 25.61
N UNK J 3 -34.75 -21.26 24.38
CA UNK J 3 -33.72 -20.44 23.73
C UNK J 3 -33.96 -19.06 24.37
N UNK J 4 -35.21 -18.59 24.25
CA UNK J 4 -35.67 -17.33 24.84
C UNK J 4 -35.53 -17.54 26.37
N UNK J 5 -35.86 -18.76 26.82
CA UNK J 5 -35.77 -19.17 28.24
C UNK J 5 -34.30 -19.10 28.69
N UNK J 6 -33.45 -19.80 27.93
CA UNK J 6 -32.02 -19.77 28.18
C UNK J 6 -31.70 -18.25 28.09
N UNK J 7 -31.71 -17.77 26.83
CA UNK J 7 -31.49 -16.36 26.48
C UNK J 7 -32.15 -15.38 27.45
N UNK J 8 -33.33 -14.94 27.00
CA UNK J 8 -34.18 -13.97 27.68
C UNK J 8 -34.46 -14.23 29.18
N UNK J 9 -34.79 -15.49 29.51
CA UNK J 9 -35.09 -15.90 30.89
C UNK J 9 -33.81 -15.86 31.77
N UNK J 10 -32.72 -16.49 31.29
CA UNK J 10 -31.46 -16.48 32.03
C UNK J 10 -30.93 -15.02 32.11
N UNK J 11 -31.12 -14.30 30.99
CA UNK J 11 -30.71 -12.89 30.79
C UNK J 11 -31.55 -11.91 31.66
N UNK J 12 -32.89 -12.08 31.61
CA UNK J 12 -33.85 -11.30 32.40
C UNK J 12 -33.61 -11.61 33.90
N UNK J 13 -33.13 -12.87 34.10
CA UNK J 13 -32.75 -13.46 35.40
C UNK J 13 -31.63 -12.61 36.01
N UNK J 14 -30.49 -12.59 35.29
CA UNK J 14 -29.29 -11.80 35.64
C UNK J 14 -29.73 -10.32 35.84
N UNK J 15 -30.53 -9.85 34.86
CA UNK J 15 -31.11 -8.50 34.81
C UNK J 15 -31.85 -8.06 36.10
N UNK J 16 -32.99 -8.73 36.35
CA UNK J 16 -33.87 -8.51 37.50
C UNK J 16 -33.31 -9.00 38.86
N UNK J 17 -32.47 -10.05 38.80
CA UNK J 17 -31.79 -10.67 39.97
C UNK J 17 -30.71 -9.74 40.51
N UNK J 18 -29.87 -9.26 39.58
CA UNK J 18 -28.76 -8.32 39.84
C UNK J 18 -29.38 -7.00 40.30
N UNK J 19 -30.47 -6.68 39.59
CA UNK J 19 -31.32 -5.49 39.83
C UNK J 19 -31.86 -5.59 41.27
N UNK J 20 -32.50 -6.74 41.53
CA UNK J 20 -33.07 -7.05 42.82
C UNK J 20 -31.91 -7.14 43.84
N UNK J 21 -31.05 -8.15 43.62
CA UNK J 21 -29.89 -8.48 44.46
C UNK J 21 -28.99 -7.32 44.85
N UNK J 22 -28.29 -6.83 43.82
CA UNK J 22 -27.33 -5.71 43.91
C UNK J 22 -27.96 -4.40 44.39
N UNK J 23 -29.08 -4.05 43.76
CA UNK J 23 -29.84 -2.84 44.07
C UNK J 23 -30.59 -2.95 45.42
N UNK J 24 -30.65 -4.19 45.95
CA UNK J 24 -31.27 -4.52 47.28
C UNK J 24 -30.09 -4.61 48.33
N UNK J 25 -28.95 -5.11 47.79
CA UNK J 25 -27.63 -5.23 48.48
C UNK J 25 -27.21 -3.74 48.59
N UNK J 26 -27.63 -3.05 47.52
CA UNK J 26 -27.50 -1.60 47.28
C UNK J 26 -28.92 -0.95 47.33
N HIS K 1 -9.45 16.66 -31.34
CA HIS K 1 -10.40 15.89 -30.50
C HIS K 1 -9.64 14.76 -29.80
N GLY K 2 -8.33 14.96 -29.66
CA GLY K 2 -7.46 13.98 -29.01
C GLY K 2 -6.12 13.85 -29.70
N GLU K 3 -5.75 12.59 -29.99
CA GLU K 3 -4.50 12.20 -30.64
C GLU K 3 -3.39 13.22 -30.78
N LYS K 4 -2.46 12.91 -31.69
CA LYS K 4 -1.29 13.75 -31.97
C LYS K 4 -0.47 13.75 -30.68
N SER K 5 -1.08 14.31 -29.64
CA SER K 5 -0.49 14.38 -28.32
C SER K 5 -0.63 12.97 -27.77
N GLN K 6 0.07 12.03 -28.41
CA GLN K 6 0.06 10.65 -28.00
C GLN K 6 1.30 10.05 -28.60
N GLN K 7 2.42 10.15 -27.91
CA GLN K 7 3.67 9.62 -28.42
C GLN K 7 3.41 8.43 -29.34
N ALA K 8 3.67 8.64 -30.63
CA ALA K 8 3.46 7.61 -31.66
C ALA K 8 3.71 6.22 -31.09
N PHE K 9 4.99 5.90 -30.95
CA PHE K 9 5.45 4.63 -30.39
C PHE K 9 4.31 3.71 -29.98
N LEU K 10 3.65 4.06 -28.88
CA LEU K 10 2.55 3.25 -28.40
C LEU K 10 1.31 3.35 -29.27
N ARG K 11 0.90 4.56 -29.59
CA ARG K 11 -0.28 4.73 -30.43
C ARG K 11 -0.18 3.82 -31.63
N MET K 12 1.04 3.45 -31.98
CA MET K 12 1.30 2.61 -33.15
C MET K 12 1.59 1.15 -32.85
N ARG K 13 1.33 0.71 -31.61
CA ARG K 13 1.58 -0.67 -31.22
C ARG K 13 0.53 -1.22 -30.27
N THR K 14 -0.56 -0.49 -30.09
CA THR K 14 -1.60 -0.91 -29.20
C THR K 14 -2.81 -1.43 -29.98
N LEU K 15 -3.30 -0.67 -30.95
CA LEU K 15 -4.43 -1.12 -31.75
C LEU K 15 -4.35 -0.68 -33.21
N ASN K 16 -4.47 -1.67 -34.11
CA ASN K 16 -4.42 -1.46 -35.55
C ASN K 16 -5.83 -1.27 -36.12
N TRP K 17 -6.09 -0.05 -36.58
CA TRP K 17 -7.39 0.34 -37.11
C TRP K 17 -7.57 0.36 -38.63
N TYR K 18 -8.23 -0.68 -39.15
CA TYR K 18 -8.49 -0.75 -40.58
C TYR K 18 -10.01 -0.84 -40.75
N ASP K 19 -10.47 -0.77 -42.00
CA ASP K 19 -11.90 -0.84 -42.31
C ASP K 19 -12.75 0.05 -41.40
N VAL K 20 -12.60 1.37 -41.56
CA VAL K 20 -13.35 2.29 -40.72
C VAL K 20 -14.23 3.23 -41.55
N LYS K 21 -15.54 3.16 -41.31
CA LYS K 21 -16.46 4.02 -42.04
C LYS K 21 -17.53 4.59 -41.12
N TRP K 22 -18.47 5.31 -41.70
CA TRP K 22 -19.56 5.93 -40.95
C TRP K 22 -20.88 5.93 -41.70
N SER K 23 -21.88 5.27 -41.11
CA SER K 23 -23.23 5.18 -41.68
C SER K 23 -23.66 6.46 -42.41
N LYS K 24 -24.15 7.42 -41.65
CA LYS K 24 -24.59 8.70 -42.20
C LYS K 24 -23.39 9.62 -42.28
N THR K 25 -23.64 10.92 -42.20
CA THR K 25 -22.60 11.95 -42.22
C THR K 25 -23.35 13.19 -41.82
N SER K 26 -24.65 13.16 -42.08
CA SER K 26 -25.53 14.26 -41.78
C SER K 26 -26.81 13.75 -41.13
N LEU K 27 -26.67 13.13 -39.97
CA LEU K 27 -27.84 12.65 -39.28
C LEU K 27 -28.46 13.91 -38.73
N ASN K 28 -29.74 13.83 -38.42
CA ASN K 28 -30.43 14.98 -37.89
C ASN K 28 -30.90 14.66 -36.51
N VAL K 29 -31.36 15.69 -35.82
CA VAL K 29 -31.85 15.57 -34.46
C VAL K 29 -32.14 14.16 -33.92
N ASN K 30 -32.57 13.23 -34.75
CA ASN K 30 -32.85 11.90 -34.23
C ASN K 30 -32.49 10.70 -35.12
N GLU K 31 -31.79 10.94 -36.24
CA GLU K 31 -31.40 9.85 -37.13
C GLU K 31 -30.15 9.10 -36.63
N SER K 32 -30.17 7.77 -36.67
CA SER K 32 -29.04 6.96 -36.21
C SER K 32 -27.89 6.83 -37.21
N MET K 33 -26.67 6.68 -36.68
CA MET K 33 -25.51 6.47 -37.53
C MET K 33 -24.71 5.35 -36.93
N VAL K 34 -23.82 4.77 -37.71
CA VAL K 34 -23.03 3.67 -37.21
C VAL K 34 -21.54 3.84 -37.47
N LEU K 35 -20.77 3.77 -36.41
CA LEU K 35 -19.33 3.86 -36.53
C LEU K 35 -18.97 2.52 -37.15
N SER K 36 -18.06 2.53 -38.11
CA SER K 36 -17.72 1.28 -38.76
C SER K 36 -16.26 0.95 -38.63
N GLY K 37 -15.96 -0.20 -38.03
CA GLY K 37 -14.57 -0.58 -37.86
C GLY K 37 -14.20 -2.01 -37.46
N LYS K 38 -13.04 -2.44 -37.96
CA LYS K 38 -12.47 -3.75 -37.70
C LYS K 38 -11.09 -3.37 -37.19
N VAL K 39 -10.70 -3.91 -36.04
CA VAL K 39 -9.39 -3.56 -35.51
C VAL K 39 -8.56 -4.72 -35.04
N HIS K 40 -7.26 -4.63 -35.29
CA HIS K 40 -6.34 -5.67 -34.89
C HIS K 40 -5.66 -5.27 -33.59
N VAL K 41 -5.32 -6.25 -32.77
CA VAL K 41 -4.63 -6.04 -31.50
C VAL K 41 -3.20 -6.54 -31.69
N PHE K 42 -2.28 -5.59 -31.90
CA PHE K 42 -0.88 -5.91 -32.12
C PHE K 42 -0.43 -7.18 -31.38
N SER K 43 0.59 -7.84 -31.91
CA SER K 43 1.12 -9.07 -31.32
C SER K 43 2.19 -8.86 -30.26
N ALA K 44 2.96 -7.78 -30.41
CA ALA K 44 4.02 -7.46 -29.45
C ALA K 44 3.55 -6.24 -28.65
N TRP K 45 2.51 -6.43 -27.86
CA TRP K 45 1.91 -5.38 -27.04
C TRP K 45 2.91 -4.73 -26.09
N PRO K 46 3.00 -3.39 -26.14
CA PRO K 46 3.88 -2.54 -25.33
C PRO K 46 3.75 -2.77 -23.83
N GLN K 47 4.75 -3.43 -23.24
CA GLN K 47 4.72 -3.70 -21.80
C GLN K 47 4.24 -2.48 -21.02
N ALA K 48 4.54 -1.31 -21.57
CA ALA K 48 4.15 -0.06 -20.94
C ALA K 48 2.67 -0.10 -20.63
N VAL K 49 1.88 -0.31 -21.67
CA VAL K 49 0.45 -0.39 -21.52
C VAL K 49 0.02 -1.74 -20.97
N ALA K 50 -0.98 -1.72 -20.10
CA ALA K 50 -1.47 -2.95 -19.51
C ALA K 50 -2.11 -3.82 -20.57
N ASN K 51 -2.26 -5.09 -20.22
CA ASN K 51 -2.86 -6.08 -21.09
C ASN K 51 -4.27 -5.68 -21.47
N PRO K 52 -4.54 -5.49 -22.77
CA PRO K 52 -5.85 -5.09 -23.27
C PRO K 52 -6.89 -6.15 -22.96
N LYS K 53 -6.67 -6.85 -21.86
CA LYS K 53 -7.55 -7.90 -21.38
C LYS K 53 -8.94 -7.33 -21.17
N SER K 54 -9.00 -6.14 -20.61
CA SER K 54 -10.28 -5.50 -20.35
C SER K 54 -10.24 -4.11 -20.96
N SER K 55 -11.23 -3.77 -21.76
CA SER K 55 -11.23 -2.45 -22.36
C SER K 55 -12.60 -2.06 -22.85
N PHE K 56 -12.65 -1.02 -23.67
CA PHE K 56 -13.93 -0.57 -24.19
C PHE K 56 -13.89 0.37 -25.42
N LEU K 57 -14.80 0.15 -26.36
CA LEU K 57 -14.91 0.93 -27.59
C LEU K 57 -15.87 2.07 -27.34
N ASN K 58 -15.72 3.19 -28.04
CA ASN K 58 -16.60 4.31 -27.78
C ASN K 58 -16.72 5.47 -28.74
N ALA K 59 -17.57 6.41 -28.34
CA ALA K 59 -17.86 7.61 -29.07
C ALA K 59 -16.91 8.71 -28.66
N GLY K 60 -16.12 9.20 -29.61
CA GLY K 60 -15.20 10.28 -29.32
C GLY K 60 -15.94 11.60 -29.36
N GLU K 61 -17.24 11.52 -29.07
CA GLU K 61 -18.18 12.64 -29.06
C GLU K 61 -17.88 13.83 -28.17
N PRO K 62 -17.12 14.82 -28.67
CA PRO K 62 -16.84 15.96 -27.79
C PRO K 62 -18.19 16.46 -27.26
N GLY K 63 -18.53 16.01 -26.05
CA GLY K 63 -19.81 16.36 -25.49
C GLY K 63 -20.75 15.43 -26.20
N PRO K 64 -21.68 14.76 -25.52
CA PRO K 64 -22.58 13.86 -26.23
C PRO K 64 -23.59 14.56 -27.15
N VAL K 65 -23.30 14.62 -28.45
CA VAL K 65 -24.20 15.25 -29.43
C VAL K 65 -25.03 14.16 -30.15
N LEU K 66 -24.64 12.92 -29.90
CA LEU K 66 -25.33 11.73 -30.43
C LEU K 66 -25.64 10.95 -29.16
N VAL K 67 -25.90 9.66 -29.25
CA VAL K 67 -26.20 8.93 -28.03
C VAL K 67 -25.49 7.61 -27.91
N ARG K 68 -26.28 6.54 -27.82
CA ARG K 68 -25.74 5.21 -27.68
C ARG K 68 -26.87 4.19 -27.69
N THR K 69 -27.34 3.84 -28.88
CA THR K 69 -28.42 2.87 -29.00
C THR K 69 -27.88 1.49 -28.64
N ALA K 70 -26.61 1.26 -28.96
CA ALA K 70 -25.94 -0.01 -28.67
C ALA K 70 -24.55 -0.03 -29.29
N GLN K 71 -23.85 -1.13 -29.08
CA GLN K 71 -22.51 -1.28 -29.64
C GLN K 71 -22.28 -2.65 -30.27
N PHE K 72 -21.14 -2.78 -30.91
CA PHE K 72 -20.76 -4.00 -31.60
C PHE K 72 -19.25 -4.06 -31.43
N ILE K 73 -18.75 -5.21 -31.01
CA ILE K 73 -17.34 -5.41 -30.83
C ILE K 73 -17.16 -6.88 -30.54
N GLY K 74 -16.04 -7.44 -30.97
CA GLY K 74 -15.85 -8.86 -30.77
C GLY K 74 -17.13 -9.40 -31.36
N GLU K 75 -17.75 -10.37 -30.71
CA GLU K 75 -19.00 -10.90 -31.23
C GLU K 75 -20.09 -10.55 -30.25
N GLN K 76 -20.14 -9.27 -29.88
CA GLN K 76 -21.12 -8.83 -28.93
C GLN K 76 -21.22 -7.31 -28.72
N PHE K 77 -22.39 -6.89 -28.24
CA PHE K 77 -22.66 -5.50 -27.91
C PHE K 77 -22.48 -5.55 -26.39
N ALA K 78 -21.48 -4.84 -25.86
CA ALA K 78 -21.26 -4.90 -24.43
C ALA K 78 -21.27 -3.55 -23.74
N PRO K 79 -21.89 -3.50 -22.55
CA PRO K 79 -21.99 -2.30 -21.72
C PRO K 79 -20.70 -2.07 -20.93
N ARG K 80 -20.14 -3.13 -20.37
CA ARG K 80 -18.87 -3.01 -19.63
C ARG K 80 -17.78 -3.45 -20.58
N SER K 81 -16.57 -3.56 -20.07
CA SER K 81 -15.45 -3.96 -20.90
C SER K 81 -15.66 -5.29 -21.58
N VAL K 82 -14.66 -5.65 -22.36
CA VAL K 82 -14.64 -6.91 -23.08
C VAL K 82 -13.18 -7.25 -23.09
N SER K 83 -12.84 -8.37 -23.71
CA SER K 83 -11.44 -8.80 -23.74
C SER K 83 -10.83 -8.97 -25.13
N LEU K 84 -10.00 -8.01 -25.53
CA LEU K 84 -9.34 -8.10 -26.82
C LEU K 84 -8.19 -9.07 -26.64
N GLU K 85 -7.74 -9.71 -27.72
CA GLU K 85 -6.65 -10.66 -27.58
C GLU K 85 -5.36 -10.28 -28.30
N VAL K 86 -4.25 -10.57 -27.65
CA VAL K 86 -2.91 -10.27 -28.15
C VAL K 86 -2.64 -10.94 -29.49
N GLY K 87 -3.17 -10.37 -30.58
CA GLY K 87 -2.92 -10.96 -31.89
C GLY K 87 -4.12 -11.19 -32.80
N LYS K 88 -5.26 -11.55 -32.20
CA LYS K 88 -6.47 -11.80 -32.97
C LYS K 88 -7.14 -10.48 -33.35
N ASP K 89 -8.21 -10.55 -34.12
CA ASP K 89 -8.91 -9.36 -34.54
C ASP K 89 -10.40 -9.42 -34.28
N TYR K 90 -10.99 -8.28 -33.95
CA TYR K 90 -12.41 -8.22 -33.68
C TYR K 90 -13.05 -7.09 -34.46
N ALA K 91 -14.25 -7.36 -34.96
CA ALA K 91 -15.00 -6.38 -35.73
C ALA K 91 -15.83 -5.55 -34.79
N PHE K 92 -16.30 -4.41 -35.27
CA PHE K 92 -17.10 -3.54 -34.44
C PHE K 92 -17.71 -2.41 -35.24
N SER K 93 -18.75 -1.80 -34.64
CA SER K 93 -19.48 -0.68 -35.21
C SER K 93 -20.35 -0.23 -34.05
N ILE K 94 -20.65 1.06 -33.95
CA ILE K 94 -21.46 1.45 -32.83
C ILE K 94 -22.58 2.44 -33.08
N ASP K 95 -23.78 1.99 -32.75
CA ASP K 95 -25.02 2.75 -32.89
C ASP K 95 -25.07 3.94 -31.94
N LEU K 96 -25.43 5.09 -32.49
CA LEU K 96 -25.56 6.34 -31.73
C LEU K 96 -26.92 6.96 -32.10
N LYS K 97 -26.98 8.29 -32.21
CA LYS K 97 -28.22 8.99 -32.57
C LYS K 97 -28.09 10.48 -32.30
N ALA K 98 -28.11 11.28 -33.37
CA ALA K 98 -28.01 12.72 -33.21
C ALA K 98 -28.91 13.14 -32.07
N ARG K 99 -28.39 14.02 -31.22
CA ARG K 99 -29.14 14.52 -30.08
C ARG K 99 -28.90 16.00 -29.98
N ARG K 100 -27.73 16.44 -30.44
CA ARG K 100 -27.39 17.84 -30.36
C ARG K 100 -26.87 18.41 -31.64
N ALA K 101 -27.14 19.70 -31.81
CA ALA K 101 -26.74 20.45 -32.98
C ALA K 101 -25.25 20.29 -33.31
N GLY K 102 -24.72 21.25 -34.04
CA GLY K 102 -23.30 21.25 -34.40
C GLY K 102 -22.85 20.30 -35.49
N ARG K 103 -21.55 20.41 -35.80
CA ARG K 103 -20.92 19.60 -36.84
C ARG K 103 -19.45 19.41 -36.40
N TRP K 104 -19.14 18.23 -35.82
CA TRP K 104 -17.80 17.91 -35.31
C TRP K 104 -17.25 16.52 -35.67
N HIS K 105 -15.93 16.40 -35.69
CA HIS K 105 -15.28 15.13 -35.99
C HIS K 105 -15.79 14.18 -34.92
N VAL K 106 -15.78 12.89 -35.23
CA VAL K 106 -16.24 11.88 -34.29
C VAL K 106 -15.41 10.59 -34.40
N HIS K 107 -14.52 10.40 -33.45
CA HIS K 107 -13.65 9.24 -33.42
C HIS K 107 -14.28 8.00 -32.80
N ALA K 108 -13.77 6.86 -33.23
CA ALA K 108 -14.21 5.58 -32.71
C ALA K 108 -13.01 5.14 -31.90
N GLN K 109 -13.21 4.87 -30.62
CA GLN K 109 -12.08 4.48 -29.79
C GLN K 109 -12.33 3.31 -28.86
N ILE K 110 -11.31 2.50 -28.70
CA ILE K 110 -11.38 1.37 -27.80
C ILE K 110 -10.46 1.76 -26.68
N ASN K 111 -11.03 2.43 -25.69
CA ASN K 111 -10.28 2.88 -24.54
C ASN K 111 -9.99 1.68 -23.64
N VAL K 112 -8.71 1.49 -23.33
CA VAL K 112 -8.28 0.39 -22.48
C VAL K 112 -8.03 0.85 -21.05
N GLU K 113 -8.95 0.46 -20.16
CA GLU K 113 -8.81 0.80 -18.76
C GLU K 113 -7.44 0.31 -18.27
N GLY K 114 -6.87 -0.69 -18.96
CA GLY K 114 -5.58 -1.20 -18.56
C GLY K 114 -4.51 -0.19 -18.90
N GLY K 115 -4.70 1.05 -18.44
CA GLY K 115 -3.74 2.10 -18.69
C GLY K 115 -3.72 2.68 -20.10
N GLY K 116 -4.84 3.24 -20.55
CA GLY K 116 -4.85 3.83 -21.88
C GLY K 116 -6.18 4.09 -22.57
N PRO K 117 -6.25 5.11 -23.44
CA PRO K 117 -7.42 5.52 -24.21
C PRO K 117 -6.95 5.61 -25.66
N ILE K 118 -6.89 4.49 -26.38
CA ILE K 118 -6.44 4.52 -27.76
C ILE K 118 -7.59 4.85 -28.69
N ILE K 119 -7.39 5.87 -29.49
CA ILE K 119 -8.40 6.36 -30.43
C ILE K 119 -8.09 6.05 -31.89
N GLY K 120 -8.98 5.29 -32.51
CA GLY K 120 -8.81 4.98 -33.91
C GLY K 120 -9.40 6.11 -34.71
N PRO K 121 -9.36 6.04 -36.04
CA PRO K 121 -9.91 7.09 -36.90
C PRO K 121 -11.34 7.53 -36.57
N GLY K 122 -11.70 8.73 -37.02
CA GLY K 122 -13.02 9.27 -36.77
C GLY K 122 -13.47 10.09 -37.97
N GLN K 123 -14.71 10.60 -37.94
CA GLN K 123 -15.21 11.39 -39.05
C GLN K 123 -16.35 12.37 -38.69
N TRP K 124 -16.19 13.62 -39.07
CA TRP K 124 -17.17 14.66 -38.80
C TRP K 124 -18.58 14.18 -39.05
N ILE K 125 -19.50 14.72 -38.26
CA ILE K 125 -20.92 14.36 -38.37
C ILE K 125 -21.81 15.60 -38.35
N GLU K 126 -22.28 16.01 -39.52
CA GLU K 126 -23.15 17.17 -39.59
C GLU K 126 -24.53 16.83 -39.06
N ILE K 127 -24.73 17.01 -37.76
CA ILE K 127 -26.03 16.76 -37.17
C ILE K 127 -26.77 18.06 -37.38
N LYS K 128 -28.06 17.99 -37.70
CA LYS K 128 -28.78 19.23 -37.91
C LYS K 128 -30.07 19.34 -37.13
N GLY K 129 -30.47 20.59 -36.91
CA GLY K 129 -31.68 20.88 -36.15
C GLY K 129 -31.44 21.61 -34.83
N ASP K 130 -32.28 21.32 -33.84
CA ASP K 130 -32.17 21.92 -32.52
C ASP K 130 -32.21 20.84 -31.44
N MET K 131 -31.20 20.83 -30.56
CA MET K 131 -31.18 19.83 -29.50
C MET K 131 -32.55 19.89 -28.86
N ALA K 132 -33.08 21.11 -28.79
CA ALA K 132 -34.38 21.40 -28.21
C ALA K 132 -35.37 20.27 -28.48
N ASP K 133 -35.21 19.58 -29.60
CA ASP K 133 -36.08 18.46 -29.94
C ASP K 133 -35.49 17.20 -29.30
N PHE K 134 -34.87 16.37 -30.12
CA PHE K 134 -34.26 15.12 -29.71
C PHE K 134 -34.89 14.41 -28.52
N LYS K 135 -35.15 13.13 -28.70
CA LYS K 135 -35.70 12.34 -27.63
C LYS K 135 -35.29 10.89 -27.76
N ASP K 136 -34.37 10.48 -26.90
CA ASP K 136 -33.88 9.11 -26.87
C ASP K 136 -34.81 8.32 -25.93
N PRO K 137 -35.62 7.43 -26.51
CA PRO K 137 -36.55 6.63 -25.70
C PRO K 137 -36.10 5.21 -25.42
N VAL K 138 -37.02 4.46 -24.83
CA VAL K 138 -36.83 3.07 -24.47
C VAL K 138 -38.01 2.74 -23.55
N THR K 139 -38.08 1.50 -23.09
CA THR K 139 -39.17 1.10 -22.23
C THR K 139 -38.85 -0.02 -21.28
N LEU K 140 -39.00 0.27 -20.00
CA LEU K 140 -38.77 -0.71 -18.95
C LEU K 140 -39.71 -1.85 -19.22
N LEU K 141 -39.24 -3.06 -18.97
CA LEU K 141 -40.04 -4.26 -19.17
C LEU K 141 -41.52 -3.96 -18.94
N ASP K 142 -41.80 -3.27 -17.84
CA ASP K 142 -43.17 -2.91 -17.46
C ASP K 142 -43.99 -2.37 -18.62
N GLY K 143 -43.31 -2.16 -19.75
CA GLY K 143 -43.97 -1.66 -20.94
C GLY K 143 -43.99 -0.15 -20.98
N THR K 144 -43.87 0.44 -19.80
CA THR K 144 -43.87 1.89 -19.68
C THR K 144 -42.94 2.51 -20.71
N THR K 145 -43.49 3.36 -21.57
CA THR K 145 -42.70 4.02 -22.60
C THR K 145 -42.05 5.25 -21.97
N VAL K 146 -40.73 5.27 -21.92
CA VAL K 146 -40.02 6.39 -21.32
C VAL K 146 -39.04 7.09 -22.25
N ASP K 147 -38.88 8.39 -22.03
CA ASP K 147 -37.95 9.19 -22.79
C ASP K 147 -36.78 9.46 -21.85
N LEU K 148 -35.60 8.96 -22.24
CA LEU K 148 -34.41 9.07 -21.42
C LEU K 148 -33.83 10.46 -21.19
N GLU K 149 -33.47 11.15 -22.27
CA GLU K 149 -32.88 12.47 -22.17
C GLU K 149 -33.71 13.45 -21.35
N THR K 150 -34.71 12.94 -20.63
CA THR K 150 -35.54 13.82 -19.79
C THR K 150 -36.42 13.04 -18.82
N TYR K 151 -36.07 11.81 -18.49
CA TYR K 151 -36.87 11.02 -17.57
C TYR K 151 -36.42 11.24 -16.13
N GLY K 152 -37.38 11.43 -15.22
CA GLY K 152 -37.05 11.59 -13.81
C GLY K 152 -36.37 12.84 -13.28
N ILE K 153 -35.70 13.59 -14.15
CA ILE K 153 -35.03 14.82 -13.71
C ILE K 153 -35.97 15.57 -12.79
N ASP K 154 -37.27 15.43 -13.06
CA ASP K 154 -38.31 16.05 -12.27
C ASP K 154 -38.19 15.45 -10.88
N ARG K 155 -38.26 14.13 -10.81
CA ARG K 155 -38.14 13.45 -9.54
C ARG K 155 -37.06 14.07 -8.69
N ILE K 156 -35.87 14.26 -9.25
CA ILE K 156 -34.77 14.86 -8.50
C ILE K 156 -35.15 16.15 -7.81
N TYR K 157 -35.12 17.25 -8.56
CA TYR K 157 -35.42 18.57 -8.02
C TYR K 157 -36.58 18.51 -7.06
N ALA K 158 -37.48 17.56 -7.31
CA ALA K 158 -38.66 17.39 -6.47
C ALA K 158 -38.34 16.71 -5.13
N TRP K 159 -37.08 16.36 -4.93
CA TRP K 159 -36.66 15.73 -3.67
C TRP K 159 -35.24 16.10 -3.32
N HIS K 160 -34.36 16.05 -4.32
CA HIS K 160 -32.95 16.35 -4.11
C HIS K 160 -32.76 17.85 -4.03
N PHE K 161 -33.79 18.52 -3.53
CA PHE K 161 -33.79 19.97 -3.42
C PHE K 161 -34.53 20.41 -2.15
N PRO K 162 -35.73 19.85 -1.92
CA PRO K 162 -36.55 20.16 -0.75
C PRO K 162 -35.90 19.80 0.57
N TRP K 163 -34.60 20.04 0.64
CA TRP K 163 -33.85 19.80 1.83
C TRP K 163 -32.86 20.94 1.80
N MET K 164 -32.48 21.34 0.60
CA MET K 164 -31.62 22.50 0.43
C MET K 164 -32.62 23.58 0.78
N ILE K 165 -33.80 23.08 1.09
CA ILE K 165 -34.95 23.84 1.52
C ILE K 165 -34.93 23.78 3.04
N ALA K 166 -35.12 22.59 3.59
CA ALA K 166 -35.09 22.42 5.03
C ALA K 166 -33.68 22.81 5.43
N ALA K 167 -33.01 23.51 4.52
CA ALA K 167 -31.65 23.99 4.70
C ALA K 167 -31.69 25.29 5.47
N ALA K 168 -32.39 26.27 4.89
CA ALA K 168 -32.55 27.55 5.52
C ALA K 168 -33.17 27.30 6.89
N ALA K 169 -33.93 26.21 6.97
CA ALA K 169 -34.63 25.79 8.21
C ALA K 169 -33.73 25.74 9.44
N TRP K 170 -32.44 25.95 9.22
CA TRP K 170 -31.45 25.95 10.28
C TRP K 170 -30.73 27.25 10.07
N ILE K 171 -30.33 27.47 8.82
CA ILE K 171 -29.63 28.67 8.43
C ILE K 171 -30.27 29.84 9.16
N LEU K 172 -31.23 30.48 8.51
CA LEU K 172 -31.90 31.62 9.11
C LEU K 172 -32.32 31.30 10.55
N TYR K 173 -33.35 30.45 10.69
CA TYR K 173 -33.88 30.06 11.99
C TYR K 173 -32.88 30.21 13.14
N TRP K 174 -31.61 29.89 12.87
CA TRP K 174 -30.56 30.02 13.88
C TRP K 174 -29.73 31.29 13.68
N PHE K 175 -30.43 32.41 13.63
CA PHE K 175 -29.84 33.74 13.47
C PHE K 175 -30.79 34.52 14.34
N PHE K 176 -31.58 33.71 15.03
CA PHE K 176 -32.58 34.14 15.97
C PHE K 176 -31.83 34.10 17.29
N LYS K 177 -31.19 32.97 17.59
CA LYS K 177 -30.41 32.86 18.82
C LYS K 177 -29.11 33.55 18.52
N LYS K 178 -29.29 34.82 18.17
CA LYS K 178 -28.25 35.78 17.80
C LYS K 178 -27.15 35.20 16.96
N GLY K 179 -26.90 35.85 15.83
CA GLY K 179 -25.86 35.40 14.94
C GLY K 179 -24.52 35.52 15.65
N ILE K 180 -23.46 35.43 14.87
CA ILE K 180 -22.12 35.52 15.43
C ILE K 180 -22.01 36.82 16.22
N ILE K 181 -20.91 37.00 16.95
CA ILE K 181 -20.73 38.20 17.75
C ILE K 181 -21.74 38.15 18.89
N ALA K 182 -22.99 38.45 18.55
CA ALA K 182 -24.07 38.44 19.53
C ALA K 182 -24.12 37.06 20.16
N SER K 183 -23.32 36.15 19.60
CA SER K 183 -23.25 34.79 20.10
C SER K 183 -21.86 34.56 20.65
N TYR K 184 -20.86 35.17 20.04
CA TYR K 184 -19.49 34.98 20.49
C TYR K 184 -19.27 35.52 21.90
N LEU K 185 -19.35 36.83 22.08
CA LEU K 185 -19.16 37.37 23.43
C LEU K 185 -20.26 36.73 24.22
N ARG K 186 -21.34 36.42 23.52
CA ARG K 186 -22.48 35.75 24.10
C ARG K 186 -22.01 34.36 24.49
N ILE K 187 -20.69 34.14 24.47
CA ILE K 187 -20.11 32.85 24.80
C ILE K 187 -19.00 32.85 25.83
N SER K 188 -17.94 33.60 25.54
CA SER K 188 -16.84 33.64 26.49
C SER K 188 -17.43 34.06 27.82
N GLU K 189 -18.14 35.18 27.79
CA GLU K 189 -18.78 35.75 28.98
C GLU K 189 -19.51 34.69 29.80
N GLY K 190 -18.82 34.11 30.77
CA GLY K 190 -19.43 33.09 31.61
C GLY K 190 -20.08 31.99 30.79
N LYS K 191 -20.78 31.10 31.47
CA LYS K 191 -21.45 30.00 30.78
C LYS K 191 -22.45 30.61 29.80
N ASP K 192 -22.63 29.97 28.66
CA ASP K 192 -23.55 30.53 27.69
C ASP K 192 -24.43 29.53 26.99
N GLU K 193 -25.57 29.29 27.61
CA GLU K 193 -26.56 28.37 27.09
C GLU K 193 -27.66 29.22 26.45
N GLU K 194 -27.44 30.53 26.48
CA GLU K 194 -28.39 31.47 25.90
C GLU K 194 -28.72 30.93 24.52
N GLN K 195 -27.72 30.31 23.92
CA GLN K 195 -27.84 29.73 22.61
C GLN K 195 -28.63 28.44 22.76
N ILE K 196 -28.27 27.65 23.76
CA ILE K 196 -28.91 26.36 24.04
C ILE K 196 -30.03 26.38 25.06
N GLY K 197 -29.76 25.82 26.23
CA GLY K 197 -30.77 25.75 27.26
C GLY K 197 -31.85 24.90 26.62
N ASP K 198 -33.05 24.91 27.19
CA ASP K 198 -34.12 24.12 26.60
C ASP K 198 -34.65 24.86 25.40
N ASP K 199 -35.95 24.77 25.14
CA ASP K 199 -36.53 25.46 23.99
C ASP K 199 -35.68 25.00 22.82
N ASP K 200 -34.75 25.88 22.48
CA ASP K 200 -33.78 25.69 21.43
C ASP K 200 -33.59 24.21 21.16
N ARG K 201 -33.19 23.48 22.20
CA ARG K 201 -32.94 22.06 22.07
C ARG K 201 -34.17 21.27 21.63
N ARG K 202 -35.24 21.34 22.41
CA ARG K 202 -36.45 20.61 22.08
C ARG K 202 -36.92 21.00 20.69
N VAL K 203 -36.60 22.22 20.27
CA VAL K 203 -36.99 22.70 18.95
C VAL K 203 -36.39 21.80 17.89
N GLY K 204 -35.09 21.53 18.02
CA GLY K 204 -34.43 20.67 17.06
C GLY K 204 -34.93 19.25 17.26
N ALA K 205 -34.96 18.83 18.53
CA ALA K 205 -35.43 17.49 18.90
C ALA K 205 -36.63 17.19 18.03
N ILE K 206 -37.43 18.22 17.83
CA ILE K 206 -38.62 18.16 17.00
C ILE K 206 -38.16 17.99 15.55
N VAL K 207 -37.61 19.07 15.00
CA VAL K 207 -37.12 19.07 13.63
C VAL K 207 -36.52 17.70 13.28
N LEU K 208 -35.77 17.12 14.22
CA LEU K 208 -35.14 15.82 14.01
C LEU K 208 -36.20 14.77 13.71
N ALA K 209 -37.13 14.59 14.65
CA ALA K 209 -38.22 13.64 14.51
C ALA K 209 -39.06 14.00 13.28
N VAL K 210 -39.26 15.29 13.06
CA VAL K 210 -40.02 15.73 11.89
C VAL K 210 -39.26 15.19 10.70
N THR K 211 -38.03 15.65 10.55
CA THR K 211 -37.16 15.25 9.45
C THR K 211 -37.11 13.76 9.18
N ILE K 212 -36.85 12.97 10.22
CA ILE K 212 -36.78 11.52 10.05
C ILE K 212 -38.12 10.92 9.65
N LEU K 213 -39.17 11.27 10.39
CA LEU K 213 -40.50 10.77 10.09
C LEU K 213 -40.85 11.20 8.66
N ALA K 214 -40.38 12.38 8.29
CA ALA K 214 -40.61 12.91 6.94
C ALA K 214 -39.55 12.34 5.99
N THR K 215 -38.97 11.21 6.37
CA THR K 215 -37.97 10.56 5.55
C THR K 215 -38.39 9.12 5.35
N ILE K 216 -39.03 8.55 6.36
CA ILE K 216 -39.52 7.19 6.25
C ILE K 216 -40.47 7.23 5.07
N ILE K 217 -41.00 8.42 4.82
CA ILE K 217 -41.91 8.65 3.72
C ILE K 217 -41.24 8.26 2.41
N GLY K 218 -40.23 9.04 2.05
CA GLY K 218 -39.50 8.80 0.82
C GLY K 218 -39.18 7.34 0.60
N TYR K 219 -38.51 6.71 1.57
CA TYR K 219 -38.14 5.30 1.47
C TYR K 219 -39.35 4.38 1.35
N ALA K 220 -40.55 4.92 1.63
CA ALA K 220 -41.79 4.14 1.55
C ALA K 220 -42.52 4.42 0.23
N VAL K 221 -42.68 5.71 -0.05
CA VAL K 221 -43.34 6.15 -1.27
C VAL K 221 -42.44 5.92 -2.46
N THR K 222 -41.15 6.17 -2.26
CA THR K 222 -40.18 5.97 -3.32
C THR K 222 -39.84 4.48 -3.36
N ASN K 223 -40.52 3.72 -2.51
CA ASN K 223 -40.33 2.28 -2.47
C ASN K 223 -41.51 1.74 -3.25
N SER K 224 -42.25 2.68 -3.82
CA SER K 224 -43.43 2.38 -4.59
C SER K 224 -43.42 3.09 -5.96
N THR K 225 -42.37 3.86 -6.21
CA THR K 225 -42.18 4.55 -7.50
C THR K 225 -41.51 3.43 -8.28
N PHE K 226 -42.01 2.25 -7.96
CA PHE K 226 -41.58 0.98 -8.48
C PHE K 226 -41.74 0.09 -7.25
N PRO K 227 -41.79 -1.22 -7.46
CA PRO K 227 -41.93 -2.17 -6.37
C PRO K 227 -40.74 -3.11 -6.51
N ARG K 228 -40.43 -3.38 -7.78
CA ARG K 228 -39.36 -4.25 -8.22
C ARG K 228 -38.34 -3.45 -9.05
N THR K 229 -37.12 -3.38 -8.53
CA THR K 229 -36.01 -2.68 -9.18
C THR K 229 -34.72 -3.43 -8.91
N ILE K 230 -33.80 -3.35 -9.87
CA ILE K 230 -32.53 -4.06 -9.79
C ILE K 230 -31.34 -3.22 -9.36
N PRO K 231 -30.16 -3.86 -9.24
CA PRO K 231 -28.95 -3.15 -8.85
C PRO K 231 -28.45 -2.47 -10.12
N LEU K 232 -27.14 -2.38 -10.26
CA LEU K 232 -26.57 -1.82 -11.46
C LEU K 232 -25.81 -2.97 -12.07
N GLN K 233 -26.04 -3.24 -13.34
CA GLN K 233 -25.37 -4.36 -13.96
C GLN K 233 -24.01 -3.99 -14.48
N ALA K 234 -23.05 -4.88 -14.28
CA ALA K 234 -21.71 -4.61 -14.75
C ALA K 234 -20.80 -5.80 -14.53
N GLY K 235 -19.59 -5.70 -15.09
CA GLY K 235 -18.60 -6.75 -14.97
C GLY K 235 -17.86 -7.05 -16.26
N LEU K 236 -17.81 -8.32 -16.62
CA LEU K 236 -17.12 -8.72 -17.84
C LEU K 236 -17.61 -10.07 -18.35
N GLN K 237 -17.41 -10.30 -19.64
CA GLN K 237 -17.80 -11.55 -20.29
C GLN K 237 -16.58 -12.04 -21.08
N LYS K 238 -15.87 -13.03 -20.51
CA LYS K 238 -14.67 -13.62 -21.13
C LYS K 238 -14.89 -13.82 -22.62
N PRO K 239 -16.14 -14.11 -23.03
CA PRO K 239 -16.37 -14.29 -24.45
C PRO K 239 -15.84 -13.12 -25.29
N LEU K 240 -15.97 -13.30 -26.59
CA LEU K 240 -15.55 -12.36 -27.63
C LEU K 240 -14.99 -13.16 -28.80
N THR K 241 -15.79 -13.32 -29.83
CA THR K 241 -15.39 -14.07 -30.99
C THR K 241 -14.74 -13.19 -32.05
N PRO K 242 -13.51 -13.54 -32.45
CA PRO K 242 -12.74 -12.79 -33.45
C PRO K 242 -13.42 -12.73 -34.82
N ILE K 243 -12.57 -12.58 -35.84
CA ILE K 243 -12.99 -12.52 -37.24
C ILE K 243 -12.36 -13.78 -37.84
N ILE K 244 -12.67 -14.08 -39.11
CA ILE K 244 -12.11 -15.27 -39.77
C ILE K 244 -12.46 -15.33 -41.27
N VAL K 256 0.62 -13.67 -46.62
CA VAL K 256 1.65 -12.69 -46.35
C VAL K 256 2.21 -12.94 -44.95
N THR K 257 3.50 -12.64 -44.81
CA THR K 257 4.26 -12.79 -43.57
C THR K 257 5.37 -11.72 -43.55
N ALA K 258 5.17 -10.64 -42.78
CA ALA K 258 6.16 -9.56 -42.72
C ALA K 258 7.28 -9.83 -41.72
N GLU K 259 8.36 -9.07 -41.80
CA GLU K 259 9.47 -9.24 -40.87
C GLU K 259 10.20 -7.93 -40.55
N LEU K 260 10.19 -7.00 -41.50
CA LEU K 260 10.80 -5.69 -41.30
C LEU K 260 12.29 -5.65 -41.04
N LYS K 261 12.99 -6.77 -41.17
CA LYS K 261 14.44 -6.79 -40.91
C LYS K 261 15.18 -5.67 -41.66
N GLY K 262 15.18 -4.47 -41.06
CA GLY K 262 15.82 -3.32 -41.66
C GLY K 262 14.82 -2.18 -41.77
N GLY K 263 15.21 -1.01 -41.29
CA GLY K 263 14.31 0.13 -41.36
C GLY K 263 14.96 1.45 -41.01
N VAL K 264 14.43 2.53 -41.58
CA VAL K 264 14.94 3.87 -41.33
C VAL K 264 13.86 4.92 -41.61
N TYR K 265 13.95 6.07 -40.94
CA TYR K 265 13.00 7.15 -41.14
C TYR K 265 13.56 8.54 -40.94
N LYS K 266 12.74 9.52 -41.34
CA LYS K 266 13.07 10.94 -41.28
C LYS K 266 13.23 11.49 -39.87
N VAL K 267 13.55 12.78 -39.84
CA VAL K 267 13.73 13.59 -38.65
C VAL K 267 14.14 14.96 -39.19
N PRO K 268 13.15 15.81 -39.52
CA PRO K 268 11.69 15.59 -39.44
C PRO K 268 11.14 14.78 -40.62
N GLY K 269 11.19 15.38 -41.82
CA GLY K 269 10.70 14.72 -43.04
C GLY K 269 9.23 14.30 -43.08
N ARG K 270 8.98 13.12 -43.64
CA ARG K 270 7.64 12.53 -43.76
C ARG K 270 7.80 11.19 -44.44
N GLU K 271 9.01 10.65 -44.38
CA GLU K 271 9.33 9.37 -45.00
C GLU K 271 9.80 8.33 -43.98
N LEU K 272 9.64 7.06 -44.36
CA LEU K 272 10.02 5.92 -43.53
C LEU K 272 10.24 4.76 -44.51
N THR K 273 11.32 4.01 -44.32
CA THR K 273 11.64 2.88 -45.19
C THR K 273 11.48 1.57 -44.41
N ILE K 274 11.39 0.46 -45.14
CA ILE K 274 11.25 -0.84 -44.49
C ILE K 274 11.84 -1.93 -45.37
N GLN K 275 12.11 -3.08 -44.77
CA GLN K 275 12.66 -4.21 -45.50
C GLN K 275 11.80 -5.43 -45.25
N VAL K 276 10.50 -5.26 -45.40
CA VAL K 276 9.54 -6.34 -45.19
C VAL K 276 9.77 -7.45 -46.21
N LYS K 277 10.17 -8.63 -45.77
CA LYS K 277 10.39 -9.74 -46.69
C LYS K 277 9.20 -10.68 -46.51
N VAL K 278 8.73 -11.28 -47.60
CA VAL K 278 7.57 -12.15 -47.49
C VAL K 278 7.85 -13.63 -47.71
N GLY K 289 0.13 -3.75 -51.81
CA GLY K 289 -1.22 -3.66 -51.27
C GLY K 289 -1.58 -2.35 -50.58
N GLU K 290 -1.03 -2.11 -49.39
CA GLU K 290 -1.30 -0.89 -48.60
C GLU K 290 -0.59 -0.93 -47.23
N TYR K 291 -0.82 0.10 -46.41
CA TYR K 291 -0.20 0.17 -45.08
C TYR K 291 -0.85 1.06 -44.03
N THR K 292 -1.31 0.46 -42.93
CA THR K 292 -1.92 1.21 -41.83
C THR K 292 -1.07 1.01 -40.59
N ALA K 293 -1.34 1.80 -39.56
CA ALA K 293 -0.61 1.72 -38.30
C ALA K 293 -1.18 2.72 -37.32
N ALA K 294 -1.06 3.98 -37.70
CA ALA K 294 -1.57 5.10 -36.90
C ALA K 294 -3.05 5.26 -37.25
N GLY K 295 -3.69 4.12 -37.56
CA GLY K 295 -5.08 4.17 -37.97
C GLY K 295 -5.03 4.87 -39.31
N LEU K 296 -3.80 5.19 -39.74
CA LEU K 296 -3.51 5.88 -41.00
C LEU K 296 -3.47 4.95 -42.21
N ARG K 297 -3.86 5.51 -43.35
CA ARG K 297 -3.89 4.79 -44.62
C ARG K 297 -2.64 5.13 -45.41
N PHE K 298 -2.04 4.10 -46.00
CA PHE K 298 -0.85 4.25 -46.83
C PHE K 298 -1.04 3.29 -48.01
N LEU K 299 -2.13 3.57 -48.71
CA LEU K 299 -2.57 2.83 -49.87
C LEU K 299 -1.40 2.61 -50.79
N ASN K 300 -1.50 1.56 -51.60
CA ASN K 300 -0.47 1.27 -52.59
C ASN K 300 -1.08 1.88 -53.83
N PRO K 301 -0.85 3.19 -54.06
CA PRO K 301 -1.37 3.92 -55.22
C PRO K 301 -1.05 3.15 -56.48
N ASP K 302 -0.14 2.19 -56.34
CA ASP K 302 0.29 1.30 -57.42
C ASP K 302 -0.95 0.46 -57.83
N VAL K 303 -2.07 0.65 -57.11
CA VAL K 303 -3.32 -0.07 -57.37
C VAL K 303 -4.59 0.65 -56.87
N PHE K 304 -4.46 1.91 -56.44
CA PHE K 304 -5.62 2.61 -55.89
C PHE K 304 -6.27 3.82 -56.58
N THR K 305 -7.49 4.08 -56.07
CA THR K 305 -8.41 5.17 -56.43
C THR K 305 -9.27 5.42 -55.15
N THR K 306 -8.68 6.13 -54.18
CA THR K 306 -9.24 6.48 -52.85
C THR K 306 -10.73 6.78 -52.59
N LYS K 307 -11.34 5.99 -51.70
CA LYS K 307 -12.74 6.18 -51.34
C LYS K 307 -13.04 5.73 -49.92
N ASP K 312 -10.30 11.27 -43.97
CA ASP K 312 -9.47 12.08 -44.87
C ASP K 312 -8.05 12.40 -44.36
N TYR K 313 -7.89 13.51 -43.64
CA TYR K 313 -6.59 13.93 -43.11
C TYR K 313 -5.91 12.80 -42.34
N LEU K 314 -6.71 11.83 -41.96
CA LEU K 314 -6.20 10.69 -41.21
C LEU K 314 -5.82 9.53 -42.16
N LEU K 315 -5.79 9.81 -43.47
CA LEU K 315 -5.45 8.81 -44.53
C LEU K 315 -4.57 9.31 -45.68
N ALA K 316 -3.61 8.49 -46.10
CA ALA K 316 -2.68 8.84 -47.18
C ALA K 316 -3.00 8.24 -48.55
N ASP K 317 -3.48 9.12 -49.44
CA ASP K 317 -3.85 8.78 -50.82
C ASP K 317 -2.66 8.14 -51.53
N ARG K 318 -1.79 9.01 -52.05
CA ARG K 318 -0.59 8.63 -52.77
C ARG K 318 0.32 8.00 -51.73
N GLY K 319 -0.25 7.08 -50.97
CA GLY K 319 0.46 6.42 -49.90
C GLY K 319 1.76 5.71 -50.20
N LEU K 320 1.77 4.43 -49.82
CA LEU K 320 2.91 3.56 -49.98
C LEU K 320 3.62 3.65 -51.32
N SER K 321 4.94 3.62 -51.24
CA SER K 321 5.81 3.67 -52.39
C SER K 321 6.56 2.33 -52.40
N THR K 322 6.28 1.51 -53.41
CA THR K 322 6.86 0.18 -53.55
C THR K 322 7.80 0.02 -54.73
N ASP K 323 8.24 -1.23 -54.89
CA ASP K 323 9.03 -1.62 -56.04
C ASP K 323 7.86 -2.39 -56.66
N PRO K 324 7.31 -1.87 -57.76
CA PRO K 324 6.18 -2.43 -58.52
C PRO K 324 6.22 -3.92 -58.90
N THR K 325 7.25 -4.66 -58.48
CA THR K 325 7.34 -6.10 -58.79
C THR K 325 6.33 -6.88 -57.93
N PRO K 326 5.32 -7.49 -58.59
CA PRO K 326 4.23 -8.28 -58.00
C PRO K 326 4.60 -9.60 -57.35
N LEU K 327 3.93 -9.85 -56.24
CA LEU K 327 4.10 -11.06 -55.46
C LEU K 327 2.77 -11.83 -55.52
N ALA K 328 2.81 -12.97 -56.21
CA ALA K 328 1.65 -13.85 -56.43
C ALA K 328 1.81 -15.23 -55.76
N PRO K 329 0.67 -15.94 -55.51
CA PRO K 329 0.69 -17.27 -54.88
C PRO K 329 1.95 -18.16 -55.06
N GLY K 330 2.27 -18.94 -54.03
CA GLY K 330 3.42 -19.85 -54.06
C GLY K 330 4.83 -19.30 -54.11
N GLU K 331 4.97 -17.98 -54.27
CA GLU K 331 6.30 -17.36 -54.38
C GLU K 331 6.86 -16.69 -53.12
N THR K 332 7.87 -15.83 -53.31
CA THR K 332 8.54 -15.09 -52.22
C THR K 332 9.49 -13.97 -52.70
N LYS K 333 9.84 -13.05 -51.78
CA LYS K 333 10.74 -11.93 -52.05
C LYS K 333 11.21 -11.21 -50.78
N THR K 334 12.39 -10.59 -50.89
CA THR K 334 13.04 -9.84 -49.80
C THR K 334 12.63 -8.37 -49.90
N ILE K 335 11.46 -8.17 -50.49
CA ILE K 335 10.86 -6.86 -50.71
C ILE K 335 11.27 -5.69 -49.78
N GLU K 336 11.28 -4.49 -50.37
CA GLU K 336 11.60 -3.26 -49.67
C GLU K 336 10.39 -2.38 -49.87
N VAL K 337 9.98 -1.69 -48.81
CA VAL K 337 8.83 -0.79 -48.86
C VAL K 337 9.22 0.60 -48.41
N LYS K 338 8.67 1.60 -49.08
CA LYS K 338 8.96 2.97 -48.69
C LYS K 338 7.63 3.63 -48.33
N VAL K 339 7.57 4.15 -47.11
CA VAL K 339 6.38 4.83 -46.63
C VAL K 339 6.65 6.33 -46.77
N GLN K 340 5.79 6.99 -47.52
CA GLN K 340 5.93 8.41 -47.77
C GLN K 340 4.58 9.08 -47.96
N ASP K 341 4.46 10.27 -47.39
CA ASP K 341 3.25 11.10 -47.45
C ASP K 341 3.38 12.17 -46.38
N ALA K 342 2.44 13.11 -46.37
CA ALA K 342 2.46 14.21 -45.41
C ALA K 342 1.97 13.86 -44.00
N ARG K 343 0.78 13.28 -43.91
CA ARG K 343 0.17 12.91 -42.63
C ARG K 343 1.04 12.10 -41.66
N TRP K 344 2.26 11.77 -42.09
CA TRP K 344 3.15 11.01 -41.21
C TRP K 344 3.91 11.96 -40.31
N ASP K 345 3.80 13.25 -40.59
CA ASP K 345 4.45 14.27 -39.79
C ASP K 345 3.33 15.10 -39.15
N ILE K 346 2.42 15.57 -40.00
CA ILE K 346 1.29 16.38 -39.56
C ILE K 346 0.63 15.75 -38.35
N GLU K 347 0.20 14.50 -38.50
CA GLU K 347 -0.46 13.80 -37.42
C GLU K 347 0.47 13.19 -36.35
N ARG K 348 1.67 13.77 -36.22
CA ARG K 348 2.63 13.30 -35.22
C ARG K 348 3.06 11.85 -35.28
N LEU K 349 4.10 11.55 -36.05
CA LEU K 349 4.61 10.19 -36.11
C LEU K 349 6.12 10.26 -36.07
N SER K 350 6.67 11.35 -36.58
CA SER K 350 8.11 11.54 -36.58
C SER K 350 8.50 11.71 -35.11
N ASP K 351 7.53 11.48 -34.24
CA ASP K 351 7.69 11.61 -32.79
C ASP K 351 8.58 10.54 -32.18
N LEU K 352 8.94 9.53 -32.97
CA LEU K 352 9.79 8.47 -32.46
C LEU K 352 11.10 9.03 -31.90
N ALA K 353 11.24 10.34 -31.95
CA ALA K 353 12.44 10.99 -31.42
C ALA K 353 12.43 10.73 -29.92
N TYR K 354 11.29 11.05 -29.29
CA TYR K 354 11.12 10.89 -27.85
C TYR K 354 10.90 9.43 -27.53
N ASP K 355 9.62 9.04 -27.58
CA ASP K 355 9.17 7.68 -27.32
C ASP K 355 10.31 6.70 -27.00
N THR K 356 10.29 6.15 -25.79
CA THR K 356 11.31 5.21 -25.33
C THR K 356 11.67 4.20 -26.41
N ASP K 357 10.88 3.12 -26.49
CA ASP K 357 11.14 2.08 -27.48
C ASP K 357 10.91 2.60 -28.91
N SER K 358 12.01 2.84 -29.62
CA SER K 358 11.99 3.38 -30.97
C SER K 358 11.21 2.56 -31.99
N GLN K 359 10.87 1.33 -31.64
CA GLN K 359 10.13 0.45 -32.55
C GLN K 359 8.90 1.06 -33.19
N ILE K 360 8.38 0.38 -34.22
CA ILE K 360 7.20 0.81 -34.97
C ILE K 360 6.19 -0.33 -35.01
N GLY K 361 5.03 -0.09 -35.64
CA GLY K 361 4.01 -1.11 -35.73
C GLY K 361 2.92 -0.77 -36.73
N GLY K 362 2.02 -1.73 -36.98
CA GLY K 362 0.95 -1.49 -37.93
C GLY K 362 0.63 -2.70 -38.80
N LEU K 363 -0.04 -2.45 -39.92
CA LEU K 363 -0.43 -3.52 -40.82
C LEU K 363 0.16 -3.47 -42.23
N LEU K 364 -0.22 -4.47 -43.02
CA LEU K 364 0.19 -4.62 -44.41
C LEU K 364 -0.99 -5.24 -45.14
N MET K 365 -1.79 -4.37 -45.72
CA MET K 365 -3.00 -4.72 -46.46
C MET K 365 -2.78 -5.31 -47.86
N PHE K 366 -2.24 -6.52 -47.97
CA PHE K 366 -2.02 -7.06 -49.31
C PHE K 366 -3.22 -7.73 -49.95
N PHE K 367 -3.45 -7.43 -51.23
CA PHE K 367 -4.57 -7.96 -52.02
C PHE K 367 -4.26 -9.00 -53.10
N SER K 368 -5.31 -9.69 -53.53
CA SER K 368 -5.26 -10.72 -54.57
C SER K 368 -5.17 -10.03 -55.93
N PRO K 369 -4.56 -10.71 -56.92
CA PRO K 369 -4.46 -10.10 -58.26
C PRO K 369 -5.84 -9.52 -58.61
N SER K 370 -6.84 -10.21 -58.09
CA SER K 370 -8.26 -9.89 -58.21
C SER K 370 -8.59 -8.80 -57.17
N GLY K 371 -8.33 -9.11 -55.90
CA GLY K 371 -8.59 -8.17 -54.81
C GLY K 371 -9.17 -8.89 -53.61
N LYS K 372 -8.34 -9.70 -52.96
CA LYS K 372 -8.75 -10.49 -51.79
C LYS K 372 -7.59 -10.54 -50.78
N ARG K 373 -7.47 -9.43 -50.05
CA ARG K 373 -6.41 -9.20 -49.08
C ARG K 373 -6.03 -10.12 -47.92
N TYR K 374 -4.93 -10.85 -48.10
CA TYR K 374 -4.39 -11.68 -47.02
C TYR K 374 -3.59 -10.55 -46.34
N ALA K 375 -3.77 -10.35 -45.03
CA ALA K 375 -3.07 -9.28 -44.31
C ALA K 375 -2.10 -9.70 -43.17
N THR K 376 -0.86 -9.25 -43.26
CA THR K 376 0.17 -9.53 -42.24
C THR K 376 0.45 -8.21 -41.54
N GLU K 377 1.08 -8.27 -40.36
CA GLU K 377 1.42 -7.07 -39.59
C GLU K 377 2.90 -6.78 -39.66
N ILE K 378 3.36 -5.90 -38.79
CA ILE K 378 4.76 -5.54 -38.78
C ILE K 378 5.38 -5.55 -37.39
N GLY K 379 5.83 -4.39 -36.93
CA GLY K 379 6.46 -4.28 -35.62
C GLY K 379 7.96 -4.48 -35.71
N GLY K 380 8.71 -3.39 -35.64
CA GLY K 380 10.14 -3.48 -35.73
C GLY K 380 10.85 -2.22 -35.30
N PRO K 381 12.08 -2.34 -34.82
CA PRO K 381 12.93 -1.23 -34.34
C PRO K 381 13.46 -0.35 -35.48
N VAL K 382 12.70 0.67 -35.86
CA VAL K 382 13.13 1.55 -36.94
C VAL K 382 14.18 2.56 -36.45
N ILE K 383 15.13 2.90 -37.32
CA ILE K 383 16.19 3.85 -36.96
C ILE K 383 16.07 5.17 -37.70
N PRO K 384 16.26 6.29 -37.00
CA PRO K 384 16.15 7.60 -37.63
C PRO K 384 17.45 8.27 -38.06
N LYS K 385 17.31 9.26 -38.95
CA LYS K 385 18.40 10.09 -39.45
C LYS K 385 17.77 11.49 -39.58
N PHE K 386 18.39 12.44 -38.90
CA PHE K 386 17.94 13.83 -38.78
C PHE K 386 18.21 14.80 -39.94
N VAL K 387 17.99 16.10 -39.70
CA VAL K 387 18.19 17.14 -40.72
C VAL K 387 19.65 17.30 -41.16
N PRO L 12 -14.80 53.42 20.95
CA PRO L 12 -15.70 52.26 20.76
C PRO L 12 -16.72 52.51 19.65
N PHE L 13 -17.92 51.97 19.85
CA PHE L 13 -19.00 52.16 18.89
C PHE L 13 -19.67 53.43 19.37
N HIS L 14 -20.19 54.20 18.42
CA HIS L 14 -20.85 55.46 18.69
C HIS L 14 -22.23 55.33 19.38
N SER L 15 -23.30 55.59 18.63
CA SER L 15 -24.66 55.49 19.17
C SER L 15 -25.09 54.02 19.21
N VAL L 16 -25.99 53.68 20.12
CA VAL L 16 -26.46 52.31 20.26
C VAL L 16 -27.19 51.85 18.98
N ALA L 17 -27.28 52.74 17.99
CA ALA L 17 -27.92 52.46 16.70
C ALA L 17 -26.85 52.60 15.61
N GLU L 18 -25.84 51.73 15.72
CA GLU L 18 -24.68 51.66 14.83
C GLU L 18 -23.85 50.61 15.56
N ALA L 19 -23.70 50.85 16.86
CA ALA L 19 -22.97 49.95 17.74
C ALA L 19 -23.72 48.64 17.66
N ALA L 20 -24.99 48.74 17.29
CA ALA L 20 -25.85 47.58 17.14
C ALA L 20 -25.90 47.36 15.63
N GLY L 21 -25.74 48.46 14.90
CA GLY L 21 -25.77 48.42 13.46
C GLY L 21 -24.55 47.71 12.91
N CYS L 22 -23.40 48.39 12.93
CA CYS L 22 -22.15 47.80 12.45
C CYS L 22 -21.81 46.61 13.32
N VAL L 23 -22.80 45.75 13.47
CA VAL L 23 -22.71 44.53 14.23
C VAL L 23 -23.62 43.56 13.51
N LYS L 24 -24.93 43.73 13.70
CA LYS L 24 -25.92 42.85 13.07
C LYS L 24 -25.74 42.77 11.55
N THR L 25 -24.87 43.65 11.04
CA THR L 25 -24.56 43.74 9.62
C THR L 25 -23.20 43.11 9.31
N THR L 26 -22.21 43.38 10.15
CA THR L 26 -20.90 42.81 9.97
C THR L 26 -21.06 41.35 10.33
N ASP L 27 -21.98 41.10 11.25
CA ASP L 27 -22.31 39.77 11.73
C ASP L 27 -22.98 38.98 10.61
N TRP L 28 -23.96 39.61 9.95
CA TRP L 28 -24.68 38.98 8.85
C TRP L 28 -23.69 38.81 7.69
N MET L 29 -23.09 39.92 7.24
CA MET L 29 -22.11 39.91 6.16
C MET L 29 -20.98 38.95 6.50
N PHE L 30 -20.83 38.68 7.79
CA PHE L 30 -19.80 37.79 8.26
C PHE L 30 -20.15 36.35 7.96
N LEU L 31 -21.30 35.91 8.48
CA LEU L 31 -21.77 34.55 8.27
C LEU L 31 -21.41 34.00 6.89
N THR L 32 -21.45 34.85 5.87
CA THR L 32 -21.12 34.41 4.52
C THR L 32 -19.67 34.04 4.39
N LEU L 33 -18.80 35.01 4.63
CA LEU L 33 -17.37 34.77 4.56
C LEU L 33 -17.13 33.30 4.83
N LEU L 34 -17.52 32.87 6.02
CA LEU L 34 -17.36 31.48 6.43
C LEU L 34 -17.93 30.51 5.39
N PHE L 35 -19.24 30.43 5.32
CA PHE L 35 -19.89 29.53 4.37
C PHE L 35 -19.25 29.49 2.96
N LEU L 36 -19.55 30.50 2.13
CA LEU L 36 -19.03 30.55 0.75
C LEU L 36 -17.51 30.63 0.68
N ALA L 37 -16.83 29.94 1.59
CA ALA L 37 -15.39 29.90 1.62
C ALA L 37 -14.98 28.56 2.18
N VAL L 38 -15.70 28.14 3.22
CA VAL L 38 -15.40 26.85 3.80
C VAL L 38 -15.93 25.90 2.76
N LEU L 39 -17.15 26.17 2.31
CA LEU L 39 -17.76 25.36 1.29
C LEU L 39 -16.65 24.95 0.35
N GLY L 40 -16.12 25.92 -0.37
CA GLY L 40 -15.04 25.64 -1.31
C GLY L 40 -14.07 24.64 -0.78
N GLY L 41 -13.19 25.08 0.11
CA GLY L 41 -12.20 24.19 0.67
C GLY L 41 -12.76 22.81 0.99
N TYR L 42 -14.08 22.72 1.12
CA TYR L 42 -14.73 21.45 1.42
C TYR L 42 -15.00 20.67 0.14
N HIS L 43 -15.81 21.24 -0.75
CA HIS L 43 -16.14 20.57 -1.99
C HIS L 43 -14.86 20.07 -2.65
N ILE L 44 -14.00 21.01 -3.02
CA ILE L 44 -12.73 20.70 -3.66
C ILE L 44 -12.22 19.40 -3.08
N HIS L 45 -12.44 19.21 -1.80
CA HIS L 45 -12.00 18.00 -1.15
C HIS L 45 -12.97 16.86 -1.48
N PHE L 46 -14.19 16.95 -0.96
CA PHE L 46 -15.19 15.91 -1.20
C PHE L 46 -15.15 15.37 -2.61
N MET L 47 -14.61 16.15 -3.52
CA MET L 47 -14.50 15.73 -4.89
C MET L 47 -13.47 14.60 -4.91
N LEU L 48 -12.19 14.98 -4.89
CA LEU L 48 -11.09 14.02 -4.90
C LEU L 48 -11.26 12.84 -3.97
N THR L 49 -11.92 13.07 -2.85
CA THR L 49 -12.13 12.00 -1.90
C THR L 49 -13.21 11.05 -2.41
N ALA L 50 -14.43 11.55 -2.53
CA ALA L 50 -15.54 10.76 -3.04
C ALA L 50 -15.42 10.76 -4.55
N GLY L 51 -14.53 9.89 -5.03
CA GLY L 51 -14.22 9.72 -6.46
C GLY L 51 -15.33 9.73 -7.48
N ASP L 52 -16.35 10.51 -7.16
CA ASP L 52 -17.49 10.65 -8.00
C ASP L 52 -18.28 9.41 -8.00
N TRP L 53 -18.84 9.20 -6.84
CA TRP L 53 -19.76 8.13 -6.59
C TRP L 53 -20.89 9.14 -6.45
N ASP L 54 -20.49 10.41 -6.54
CA ASP L 54 -21.38 11.56 -6.46
C ASP L 54 -21.10 12.29 -7.75
N PHE L 55 -21.47 11.66 -8.85
CA PHE L 55 -21.25 12.24 -10.17
C PHE L 55 -22.07 11.48 -11.21
N TRP L 56 -21.77 10.19 -11.38
CA TRP L 56 -22.46 9.39 -12.38
C TRP L 56 -23.38 8.33 -11.79
N VAL L 57 -24.66 8.42 -12.14
CA VAL L 57 -25.61 7.47 -11.65
C VAL L 57 -25.11 6.05 -11.80
N ASP L 58 -24.29 5.80 -12.82
CA ASP L 58 -23.78 4.46 -13.05
C ASP L 58 -22.74 4.04 -12.02
N TRP L 59 -22.28 5.01 -11.21
CA TRP L 59 -21.33 4.73 -10.15
C TRP L 59 -22.15 4.75 -8.86
N LYS L 60 -23.41 5.13 -8.98
CA LYS L 60 -24.30 5.19 -7.83
C LYS L 60 -24.82 3.78 -7.55
N ASP L 61 -24.08 2.99 -6.77
CA ASP L 61 -24.51 1.62 -6.50
C ASP L 61 -24.99 1.32 -5.10
N ARG L 62 -24.47 0.25 -4.51
CA ARG L 62 -24.88 -0.18 -3.17
C ARG L 62 -23.73 -0.29 -2.16
N ARG L 63 -22.81 -1.22 -2.40
CA ARG L 63 -21.66 -1.42 -1.53
C ARG L 63 -20.70 -0.26 -1.84
N MET L 64 -19.77 -0.53 -2.75
CA MET L 64 -18.76 0.44 -3.22
C MET L 64 -19.13 1.91 -2.90
N TRP L 65 -20.33 2.35 -3.27
CA TRP L 65 -20.70 3.76 -3.03
C TRP L 65 -21.04 4.22 -1.62
N PRO L 66 -22.27 3.97 -1.12
CA PRO L 66 -22.59 4.42 0.23
C PRO L 66 -21.67 3.92 1.31
N THR L 67 -20.39 3.81 0.96
CA THR L 67 -19.37 3.38 1.89
C THR L 67 -18.30 4.45 1.79
N VAL L 68 -18.25 5.15 0.67
CA VAL L 68 -17.27 6.20 0.50
C VAL L 68 -17.82 7.53 0.94
N VAL L 69 -18.67 8.13 0.11
CA VAL L 69 -19.26 9.42 0.46
C VAL L 69 -19.57 9.45 1.94
N PRO L 70 -20.22 8.38 2.46
CA PRO L 70 -20.55 8.35 3.89
C PRO L 70 -19.40 8.87 4.75
N ILE L 71 -18.31 8.10 4.76
CA ILE L 71 -17.14 8.49 5.53
C ILE L 71 -16.68 9.84 5.04
N LEU L 72 -15.80 9.82 4.03
CA LEU L 72 -15.24 11.02 3.46
C LEU L 72 -16.13 12.24 3.60
N GLY L 73 -17.44 12.04 3.46
CA GLY L 73 -18.36 13.15 3.61
C GLY L 73 -18.48 13.64 5.03
N VAL L 74 -17.38 13.71 5.77
CA VAL L 74 -17.50 14.21 7.11
C VAL L 74 -16.37 15.08 7.62
N THR L 75 -15.10 14.72 7.44
CA THR L 75 -14.01 15.57 7.98
C THR L 75 -14.13 16.92 7.28
N PHE L 76 -15.21 17.58 7.66
CA PHE L 76 -15.65 18.89 7.22
C PHE L 76 -16.99 19.05 7.90
N ALA L 77 -17.97 18.28 7.45
CA ALA L 77 -19.31 18.32 8.03
C ALA L 77 -19.16 18.14 9.52
N ALA L 78 -17.99 17.68 9.93
CA ALA L 78 -17.70 17.43 11.33
C ALA L 78 -17.02 18.62 11.99
N ALA L 79 -15.77 18.87 11.62
CA ALA L 79 -15.07 20.00 12.21
C ALA L 79 -15.96 21.22 12.05
N ALA L 80 -16.56 21.36 10.87
CA ALA L 80 -17.46 22.48 10.58
C ALA L 80 -18.41 22.64 11.75
N GLN L 81 -18.85 21.49 12.26
CA GLN L 81 -19.77 21.46 13.40
C GLN L 81 -18.99 21.87 14.63
N ALA L 82 -18.15 20.98 15.11
CA ALA L 82 -17.34 21.26 16.29
C ALA L 82 -16.90 22.72 16.25
N PHE L 83 -16.71 23.26 15.06
CA PHE L 83 -16.32 24.64 14.88
C PHE L 83 -17.45 25.49 15.44
N PHE L 84 -18.37 25.85 14.55
CA PHE L 84 -19.52 26.67 14.87
C PHE L 84 -20.18 26.39 16.20
N TRP L 85 -20.58 25.14 16.46
CA TRP L 85 -21.23 24.84 17.73
C TRP L 85 -20.36 25.21 18.91
N GLU L 86 -19.07 24.96 18.78
CA GLU L 86 -18.19 25.28 19.86
C GLU L 86 -18.30 26.72 20.31
N ASN L 87 -17.59 27.59 19.60
CA ASN L 87 -17.57 29.00 19.93
C ASN L 87 -18.88 29.77 19.82
N PHE L 88 -19.97 29.09 19.47
CA PHE L 88 -21.25 29.78 19.37
C PHE L 88 -22.42 28.88 19.73
N LYS L 89 -22.13 27.79 20.46
CA LYS L 89 -23.14 26.82 20.87
C LYS L 89 -24.29 26.96 19.91
N LEU L 90 -23.93 27.05 18.65
CA LEU L 90 -24.86 27.23 17.55
C LEU L 90 -24.94 25.91 16.78
N PRO L 91 -25.90 25.03 17.13
CA PRO L 91 -26.07 23.73 16.47
C PRO L 91 -26.32 23.83 14.99
N PHE L 92 -25.94 24.96 14.43
CA PHE L 92 -26.08 25.25 13.02
C PHE L 92 -24.72 25.00 12.40
N GLY L 93 -24.27 23.74 12.40
CA GLY L 93 -22.96 23.44 11.84
C GLY L 93 -22.92 22.29 10.88
N ALA L 94 -23.08 21.08 11.41
CA ALA L 94 -23.06 19.89 10.58
C ALA L 94 -23.78 20.12 9.27
N THR L 95 -24.92 20.80 9.35
CA THR L 95 -25.74 21.10 8.18
C THR L 95 -25.17 22.31 7.45
N PHE L 96 -24.54 23.18 8.21
CA PHE L 96 -23.93 24.37 7.63
C PHE L 96 -23.05 23.86 6.51
N ALA L 97 -22.28 22.81 6.79
CA ALA L 97 -21.38 22.21 5.83
C ALA L 97 -22.11 21.75 4.59
N VAL L 98 -22.78 20.61 4.71
CA VAL L 98 -23.56 20.01 3.65
C VAL L 98 -24.00 21.00 2.57
N SER L 99 -25.09 21.70 2.84
CA SER L 99 -25.63 22.68 1.91
C SER L 99 -24.51 23.13 1.01
N GLY L 100 -23.45 23.63 1.63
CA GLY L 100 -22.30 24.09 0.90
C GLY L 100 -22.02 23.17 -0.26
N LEU L 101 -21.76 21.90 0.03
CA LEU L 101 -21.46 20.91 -0.99
C LEU L 101 -22.60 20.80 -1.98
N LEU L 102 -23.80 20.63 -1.47
CA LEU L 102 -24.96 20.51 -2.33
C LEU L 102 -25.11 21.76 -3.19
N ILE L 103 -25.33 22.92 -2.58
CA ILE L 103 -25.45 24.14 -3.36
C ILE L 103 -24.17 24.39 -4.13
N GLY L 104 -23.09 23.72 -3.75
CA GLY L 104 -21.84 23.90 -4.44
C GLY L 104 -21.84 23.05 -5.71
N GLU L 105 -22.00 21.74 -5.53
CA GLU L 105 -22.04 20.84 -6.65
C GLU L 105 -23.27 21.16 -7.49
N TRP L 106 -24.44 21.00 -6.88
CA TRP L 106 -25.73 21.27 -7.54
C TRP L 106 -25.67 22.42 -8.51
N ILE L 107 -24.81 23.39 -8.19
CA ILE L 107 -24.59 24.55 -9.03
C ILE L 107 -23.76 24.06 -10.19
N ASN L 108 -22.50 23.78 -9.91
CA ASN L 108 -21.56 23.30 -10.91
C ASN L 108 -22.19 22.19 -11.77
N ARG L 109 -23.11 21.42 -11.19
CA ARG L 109 -23.80 20.33 -11.89
C ARG L 109 -24.61 20.84 -13.08
N TYR L 110 -25.39 21.89 -12.83
CA TYR L 110 -26.21 22.50 -13.85
C TYR L 110 -25.29 23.05 -14.90
N CYS L 111 -25.42 24.36 -15.10
CA CYS L 111 -24.61 25.11 -16.05
C CYS L 111 -23.41 24.39 -16.68
N ASN L 112 -22.47 23.93 -15.88
CA ASN L 112 -21.29 23.25 -16.42
C ASN L 112 -21.64 21.98 -17.20
N PHE L 113 -21.70 20.85 -16.50
CA PHE L 113 -22.04 19.58 -17.16
C PHE L 113 -23.22 19.73 -18.12
N TRP L 114 -24.25 20.44 -17.66
CA TRP L 114 -25.49 20.67 -18.41
C TRP L 114 -25.39 21.67 -19.56
N GLY L 115 -24.91 22.88 -19.27
CA GLY L 115 -24.79 23.93 -20.29
C GLY L 115 -23.49 23.91 -21.05
N TRP L 116 -22.61 23.01 -20.64
CA TRP L 116 -21.31 22.82 -21.27
C TRP L 116 -21.27 21.31 -21.52
N THR L 117 -21.21 20.91 -22.78
CA THR L 117 -21.22 19.48 -23.13
C THR L 117 -22.40 18.83 -22.40
N TYR L 118 -23.55 19.50 -22.51
CA TYR L 118 -24.82 19.11 -21.91
C TYR L 118 -24.93 17.67 -21.44
N PHE L 119 -25.13 17.51 -20.15
CA PHE L 119 -25.28 16.19 -19.59
C PHE L 119 -26.62 16.09 -18.91
N PRO L 120 -27.29 14.97 -19.09
CA PRO L 120 -28.60 14.75 -18.49
C PRO L 120 -28.48 15.02 -17.02
N ILE L 121 -29.30 15.94 -16.53
CA ILE L 121 -29.29 16.26 -15.12
C ILE L 121 -29.57 14.94 -14.40
N SER L 122 -29.80 13.90 -15.20
CA SER L 122 -30.08 12.58 -14.68
C SER L 122 -28.77 11.82 -14.42
N LEU L 123 -27.97 11.59 -15.47
CA LEU L 123 -26.73 10.84 -15.28
C LEU L 123 -25.90 11.42 -14.15
N VAL L 124 -25.78 12.74 -14.12
CA VAL L 124 -25.03 13.43 -13.08
C VAL L 124 -25.95 14.20 -12.15
N PHE L 125 -25.65 14.14 -10.86
CA PHE L 125 -26.42 14.84 -9.85
C PHE L 125 -25.94 14.29 -8.52
N PRO L 126 -25.54 15.19 -7.61
CA PRO L 126 -25.04 14.89 -6.26
C PRO L 126 -25.92 13.97 -5.43
N SER L 127 -25.39 13.52 -4.30
CA SER L 127 -26.14 12.65 -3.41
C SER L 127 -26.74 13.49 -2.30
N ALA L 128 -27.88 13.06 -1.78
CA ALA L 128 -28.55 13.79 -0.72
C ALA L 128 -27.84 13.64 0.62
N LEU L 129 -27.69 14.74 1.33
CA LEU L 129 -26.99 14.71 2.62
C LEU L 129 -27.72 15.50 3.70
N VAL L 130 -28.42 16.53 3.26
CA VAL L 130 -29.17 17.39 4.16
C VAL L 130 -29.73 16.59 5.31
N VAL L 131 -30.38 15.47 5.01
CA VAL L 131 -30.94 14.65 6.06
C VAL L 131 -29.89 14.35 7.10
N PRO L 132 -29.00 13.37 6.85
CA PRO L 132 -27.98 13.06 7.86
C PRO L 132 -27.53 14.27 8.67
N ALA L 133 -26.99 15.27 7.99
CA ALA L 133 -26.52 16.47 8.66
C ALA L 133 -27.40 16.80 9.86
N LEU L 134 -28.70 16.81 9.64
CA LEU L 134 -29.65 17.11 10.70
C LEU L 134 -29.55 16.10 11.84
N TRP L 135 -29.75 14.83 11.54
CA TRP L 135 -29.69 13.79 12.56
C TRP L 135 -28.30 13.78 13.16
N LEU L 136 -27.56 14.84 12.88
CA LEU L 136 -26.22 14.97 13.41
C LEU L 136 -26.18 16.26 14.19
N ASP L 137 -26.35 17.37 13.49
CA ASP L 137 -26.33 18.66 14.15
C ASP L 137 -27.31 18.61 15.33
N ILE L 138 -28.21 17.63 15.33
CA ILE L 138 -29.21 17.50 16.40
C ILE L 138 -28.80 16.58 17.54
N ILE L 139 -28.35 15.36 17.22
CA ILE L 139 -27.91 14.45 18.28
C ILE L 139 -26.72 15.20 18.87
N MET L 140 -26.52 16.38 18.32
CA MET L 140 -25.47 17.26 18.74
C MET L 140 -26.10 18.27 19.70
N LEU L 141 -27.02 19.08 19.17
CA LEU L 141 -27.72 20.10 19.96
C LEU L 141 -28.02 19.51 21.31
N LEU L 142 -29.00 18.61 21.34
CA LEU L 142 -29.35 17.92 22.56
C LEU L 142 -28.06 17.17 22.86
N SER L 143 -27.68 17.06 24.12
CA SER L 143 -26.45 16.34 24.45
C SER L 143 -25.31 16.92 23.64
N GLY L 144 -24.81 18.07 24.07
CA GLY L 144 -23.73 18.73 23.37
C GLY L 144 -22.32 18.32 23.72
N SER L 145 -22.06 17.01 23.83
CA SER L 145 -20.70 16.53 24.13
C SER L 145 -20.15 15.78 22.92
N TYR L 146 -18.82 15.75 22.83
CA TYR L 146 -18.19 15.10 21.73
C TYR L 146 -18.56 13.66 21.57
N VAL L 147 -17.79 12.80 22.21
CA VAL L 147 -18.03 11.38 22.13
C VAL L 147 -19.47 11.03 21.82
N ILE L 148 -20.41 11.49 22.64
CA ILE L 148 -21.82 11.17 22.40
C ILE L 148 -22.24 11.54 20.99
N THR L 149 -21.95 12.76 20.56
CA THR L 149 -22.33 13.19 19.22
C THR L 149 -21.58 12.37 18.17
N ALA L 150 -20.45 11.77 18.58
CA ALA L 150 -19.63 10.95 17.69
C ALA L 150 -20.25 9.58 17.47
N VAL L 151 -20.22 8.74 18.50
CA VAL L 151 -20.81 7.43 18.39
C VAL L 151 -22.14 7.60 17.71
N VAL L 152 -23.17 7.87 18.50
CA VAL L 152 -24.47 8.09 17.92
C VAL L 152 -24.31 9.37 17.14
N GLY L 153 -24.98 9.44 16.00
CA GLY L 153 -24.88 10.60 15.14
C GLY L 153 -24.09 10.13 13.96
N SER L 154 -22.80 9.86 14.19
CA SER L 154 -21.93 9.37 13.13
C SER L 154 -22.64 8.12 12.63
N LEU L 155 -23.04 7.30 13.59
CA LEU L 155 -23.72 6.04 13.32
C LEU L 155 -24.77 6.26 12.25
N GLY L 156 -25.95 6.70 12.66
CA GLY L 156 -27.01 6.92 11.70
C GLY L 156 -26.59 7.74 10.49
N TRP L 157 -25.72 8.74 10.73
CA TRP L 157 -25.23 9.61 9.66
C TRP L 157 -24.94 8.85 8.39
N GLY L 158 -24.65 7.56 8.54
CA GLY L 158 -24.36 6.74 7.38
C GLY L 158 -25.51 5.82 7.04
N LEU L 159 -26.13 5.22 8.05
CA LEU L 159 -27.25 4.35 7.79
C LEU L 159 -28.20 5.18 6.96
N LEU L 160 -28.54 6.35 7.48
CA LEU L 160 -29.45 7.23 6.78
C LEU L 160 -29.08 7.42 5.31
N PHE L 161 -27.79 7.58 5.03
CA PHE L 161 -27.35 7.82 3.67
C PHE L 161 -28.26 7.25 2.61
N TYR L 162 -27.99 6.00 2.22
CA TYR L 162 -28.76 5.35 1.17
C TYR L 162 -30.26 5.55 1.37
N PRO L 163 -30.83 4.98 2.44
CA PRO L 163 -32.27 5.17 2.64
C PRO L 163 -32.70 6.59 2.28
N ASN L 164 -31.89 7.54 2.68
CA ASN L 164 -32.18 8.92 2.37
C ASN L 164 -32.29 9.02 0.86
N ASN L 165 -31.18 8.84 0.16
CA ASN L 165 -31.17 8.93 -1.31
C ASN L 165 -32.14 8.04 -2.10
N TRP L 166 -32.89 7.17 -1.43
CA TRP L 166 -33.81 6.31 -2.17
C TRP L 166 -34.62 7.10 -3.18
N PRO L 167 -35.32 8.15 -2.72
CA PRO L 167 -36.10 8.95 -3.65
C PRO L 167 -35.35 9.21 -4.95
N ALA L 168 -34.49 10.21 -4.93
CA ALA L 168 -33.73 10.59 -6.11
C ALA L 168 -33.11 9.41 -6.83
N ILE L 169 -32.83 8.34 -6.09
CA ILE L 169 -32.19 7.20 -6.71
C ILE L 169 -33.19 6.11 -7.15
N ALA L 170 -33.90 5.50 -6.20
CA ALA L 170 -34.86 4.43 -6.45
C ALA L 170 -35.37 4.32 -7.90
N ALA L 171 -36.27 5.21 -8.30
CA ALA L 171 -36.85 5.19 -9.62
C ALA L 171 -35.89 4.90 -10.79
N LEU L 172 -34.77 5.62 -10.87
CA LEU L 172 -33.82 5.42 -11.95
C LEU L 172 -33.12 4.05 -11.97
N HIS L 173 -33.74 3.06 -11.33
CA HIS L 173 -33.17 1.72 -11.30
C HIS L 173 -34.07 0.63 -11.93
N GLN L 174 -35.24 1.02 -12.42
CA GLN L 174 -36.15 0.09 -13.09
C GLN L 174 -35.32 -0.49 -14.24
N ALA L 175 -35.71 -1.62 -14.82
CA ALA L 175 -34.89 -2.19 -15.90
C ALA L 175 -35.56 -2.56 -17.23
N THR L 176 -34.79 -2.45 -18.31
CA THR L 176 -35.26 -2.79 -19.65
C THR L 176 -34.34 -3.88 -20.16
N GLU L 177 -34.68 -4.47 -21.30
CA GLU L 177 -33.87 -5.53 -21.91
C GLU L 177 -33.21 -5.07 -23.20
N GLN L 178 -32.01 -4.55 -23.11
CA GLN L 178 -31.32 -4.08 -24.30
C GLN L 178 -30.50 -5.15 -24.94
N HIS L 179 -31.06 -5.71 -26.02
CA HIS L 179 -30.44 -6.74 -26.83
C HIS L 179 -30.08 -8.04 -26.13
N GLY L 180 -31.07 -8.68 -25.53
CA GLY L 180 -30.86 -9.94 -24.85
C GLY L 180 -30.11 -9.81 -23.54
N GLN L 181 -29.91 -8.57 -23.10
CA GLN L 181 -29.21 -8.33 -21.85
C GLN L 181 -30.04 -7.48 -20.93
N LEU L 182 -29.63 -7.41 -19.67
CA LEU L 182 -30.34 -6.62 -18.68
C LEU L 182 -29.51 -5.46 -18.16
N MET L 183 -30.19 -4.33 -17.95
CA MET L 183 -29.55 -3.13 -17.44
C MET L 183 -30.59 -2.30 -16.68
N SER L 184 -30.10 -1.31 -15.94
CA SER L 184 -30.98 -0.42 -15.16
C SER L 184 -31.12 0.90 -15.88
N LEU L 185 -32.31 1.47 -15.78
CA LEU L 185 -32.58 2.76 -16.42
C LEU L 185 -31.26 3.44 -16.22
N ALA L 186 -30.81 3.39 -14.98
CA ALA L 186 -29.55 3.97 -14.62
C ALA L 186 -28.52 3.53 -15.65
N ASP L 187 -28.03 2.30 -15.49
CA ASP L 187 -27.02 1.76 -16.38
C ASP L 187 -27.09 2.34 -17.78
N LEU L 188 -28.22 2.13 -18.45
CA LEU L 188 -28.39 2.63 -19.81
C LEU L 188 -28.14 4.13 -19.94
N VAL L 189 -28.68 4.93 -19.01
CA VAL L 189 -28.47 6.37 -19.08
C VAL L 189 -26.98 6.58 -19.19
N GLY L 190 -26.24 5.64 -18.62
CA GLY L 190 -24.80 5.71 -18.64
C GLY L 190 -24.25 5.22 -19.96
N PHE L 191 -25.00 4.35 -20.62
CA PHE L 191 -24.59 3.82 -21.91
C PHE L 191 -24.72 4.97 -22.91
N HIS L 192 -25.87 5.64 -22.86
CA HIS L 192 -26.14 6.78 -23.73
C HIS L 192 -25.28 7.96 -23.25
N PHE L 193 -25.29 9.06 -24.01
CA PHE L 193 -24.50 10.25 -23.66
C PHE L 193 -23.15 9.83 -23.11
N VAL L 194 -22.12 9.81 -23.95
CA VAL L 194 -20.82 9.35 -23.48
C VAL L 194 -19.78 10.40 -23.13
N ARG L 195 -18.68 9.93 -22.52
CA ARG L 195 -17.57 10.80 -22.09
C ARG L 195 -16.17 10.19 -22.32
N THR L 196 -15.40 10.01 -21.24
CA THR L 196 -14.05 9.44 -21.31
C THR L 196 -13.47 8.75 -20.03
N SER L 197 -12.28 9.21 -19.61
CA SER L 197 -11.48 8.67 -18.46
C SER L 197 -11.43 9.42 -17.09
N MET L 198 -10.21 9.55 -16.53
CA MET L 198 -9.96 10.23 -15.22
C MET L 198 -9.52 11.72 -15.25
N PRO L 199 -8.40 12.05 -15.95
CA PRO L 199 -7.43 11.24 -16.71
C PRO L 199 -5.92 11.65 -16.55
N GLU L 200 -5.60 12.49 -15.55
CA GLU L 200 -4.24 13.00 -15.32
C GLU L 200 -3.62 12.81 -13.90
N TYR L 201 -3.26 13.96 -13.34
CA TYR L 201 -2.69 14.15 -12.00
C TYR L 201 -1.32 14.87 -11.88
N ILE L 202 -1.22 15.58 -10.75
CA ILE L 202 -0.07 16.38 -10.28
C ILE L 202 -0.77 17.08 -9.13
N ARG L 203 -2.00 17.47 -9.46
CA ARG L 203 -2.94 18.15 -8.60
C ARG L 203 -2.54 18.27 -7.13
N MET L 204 -1.45 18.97 -6.82
CA MET L 204 -1.07 19.13 -5.41
C MET L 204 -0.17 20.33 -5.12
N VAL L 205 0.49 20.88 -6.15
CA VAL L 205 1.35 22.06 -5.97
C VAL L 205 0.41 23.15 -5.44
N GLU L 206 -0.50 23.59 -6.30
CA GLU L 206 -1.51 24.62 -5.99
C GLU L 206 -2.15 24.47 -4.61
N ARG L 207 -2.08 23.26 -4.07
CA ARG L 207 -2.65 22.95 -2.77
C ARG L 207 -1.68 23.23 -1.61
N GLY L 208 -0.67 22.38 -1.45
CA GLY L 208 0.30 22.59 -0.36
C GLY L 208 1.24 23.73 -0.69
N THR L 209 0.73 24.69 -1.45
CA THR L 209 1.47 25.86 -1.91
C THR L 209 0.65 27.15 -1.94
N LEU L 210 1.17 28.19 -1.30
CA LEU L 210 0.53 29.50 -1.23
C LEU L 210 -0.94 29.43 -0.83
N ARG L 211 -1.77 28.76 -1.65
CA ARG L 211 -3.20 28.59 -1.37
C ARG L 211 -3.25 28.18 0.09
N THR L 212 -2.08 27.75 0.53
CA THR L 212 -1.85 27.33 1.89
C THR L 212 -1.03 28.44 2.59
N PHE L 213 0.22 28.13 2.96
CA PHE L 213 1.08 29.08 3.66
C PHE L 213 1.29 30.36 2.86
N GLY L 214 0.20 31.08 2.76
CA GLY L 214 0.13 32.33 2.06
C GLY L 214 -1.36 32.59 2.20
N LYS L 215 -1.92 31.99 3.23
CA LYS L 215 -3.32 32.08 3.54
C LYS L 215 -3.44 31.28 4.82
N GLU L 216 -2.55 30.32 4.95
CA GLU L 216 -2.52 29.47 6.12
C GLU L 216 -2.04 30.28 7.28
N VAL L 217 -0.86 30.87 7.11
CA VAL L 217 -0.31 31.70 8.14
C VAL L 217 -1.38 32.73 8.53
N VAL L 218 -2.01 32.40 9.65
CA VAL L 218 -3.08 33.14 10.28
C VAL L 218 -3.53 31.96 11.11
N PRO L 219 -2.82 31.64 12.20
CA PRO L 219 -1.61 32.17 12.86
C PRO L 219 -1.19 33.64 12.67
N VAL L 220 0.13 33.84 12.50
CA VAL L 220 0.86 35.12 12.30
C VAL L 220 2.17 35.08 13.11
N ALA L 221 2.24 34.06 13.97
CA ALA L 221 3.36 33.75 14.86
C ALA L 221 2.77 33.15 16.13
N ALA L 222 1.56 33.61 16.47
CA ALA L 222 0.85 33.18 17.66
C ALA L 222 -0.32 32.28 17.32
N PHE L 223 -0.57 31.31 18.21
CA PHE L 223 -1.65 30.33 18.06
C PHE L 223 -3.04 30.99 17.86
N PHE L 224 -4.08 30.30 18.37
CA PHE L 224 -5.47 30.72 18.26
C PHE L 224 -5.84 30.16 16.89
N SER L 225 -6.75 29.19 16.83
CA SER L 225 -6.99 28.60 15.52
C SER L 225 -8.20 27.71 15.19
N GLY L 226 -8.23 27.30 13.92
CA GLY L 226 -9.25 26.43 13.37
C GLY L 226 -8.53 25.12 13.13
N PHE L 227 -7.70 24.78 14.11
CA PHE L 227 -6.93 23.55 14.13
C PHE L 227 -7.76 22.76 15.14
N VAL L 228 -8.88 23.36 15.54
CA VAL L 228 -9.78 22.72 16.47
C VAL L 228 -10.41 21.57 15.71
N SER L 229 -10.01 21.45 14.45
CA SER L 229 -10.54 20.39 13.61
C SER L 229 -10.16 19.04 14.18
N MET L 230 -9.90 18.99 15.48
CA MET L 230 -9.56 17.76 16.17
C MET L 230 -10.88 17.01 16.15
N MET L 231 -11.55 17.16 15.01
CA MET L 231 -12.83 16.57 14.72
C MET L 231 -12.54 15.43 13.79
N VAL L 232 -11.35 15.49 13.22
CA VAL L 232 -10.89 14.43 12.36
C VAL L 232 -11.38 13.24 13.15
N TYR L 233 -11.20 13.30 14.46
CA TYR L 233 -11.67 12.24 15.32
C TYR L 233 -13.09 11.96 14.85
N PHE L 234 -13.99 12.89 15.14
CA PHE L 234 -15.39 12.76 14.76
C PHE L 234 -15.55 11.74 13.65
N LEU L 235 -14.74 11.92 12.61
CA LEU L 235 -14.79 11.04 11.45
C LEU L 235 -14.44 9.63 11.78
N TRP L 236 -13.22 9.42 12.27
CA TRP L 236 -12.81 8.06 12.58
C TRP L 236 -14.01 7.31 13.09
N TRP L 237 -14.55 7.71 14.24
CA TRP L 237 -15.74 7.03 14.68
C TRP L 237 -16.71 7.35 13.55
N PHE L 238 -16.83 6.37 12.67
CA PHE L 238 -17.68 6.46 11.52
C PHE L 238 -18.22 5.05 11.44
N VAL L 239 -17.37 4.13 11.90
CA VAL L 239 -17.61 2.69 11.93
C VAL L 239 -19.05 2.38 12.26
N GLY L 240 -19.86 2.74 11.29
CA GLY L 240 -21.30 2.58 11.30
C GLY L 240 -21.56 2.86 9.83
N LYS L 241 -20.72 3.72 9.27
CA LYS L 241 -20.82 4.05 7.88
C LYS L 241 -20.36 2.78 7.18
N TRP L 242 -19.38 2.09 7.79
CA TRP L 242 -18.84 0.83 7.27
C TRP L 242 -19.87 -0.18 7.72
N TYR L 243 -20.85 0.31 8.45
CA TYR L 243 -21.94 -0.55 8.88
C TYR L 243 -23.00 -0.18 7.87
N SER L 244 -23.21 1.13 7.71
CA SER L 244 -24.17 1.68 6.79
C SER L 244 -23.91 1.12 5.41
N THR L 245 -23.17 0.03 5.36
CA THR L 245 -22.83 -0.66 4.14
C THR L 245 -23.69 -1.88 4.07
N THR L 246 -23.50 -2.75 5.04
CA THR L 246 -24.22 -3.99 5.07
C THR L 246 -25.72 -3.79 5.15
N LYS L 247 -26.16 -2.91 4.29
CA LYS L 247 -27.54 -2.56 4.09
C LYS L 247 -27.45 -2.73 2.60
N VAL L 248 -26.83 -3.85 2.26
CA VAL L 248 -26.61 -4.29 0.90
C VAL L 248 -26.71 -5.79 1.03
N ILE L 249 -27.96 -6.25 1.20
CA ILE L 249 -28.35 -7.64 1.37
C ILE L 249 -27.26 -8.42 2.13
N ILE M 18 -18.50 57.28 9.01
CA ILE M 18 -17.42 56.75 9.90
C ILE M 18 -17.76 55.37 10.53
N VAL M 19 -17.29 54.30 9.86
CA VAL M 19 -17.42 52.87 10.21
C VAL M 19 -17.73 52.04 8.96
N ASP M 20 -17.46 52.67 7.82
CA ASP M 20 -17.63 52.15 6.46
C ASP M 20 -18.86 51.34 6.04
N LEU M 21 -19.09 51.39 4.74
CA LEU M 21 -20.17 50.73 4.00
C LEU M 21 -19.54 49.60 3.18
N ARG M 22 -20.08 49.36 1.99
CA ARG M 22 -19.57 48.31 1.11
C ARG M 22 -18.32 48.71 0.33
N GLY M 23 -17.15 48.46 0.91
CA GLY M 23 -15.94 48.73 0.16
C GLY M 23 -15.92 47.55 -0.80
N MET M 24 -16.88 46.66 -0.56
CA MET M 24 -17.10 45.43 -1.31
C MET M 24 -17.73 45.73 -2.64
N TRP M 25 -18.07 46.99 -2.84
CA TRP M 25 -18.67 47.39 -4.10
C TRP M 25 -17.75 46.80 -5.15
N VAL M 26 -16.64 47.50 -5.40
CA VAL M 26 -15.64 47.09 -6.39
C VAL M 26 -15.44 45.57 -6.29
N GLY M 27 -15.46 45.06 -5.05
CA GLY M 27 -15.25 43.65 -4.80
C GLY M 27 -16.23 42.73 -5.49
N VAL M 28 -17.20 42.22 -4.74
CA VAL M 28 -18.19 41.33 -5.29
C VAL M 28 -18.49 41.69 -6.75
N ALA M 29 -18.90 42.93 -6.97
CA ALA M 29 -19.21 43.40 -8.32
C ALA M 29 -18.04 43.10 -9.25
N GLY M 30 -16.97 43.87 -9.11
CA GLY M 30 -15.79 43.70 -9.95
C GLY M 30 -15.31 42.28 -10.16
N LEU M 31 -15.93 41.34 -9.47
CA LEU M 31 -15.56 39.92 -9.58
C LEU M 31 -16.66 39.13 -10.26
N ASN M 32 -17.78 38.93 -9.55
CA ASN M 32 -18.91 38.17 -10.08
C ASN M 32 -19.16 38.41 -11.57
N ILE M 33 -18.95 39.63 -12.03
CA ILE M 33 -19.14 39.89 -13.44
C ILE M 33 -17.95 39.36 -14.21
N PHE M 34 -16.75 39.73 -13.77
CA PHE M 34 -15.53 39.27 -14.42
C PHE M 34 -15.62 37.77 -14.60
N TYR M 35 -15.58 37.06 -13.47
CA TYR M 35 -15.64 35.62 -13.47
C TYR M 35 -16.80 35.11 -14.33
N LEU M 36 -18.01 35.57 -14.04
CA LEU M 36 -19.20 35.14 -14.80
C LEU M 36 -18.89 35.17 -16.29
N ILE M 37 -18.58 36.36 -16.77
CA ILE M 37 -18.24 36.56 -18.16
C ILE M 37 -17.25 35.50 -18.64
N VAL M 38 -16.16 35.33 -17.91
CA VAL M 38 -15.14 34.33 -18.26
C VAL M 38 -15.78 33.01 -18.61
N ARG M 39 -16.92 32.74 -17.97
CA ARG M 39 -17.64 31.51 -18.22
C ARG M 39 -18.32 31.60 -19.59
N ILE M 40 -18.70 32.81 -19.96
CA ILE M 40 -19.33 33.03 -21.24
C ILE M 40 -18.27 32.88 -22.33
N TYR M 41 -17.18 33.63 -22.21
CA TYR M 41 -16.09 33.56 -23.18
C TYR M 41 -15.58 32.14 -23.39
N GLU M 42 -15.62 31.33 -22.33
CA GLU M 42 -15.17 29.94 -22.44
C GLU M 42 -16.25 29.07 -23.07
N GLN M 43 -17.43 29.66 -23.23
CA GLN M 43 -18.56 28.98 -23.85
C GLN M 43 -18.27 28.94 -25.36
N ILE M 44 -17.83 30.07 -25.88
CA ILE M 44 -17.50 30.22 -27.29
C ILE M 44 -16.17 29.55 -27.63
N TYR M 45 -15.14 30.38 -27.79
CA TYR M 45 -13.78 29.95 -28.14
C TYR M 45 -13.32 28.54 -27.72
N GLY M 46 -13.24 28.30 -26.41
CA GLY M 46 -12.80 27.00 -25.95
C GLY M 46 -13.65 25.89 -26.53
N TRP M 47 -14.92 26.19 -26.77
CA TRP M 47 -15.87 25.22 -27.31
C TRP M 47 -16.23 25.49 -28.76
N ARG M 48 -15.23 25.93 -29.54
CA ARG M 48 -15.42 26.26 -30.94
C ARG M 48 -14.13 26.96 -31.41
N ALA M 49 -13.00 26.48 -30.90
CA ALA M 49 -11.68 27.03 -31.24
C ALA M 49 -10.66 26.36 -30.34
N GLY M 50 -10.80 26.62 -29.04
CA GLY M 50 -9.91 26.03 -28.06
C GLY M 50 -10.29 24.60 -27.78
N LEU M 51 -10.67 23.86 -28.83
CA LEU M 51 -11.06 22.46 -28.71
C LEU M 51 -9.94 21.50 -29.16
N ASP M 52 -8.77 22.08 -29.43
CA ASP M 52 -7.56 21.37 -29.86
C ASP M 52 -6.37 22.32 -29.78
N SER M 53 -5.34 21.91 -29.05
CA SER M 53 -4.12 22.72 -28.84
C SER M 53 -3.25 22.94 -30.08
N PHE M 54 -3.40 22.08 -31.09
CA PHE M 54 -2.64 22.18 -32.32
C PHE M 54 -3.40 23.07 -33.31
N ALA M 55 -4.68 23.30 -33.01
CA ALA M 55 -5.58 24.13 -33.83
C ALA M 55 -5.46 25.62 -33.47
N PRO M 56 -4.75 26.42 -34.30
CA PRO M 56 -4.50 27.86 -34.15
C PRO M 56 -5.58 28.69 -33.44
N GLU M 57 -6.84 28.46 -33.81
CA GLU M 57 -7.98 29.17 -33.22
C GLU M 57 -7.94 29.05 -31.69
N PHE M 58 -7.00 28.22 -31.23
CA PHE M 58 -6.76 27.91 -29.83
C PHE M 58 -5.72 28.87 -29.25
N GLN M 59 -4.56 28.95 -29.90
CA GLN M 59 -3.48 29.80 -29.44
C GLN M 59 -3.65 31.28 -29.74
N THR M 60 -4.86 31.72 -30.03
CA THR M 60 -5.12 33.13 -30.32
C THR M 60 -6.44 33.57 -29.69
N TYR M 61 -7.44 32.73 -29.90
CA TYR M 61 -8.77 32.97 -29.38
C TYR M 61 -9.06 31.97 -28.30
N TRP M 62 -8.11 31.84 -27.39
CA TRP M 62 -8.21 30.92 -26.26
C TRP M 62 -6.97 30.88 -25.36
N LEU M 63 -5.93 30.18 -25.82
CA LEU M 63 -4.68 30.05 -25.08
C LEU M 63 -4.12 31.46 -24.82
N SER M 64 -4.87 32.45 -25.27
CA SER M 64 -4.54 33.87 -25.12
C SER M 64 -4.70 34.26 -23.66
N ILE M 65 -5.76 33.75 -23.05
CA ILE M 65 -6.03 34.03 -21.65
C ILE M 65 -5.08 33.21 -20.76
N LEU M 66 -3.78 33.24 -21.06
CA LEU M 66 -2.81 32.50 -20.27
C LEU M 66 -1.60 33.37 -19.96
N TRP M 67 -0.97 33.88 -21.00
CA TRP M 67 0.19 34.76 -20.84
C TRP M 67 -0.45 36.10 -20.60
N THR M 68 -1.76 36.02 -20.36
CA THR M 68 -2.64 37.14 -20.10
C THR M 68 -3.02 37.09 -18.60
N GLU M 69 -3.06 35.88 -18.03
CA GLU M 69 -3.43 35.69 -16.61
C GLU M 69 -2.24 35.61 -15.64
N ILE M 70 -1.20 34.87 -16.00
CA ILE M 70 -0.03 34.75 -15.15
C ILE M 70 0.64 36.10 -14.95
N PRO M 71 0.80 36.88 -16.04
CA PRO M 71 1.42 38.20 -15.93
C PRO M 71 0.80 38.96 -14.76
N LEU M 72 -0.51 39.20 -14.88
CA LEU M 72 -1.29 39.91 -13.88
C LEU M 72 -1.14 39.31 -12.47
N GLU M 73 -1.36 38.00 -12.37
CA GLU M 73 -1.29 37.27 -11.10
C GLU M 73 0.13 37.19 -10.49
N LEU M 74 0.94 38.19 -10.79
CA LEU M 74 2.30 38.30 -10.28
C LEU M 74 2.45 39.74 -9.91
N VAL M 75 2.02 40.61 -10.82
CA VAL M 75 2.07 42.03 -10.58
C VAL M 75 0.98 42.28 -9.55
N SER M 76 -0.11 41.53 -9.67
CA SER M 76 -1.21 41.65 -8.74
C SER M 76 -0.77 41.11 -7.38
N GLY M 77 -0.18 39.92 -7.39
CA GLY M 77 0.30 39.33 -6.15
C GLY M 77 1.13 40.34 -5.42
N LEU M 78 2.10 40.91 -6.14
CA LEU M 78 2.97 41.90 -5.54
C LEU M 78 2.25 43.22 -5.39
N ALA M 79 1.24 43.46 -6.23
CA ALA M 79 0.47 44.72 -6.19
C ALA M 79 0.09 45.03 -4.77
N LEU M 80 -0.76 44.18 -4.19
CA LEU M 80 -1.19 44.39 -2.82
C LEU M 80 0.05 44.43 -1.92
N ALA M 81 1.07 43.64 -2.24
CA ALA M 81 2.28 43.62 -1.44
C ALA M 81 2.78 45.05 -1.20
N GLY M 82 2.91 45.81 -2.29
CA GLY M 82 3.39 47.18 -2.16
C GLY M 82 2.36 48.12 -1.54
N TRP M 83 1.33 48.46 -2.32
CA TRP M 83 0.29 49.36 -1.86
C TRP M 83 -0.10 48.98 -0.45
N LEU M 84 -0.74 47.84 -0.28
CA LEU M 84 -1.17 47.39 1.05
C LEU M 84 -0.13 47.44 2.14
N TRP M 85 1.12 47.73 1.79
CA TRP M 85 2.14 47.80 2.81
C TRP M 85 2.48 49.22 3.23
N LYS M 86 3.19 49.91 2.34
CA LYS M 86 3.59 51.27 2.60
C LYS M 86 2.36 52.13 2.90
N THR M 87 1.20 51.49 2.98
CA THR M 87 -0.05 52.18 3.28
C THR M 87 -0.57 51.64 4.61
N ARG M 88 0.36 51.31 5.49
CA ARG M 88 0.02 50.80 6.80
C ARG M 88 0.19 51.91 7.81
N ASP M 89 -0.56 51.83 8.89
CA ASP M 89 -0.50 52.85 9.93
C ASP M 89 0.95 53.15 10.37
N ARG M 90 1.88 52.23 10.12
CA ARG M 90 3.27 52.44 10.52
C ARG M 90 3.26 52.54 12.04
N ASN M 91 2.96 53.74 12.50
CA ASN M 91 2.85 54.02 13.92
C ASN M 91 1.51 53.39 14.29
N VAL M 92 1.36 52.11 13.95
CA VAL M 92 0.12 51.41 14.22
C VAL M 92 -0.12 51.24 15.70
N ASP M 93 -0.18 49.99 16.15
CA ASP M 93 -0.45 49.63 17.55
C ASP M 93 -1.22 50.72 18.31
N ALA M 94 -0.53 51.76 18.77
CA ALA M 94 -1.24 52.84 19.45
C ALA M 94 -2.21 53.42 18.42
N VAL M 95 -3.48 53.04 18.49
CA VAL M 95 -4.46 53.55 17.53
C VAL M 95 -5.87 53.73 18.07
N ALA M 96 -6.60 54.64 17.41
CA ALA M 96 -7.98 55.01 17.73
C ALA M 96 -8.86 53.81 18.04
N PRO M 97 -9.16 53.58 19.33
CA PRO M 97 -10.00 52.45 19.71
C PRO M 97 -11.31 52.40 18.96
N ARG M 98 -11.59 53.43 18.17
CA ARG M 98 -12.80 53.40 17.38
C ARG M 98 -12.37 52.85 16.03
N GLU M 99 -11.18 53.25 15.61
CA GLU M 99 -10.60 52.81 14.35
C GLU M 99 -10.36 51.31 14.27
N GLU M 100 -9.91 50.71 15.36
CA GLU M 100 -9.67 49.28 15.31
C GLU M 100 -10.96 48.63 14.82
N LEU M 101 -11.97 48.53 15.68
CA LEU M 101 -13.24 47.91 15.28
C LEU M 101 -13.90 48.75 14.21
N ARG M 102 -13.10 49.08 13.20
CA ARG M 102 -13.51 49.84 12.06
C ARG M 102 -12.58 49.39 10.94
N ARG M 103 -11.34 49.08 11.32
CA ARG M 103 -10.35 48.60 10.37
C ARG M 103 -10.58 47.10 10.20
N HIS M 104 -11.53 46.56 10.95
CA HIS M 104 -11.88 45.15 10.86
C HIS M 104 -13.05 45.14 9.96
N VAL M 105 -14.00 46.01 10.27
CA VAL M 105 -15.19 46.15 9.46
C VAL M 105 -14.69 45.93 8.05
N VAL M 106 -13.47 46.39 7.80
CA VAL M 106 -12.84 46.25 6.50
C VAL M 106 -12.18 44.88 6.41
N LEU M 107 -11.27 44.59 7.32
CA LEU M 107 -10.61 43.30 7.28
C LEU M 107 -11.68 42.25 7.04
N VAL M 108 -12.63 42.14 7.96
CA VAL M 108 -13.73 41.19 7.89
C VAL M 108 -14.65 41.47 6.70
N GLU M 109 -14.11 42.22 5.74
CA GLU M 109 -14.83 42.54 4.51
C GLU M 109 -14.10 41.77 3.42
N TRP M 110 -12.77 41.85 3.46
CA TRP M 110 -11.95 41.17 2.48
C TRP M 110 -12.20 39.69 2.52
N LEU M 111 -12.04 39.11 3.70
CA LEU M 111 -12.25 37.69 3.81
C LEU M 111 -13.65 37.31 3.36
N VAL M 112 -14.47 38.30 2.98
CA VAL M 112 -15.81 38.00 2.49
C VAL M 112 -15.73 37.98 0.99
N VAL M 113 -14.81 38.76 0.44
CA VAL M 113 -14.64 38.76 -1.00
C VAL M 113 -13.78 37.53 -1.22
N TYR M 114 -12.71 37.44 -0.43
CA TYR M 114 -11.80 36.30 -0.50
C TYR M 114 -12.71 35.11 -0.46
N ALA M 115 -13.78 35.25 0.30
CA ALA M 115 -14.76 34.19 0.44
C ALA M 115 -15.20 33.80 -0.95
N VAL M 116 -16.34 34.34 -1.39
CA VAL M 116 -16.83 34.02 -2.71
C VAL M 116 -15.66 33.77 -3.66
N ALA M 117 -14.63 34.61 -3.60
CA ALA M 117 -13.46 34.44 -4.45
C ALA M 117 -13.07 32.97 -4.52
N ILE M 118 -12.97 32.34 -3.36
CA ILE M 118 -12.61 30.92 -3.31
C ILE M 118 -13.59 30.09 -4.10
N TYR M 119 -14.86 30.18 -3.70
CA TYR M 119 -15.93 29.43 -4.34
C TYR M 119 -15.69 29.13 -5.81
N TRP M 120 -15.14 30.09 -6.53
CA TRP M 120 -14.89 29.87 -7.95
C TRP M 120 -13.75 28.90 -8.13
N GLY M 121 -12.67 29.09 -7.38
CA GLY M 121 -11.51 28.21 -7.47
C GLY M 121 -11.67 26.95 -6.65
N ALA M 122 -12.90 26.64 -6.28
CA ALA M 122 -13.14 25.43 -5.51
C ALA M 122 -14.44 24.75 -5.91
N SER M 123 -15.49 25.53 -6.13
CA SER M 123 -16.78 24.94 -6.52
C SER M 123 -17.15 25.25 -7.95
N PHE M 124 -16.21 25.79 -8.71
CA PHE M 124 -16.51 26.05 -10.09
C PHE M 124 -15.43 25.47 -10.99
N PHE M 125 -14.47 26.29 -11.38
CA PHE M 125 -13.41 25.79 -12.24
C PHE M 125 -12.58 24.71 -11.57
N THR M 126 -13.09 24.18 -10.47
CA THR M 126 -12.43 23.12 -9.75
C THR M 126 -13.20 21.85 -10.07
N GLU M 127 -14.52 21.98 -10.21
CA GLU M 127 -15.33 20.83 -10.56
C GLU M 127 -15.78 20.93 -12.01
N GLN M 128 -15.63 22.10 -12.62
CA GLN M 128 -16.01 22.25 -14.02
C GLN M 128 -14.98 21.47 -14.82
N ASP M 129 -13.78 21.38 -14.28
CA ASP M 129 -12.69 20.67 -14.92
C ASP M 129 -12.94 19.17 -14.81
N GLY M 130 -14.05 18.81 -14.18
CA GLY M 130 -14.42 17.42 -14.01
C GLY M 130 -15.42 16.97 -15.06
N THR M 131 -16.04 17.95 -15.71
CA THR M 131 -17.00 17.69 -16.77
C THR M 131 -16.20 17.74 -18.05
N TRP M 132 -15.14 18.54 -18.01
CA TRP M 132 -14.28 18.69 -19.15
C TRP M 132 -13.49 17.39 -19.34
N HIS M 133 -12.99 16.82 -18.25
CA HIS M 133 -12.25 15.55 -18.33
C HIS M 133 -13.11 14.59 -19.13
N MET M 134 -14.39 14.60 -18.80
CA MET M 134 -15.39 13.76 -19.42
C MET M 134 -16.01 14.33 -20.68
N THR M 135 -15.15 14.78 -21.60
CA THR M 135 -15.56 15.32 -22.90
C THR M 135 -14.42 14.94 -23.83
N VAL M 136 -13.36 15.75 -23.83
CA VAL M 136 -12.19 15.54 -24.67
C VAL M 136 -11.25 14.49 -24.05
N ILE M 137 -10.55 13.78 -24.95
CA ILE M 137 -9.58 12.76 -24.58
C ILE M 137 -8.29 13.53 -24.31
N ARG M 138 -8.42 14.49 -23.39
CA ARG M 138 -7.36 15.37 -22.94
C ARG M 138 -6.26 15.68 -23.96
N ASP M 139 -6.08 16.98 -24.24
CA ASP M 139 -5.05 17.45 -25.17
C ASP M 139 -3.81 17.66 -24.26
N THR M 140 -3.75 18.80 -23.58
CA THR M 140 -2.65 19.07 -22.65
C THR M 140 -3.32 19.54 -21.38
N ASP M 141 -2.51 19.89 -20.39
CA ASP M 141 -3.01 20.37 -19.11
C ASP M 141 -3.39 21.83 -19.36
N PHE M 142 -3.56 22.13 -20.65
CA PHE M 142 -3.90 23.46 -21.12
C PHE M 142 -5.26 23.54 -21.83
N THR M 143 -6.21 22.73 -21.39
CA THR M 143 -7.54 22.77 -21.97
C THR M 143 -8.22 23.94 -21.27
N PRO M 144 -9.50 24.22 -21.60
CA PRO M 144 -10.24 25.34 -20.98
C PRO M 144 -10.38 25.36 -19.45
N SER M 145 -11.22 24.49 -18.91
CA SER M 145 -11.42 24.43 -17.47
C SER M 145 -10.05 24.31 -16.81
N HIS M 146 -9.19 23.50 -17.43
CA HIS M 146 -7.83 23.24 -16.96
C HIS M 146 -6.95 24.50 -16.94
N ILE M 147 -7.31 25.48 -17.78
CA ILE M 147 -6.57 26.74 -17.89
C ILE M 147 -7.08 27.78 -16.90
N ILE M 148 -8.38 27.74 -16.63
CA ILE M 148 -8.97 28.70 -15.71
C ILE M 148 -9.00 28.16 -14.29
N GLU M 149 -8.32 27.04 -14.05
CA GLU M 149 -8.28 26.49 -12.70
C GLU M 149 -6.85 26.46 -12.25
N PHE M 150 -6.17 25.37 -12.60
CA PHE M 150 -4.78 25.16 -12.26
C PHE M 150 -3.95 26.44 -12.43
N TYR M 151 -4.36 27.29 -13.37
CA TYR M 151 -3.64 28.52 -13.64
C TYR M 151 -4.38 29.80 -13.31
N MET M 152 -5.68 29.81 -13.50
CA MET M 152 -6.45 31.00 -13.20
C MET M 152 -7.01 31.06 -11.78
N SER M 153 -8.24 30.61 -11.62
CA SER M 153 -8.96 30.65 -10.34
C SER M 153 -8.14 30.67 -9.07
N TYR M 154 -7.32 29.65 -8.82
CA TYR M 154 -6.51 29.66 -7.59
C TYR M 154 -5.62 30.91 -7.61
N PRO M 155 -4.61 30.95 -8.50
CA PRO M 155 -3.81 32.18 -8.44
C PRO M 155 -4.75 33.39 -8.50
N ILE M 156 -5.83 33.27 -9.28
CA ILE M 156 -6.82 34.35 -9.45
C ILE M 156 -7.17 35.10 -8.18
N TYR M 157 -7.36 34.38 -7.08
CA TYR M 157 -7.69 35.06 -5.86
C TYR M 157 -6.63 34.77 -4.83
N SER M 158 -5.62 34.01 -5.22
CA SER M 158 -4.56 33.73 -4.29
C SER M 158 -4.15 35.07 -3.73
N ILE M 159 -4.20 36.09 -4.58
CA ILE M 159 -3.83 37.45 -4.18
C ILE M 159 -4.74 37.89 -3.06
N MET M 160 -6.04 37.89 -3.34
CA MET M 160 -7.02 38.30 -2.34
C MET M 160 -6.48 37.98 -0.98
N ALA M 161 -6.26 36.69 -0.74
CA ALA M 161 -5.73 36.25 0.53
C ALA M 161 -4.48 37.06 0.90
N VAL M 162 -3.40 36.92 0.12
CA VAL M 162 -2.16 37.63 0.44
C VAL M 162 -2.38 39.10 0.79
N GLY M 163 -3.60 39.58 0.61
CA GLY M 163 -3.89 40.95 0.94
C GLY M 163 -4.75 41.03 2.18
N ALA M 164 -5.81 40.22 2.23
CA ALA M 164 -6.73 40.21 3.36
C ALA M 164 -6.12 39.69 4.64
N PHE M 165 -4.81 39.78 4.72
CA PHE M 165 -4.09 39.37 5.89
C PHE M 165 -2.96 40.35 5.83
N PHE M 166 -2.53 40.66 4.61
CA PHE M 166 -1.46 41.62 4.40
C PHE M 166 -1.94 42.98 4.85
N TYR M 167 -3.23 43.21 4.66
CA TYR M 167 -3.88 44.43 5.06
C TYR M 167 -3.97 44.36 6.58
N ALA M 168 -4.61 43.28 7.04
CA ALA M 168 -4.84 43.02 8.44
C ALA M 168 -3.64 43.01 9.36
N LYS M 169 -2.46 42.77 8.82
CA LYS M 169 -1.29 42.76 9.68
C LYS M 169 -0.75 44.18 9.80
N THR M 170 -0.95 44.98 8.75
CA THR M 170 -0.50 46.35 8.73
C THR M 170 -1.65 47.32 8.47
N ARG M 171 -2.43 47.55 9.52
CA ARG M 171 -3.60 48.42 9.53
C ARG M 171 -4.46 47.97 10.73
N ILE M 172 -3.93 47.00 11.49
CA ILE M 172 -4.56 46.42 12.69
C ILE M 172 -3.49 46.01 13.73
N PRO M 173 -3.79 46.21 15.02
CA PRO M 173 -2.86 45.87 16.09
C PRO M 173 -2.42 44.43 16.18
N TYR M 174 -3.25 43.63 16.83
CA TYR M 174 -3.00 42.22 17.08
C TYR M 174 -2.08 41.53 16.11
N PHE M 175 -2.37 41.68 14.83
CA PHE M 175 -1.58 41.04 13.80
C PHE M 175 -0.23 41.76 13.66
N ALA M 176 0.66 41.40 14.59
CA ALA M 176 2.02 41.92 14.69
C ALA M 176 2.93 40.82 15.26
N UNK N 1 -7.59 21.28 3.17
CA UNK N 1 -7.08 21.31 4.55
C UNK N 1 -6.79 22.76 5.04
N UNK N 2 -6.18 23.54 4.14
CA UNK N 2 -5.75 24.94 4.33
C UNK N 2 -6.93 25.89 4.48
N UNK N 3 -7.72 25.91 3.42
CA UNK N 3 -8.90 26.74 3.35
C UNK N 3 -9.88 26.45 4.51
N UNK N 4 -10.00 25.16 4.86
CA UNK N 4 -10.90 24.71 5.93
C UNK N 4 -10.64 25.43 7.25
N UNK N 5 -9.47 26.11 7.31
CA UNK N 5 -9.01 26.86 8.51
C UNK N 5 -9.06 28.43 8.52
N UNK N 6 -9.40 29.04 7.37
CA UNK N 6 -9.58 30.51 7.25
C UNK N 6 -10.73 30.74 8.22
N UNK N 7 -11.12 29.60 8.79
CA UNK N 7 -12.15 29.41 9.79
C UNK N 7 -11.74 30.29 10.94
N UNK N 8 -11.40 29.66 12.08
CA UNK N 8 -11.01 30.41 13.29
C UNK N 8 -10.03 31.52 12.97
N UNK N 9 -9.16 31.21 11.99
CA UNK N 9 -8.15 32.11 11.50
C UNK N 9 -8.69 33.53 11.66
N UNK N 10 -9.46 33.93 10.65
CA UNK N 10 -10.09 35.21 10.60
C UNK N 10 -11.28 35.25 11.56
N UNK N 11 -12.21 34.34 11.32
CA UNK N 11 -13.44 34.22 12.11
C UNK N 11 -13.24 34.37 13.61
N UNK N 12 -12.59 33.37 14.21
CA UNK N 12 -12.34 33.39 15.63
C UNK N 12 -11.39 34.53 16.05
N UNK N 13 -10.32 34.77 15.29
CA UNK N 13 -9.35 35.83 15.64
C UNK N 13 -9.87 37.29 15.62
N UNK N 14 -10.58 37.64 14.53
CA UNK N 14 -11.16 38.98 14.36
C UNK N 14 -12.35 39.14 15.32
N UNK N 15 -13.09 38.03 15.51
CA UNK N 15 -14.27 37.96 16.39
C UNK N 15 -13.92 38.12 17.88
N UNK N 16 -12.64 37.93 18.22
CA UNK N 16 -12.15 38.07 19.61
C UNK N 16 -11.69 39.51 19.83
N UNK N 17 -11.23 40.14 18.74
CA UNK N 17 -10.77 41.53 18.80
C UNK N 17 -12.03 42.38 18.95
N UNK N 18 -13.06 42.00 18.16
CA UNK N 18 -14.36 42.66 18.18
C UNK N 18 -15.02 42.41 19.56
N UNK N 19 -14.59 41.33 20.23
CA UNK N 19 -15.07 40.91 21.58
C UNK N 19 -14.60 41.86 22.70
N UNK N 20 -14.12 43.03 22.24
CA UNK N 20 -13.62 44.17 23.02
C UNK N 20 -13.87 45.47 22.18
N UNK O 1 -6.24 37.99 -28.34
CA UNK O 1 -7.02 38.86 -29.31
C UNK O 1 -8.31 39.47 -28.67
N UNK O 2 -9.48 38.88 -29.01
CA UNK O 2 -10.85 39.23 -28.45
C UNK O 2 -10.86 38.30 -27.20
N UNK O 3 -9.89 37.36 -27.30
CA UNK O 3 -9.49 36.33 -26.33
C UNK O 3 -8.62 37.13 -25.35
N UNK O 4 -7.60 37.81 -25.90
CA UNK O 4 -6.69 38.69 -25.15
C UNK O 4 -7.60 39.82 -24.62
N UNK O 5 -8.56 40.25 -25.45
CA UNK O 5 -9.54 41.30 -25.13
C UNK O 5 -10.41 40.82 -23.95
N UNK O 6 -11.01 39.65 -24.14
CA UNK O 6 -11.81 39.03 -23.08
C UNK O 6 -10.78 38.93 -21.92
N UNK O 7 -9.85 37.97 -22.09
CA UNK O 7 -8.75 37.71 -21.16
C UNK O 7 -8.13 38.97 -20.58
N UNK O 8 -7.02 39.34 -21.23
CA UNK O 8 -6.19 40.49 -20.90
C UNK O 8 -6.91 41.83 -20.68
N UNK O 9 -7.85 42.16 -21.59
CA UNK O 9 -8.62 43.40 -21.53
C UNK O 9 -9.61 43.39 -20.34
N UNK O 10 -10.40 42.30 -20.23
CA UNK O 10 -11.34 42.17 -19.11
C UNK O 10 -10.54 42.09 -17.78
N UNK O 11 -9.40 41.36 -17.86
CA UNK O 11 -8.45 41.11 -16.74
C UNK O 11 -7.71 42.40 -16.31
N UNK O 12 -7.15 43.12 -17.32
CA UNK O 12 -6.45 44.41 -17.13
C UNK O 12 -7.48 45.43 -16.61
N UNK O 13 -8.74 45.19 -17.04
CA UNK O 13 -9.96 45.97 -16.70
C UNK O 13 -10.14 45.89 -15.17
N UNK O 14 -10.35 44.65 -14.69
CA UNK O 14 -10.52 44.34 -13.26
C UNK O 14 -9.28 44.91 -12.50
N UNK O 15 -8.10 44.63 -13.08
CA UNK O 15 -6.77 45.06 -12.59
C UNK O 15 -6.67 46.59 -12.30
N UNK O 16 -6.72 47.36 -13.39
CA UNK O 16 -6.63 48.83 -13.39
C UNK O 16 -7.90 49.56 -12.81
N UNK O 17 -9.07 48.92 -12.99
CA UNK O 17 -10.38 49.41 -12.50
C UNK O 17 -10.45 49.31 -10.97
N UNK O 18 -10.08 48.12 -10.47
CA UNK O 18 -10.04 47.80 -9.03
C UNK O 18 -8.95 48.67 -8.40
N UNK O 19 -7.87 48.76 -9.16
CA UNK O 19 -6.68 49.56 -8.85
C UNK O 19 -7.12 51.04 -8.73
N UNK O 20 -7.79 51.48 -9.79
CA UNK O 20 -8.32 52.83 -9.88
C UNK O 20 -9.40 52.98 -8.80
N UNK O 21 -10.48 52.20 -8.97
CA UNK O 21 -11.67 52.17 -8.12
C UNK O 21 -11.43 52.09 -6.63
N UNK O 22 -10.94 50.91 -6.23
CA UNK O 22 -10.62 50.54 -4.84
C UNK O 22 -9.54 51.44 -4.22
N UNK O 23 -8.44 51.61 -4.96
CA UNK O 23 -7.29 52.43 -4.53
C UNK O 23 -7.63 53.95 -4.59
N UNK O 24 -8.76 54.28 -5.24
CA UNK O 24 -9.30 55.67 -5.36
C UNK O 24 -10.41 55.83 -4.24
N UNK O 25 -11.11 54.69 -4.02
CA UNK O 25 -12.15 54.47 -2.98
C UNK O 25 -11.30 54.46 -1.69
N UNK O 26 -10.09 53.92 -1.92
CA UNK O 26 -8.96 53.80 -0.99
C UNK O 26 -7.80 54.74 -1.46
CU CU P . 30.95 -18.37 -12.02
CU CU Q . 31.01 -20.38 -9.61
CU CU R . 24.71 -5.51 1.00
CU CU S . -23.65 -29.56 3.55
CU CU T . -26.25 -27.86 3.20
CU CU U . -16.74 -14.04 12.79
CU CU V . -12.22 13.22 -33.39
CU CU W . -9.51 14.61 -34.12
CU CU X . -8.10 18.36 -15.21
#